data_4GMJ
#
_entry.id   4GMJ
#
_cell.length_a   82.470
_cell.length_b   101.740
_cell.length_c   142.200
_cell.angle_alpha   90.00
_cell.angle_beta   101.10
_cell.angle_gamma   90.00
#
_symmetry.space_group_name_H-M   'P 1 21 1'
#
loop_
_entity.id
_entity.type
_entity.pdbx_description
1 polymer 'CCR4-NOT transcription complex subunit 1'
2 polymer 'CCR4-NOT transcription complex subunit 7'
3 non-polymer 'MAGNESIUM ION'
4 non-polymer GLYCEROL
5 non-polymer 'CHLORIDE ION'
6 water water
#
loop_
_entity_poly.entity_id
_entity_poly.type
_entity_poly.pdbx_seq_one_letter_code
_entity_poly.pdbx_strand_id
1 'polypeptide(L)'
;HMLEENIQEKIAFIFNNLSQSNMTQKVEELKETVKEEFMPWVSQYLVMKRVSIEPNFHSLYSNFLDTLKNPEFNKMVLNE
TYRNIKVLLTSDKAAANFSDRSLLKNLGHWLGMITLAKNKPILHTDLDVKSLLLEAYVKGQQELLYVVPFVAKVLESSIR
SVVFRPPNPWTMAIMNVLAELHQEHDLKLNLKFEIEVLCKNLALDINELKPGNLLKDKDRLKNLDEQLS
;
A,C,E
2 'polypeptide(L)'
;MPAATVDHSQRICEVWACNLDEEMKKIRQVIRKYNYVAMDTEFPGVVARPIGEFRSNADYQYQLLRCNVDLLKIIQLGLT
FMNEQGEYPPGTSTWQFNFKFNLTEDMYAQDSIELLTTSGIQFKKHEEEGIETQYFAELLMTSGVVLCEGVKWLSFHSGY
DFGYLIKILTNSNLPEEELDFFEILRLFFPVIYDVKYLMKSCKNLKGGLQEVAEQLELERIGPQHQAGSDSLLTGMAFFK
MREMFFEDHIDDAKYCGHLYGLGSGSSYVQNGTGNAYEEEANKQS
;
B,D,F
#
# COMPACT_ATOMS: atom_id res chain seq x y z
N HIS A 1 40.16 85.20 13.08
CA HIS A 1 38.75 85.57 13.14
C HIS A 1 37.90 84.45 13.74
N MET A 2 38.39 83.22 13.69
CA MET A 2 37.70 82.07 14.31
C MET A 2 37.97 81.97 15.80
N LEU A 3 39.13 82.47 16.22
CA LEU A 3 39.49 82.53 17.64
C LEU A 3 39.98 83.92 18.00
N GLU A 4 39.80 84.30 19.26
CA GLU A 4 40.30 85.57 19.77
C GLU A 4 41.83 85.58 19.63
N GLU A 5 42.38 86.68 19.13
CA GLU A 5 43.75 86.69 18.60
C GLU A 5 44.81 86.10 19.54
N ASN A 6 44.63 86.23 20.85
CA ASN A 6 45.61 85.69 21.80
C ASN A 6 45.71 84.17 21.71
N ILE A 7 44.56 83.51 21.82
CA ILE A 7 44.48 82.05 21.72
C ILE A 7 44.82 81.58 20.31
N GLN A 8 44.54 82.43 19.33
CA GLN A 8 44.88 82.16 17.94
C GLN A 8 46.39 82.04 17.72
N GLU A 9 47.12 83.08 18.08
CA GLU A 9 48.57 83.09 17.85
C GLU A 9 49.24 82.01 18.69
N LYS A 10 48.60 81.67 19.80
CA LYS A 10 49.13 80.64 20.70
C LYS A 10 49.28 79.29 20.00
N ILE A 11 48.29 78.93 19.19
CA ILE A 11 48.32 77.67 18.45
C ILE A 11 48.94 77.83 17.06
N ALA A 12 48.89 79.05 16.53
CA ALA A 12 49.61 79.36 15.31
C ALA A 12 51.09 79.06 15.53
N PHE A 13 51.57 79.35 16.74
CA PHE A 13 52.99 79.22 17.05
C PHE A 13 53.41 77.75 17.17
N ILE A 14 52.47 76.88 17.55
CA ILE A 14 52.74 75.46 17.65
C ILE A 14 53.10 74.88 16.29
N PHE A 15 52.34 75.27 15.27
CA PHE A 15 52.56 74.80 13.91
C PHE A 15 53.45 75.74 13.09
N ASN A 16 53.63 76.97 13.58
CA ASN A 16 54.47 77.93 12.87
C ASN A 16 55.81 77.30 12.51
N ASN A 17 56.52 76.86 13.54
CA ASN A 17 57.80 76.20 13.35
C ASN A 17 57.69 74.73 13.72
N LEU A 18 57.65 73.87 12.72
CA LEU A 18 57.52 72.44 12.95
C LEU A 18 58.54 71.65 12.16
N SER A 19 59.10 70.62 12.79
CA SER A 19 60.17 69.84 12.16
C SER A 19 60.17 68.43 12.74
N GLN A 20 61.06 67.59 12.23
CA GLN A 20 61.19 66.21 12.69
C GLN A 20 61.67 66.13 14.14
N SER A 21 62.62 67.00 14.49
CA SER A 21 63.22 66.98 15.81
C SER A 21 62.33 67.64 16.87
N ASN A 22 61.89 68.87 16.61
CA ASN A 22 61.04 69.57 17.56
C ASN A 22 59.61 69.01 17.58
N MET A 23 59.36 67.98 16.79
CA MET A 23 58.03 67.35 16.70
C MET A 23 57.45 67.05 18.09
N THR A 24 58.11 66.18 18.85
CA THR A 24 57.61 65.77 20.16
C THR A 24 57.54 66.94 21.13
N GLN A 25 58.40 67.92 20.94
CA GLN A 25 58.37 69.12 21.78
C GLN A 25 57.07 69.86 21.50
N LYS A 26 56.83 70.14 20.21
CA LYS A 26 55.66 70.93 19.82
C LYS A 26 54.36 70.24 20.19
N VAL A 27 54.39 68.91 20.27
CA VAL A 27 53.20 68.14 20.61
C VAL A 27 52.90 68.22 22.11
N GLU A 28 53.93 68.48 22.91
CA GLU A 28 53.73 68.70 24.34
C GLU A 28 53.36 70.15 24.58
N GLU A 29 54.03 71.05 23.88
CA GLU A 29 53.68 72.46 23.90
C GLU A 29 52.17 72.60 23.71
N LEU A 30 51.66 71.96 22.67
CA LEU A 30 50.23 71.99 22.36
C LEU A 30 49.38 71.40 23.50
N LYS A 31 49.79 70.24 23.99
CA LYS A 31 49.03 69.53 25.02
C LYS A 31 48.87 70.31 26.32
N GLU A 32 49.81 71.22 26.61
CA GLU A 32 49.79 71.93 27.87
C GLU A 32 49.28 73.36 27.71
N THR A 33 49.83 74.08 26.72
CA THR A 33 49.52 75.50 26.57
C THR A 33 48.14 75.74 25.96
N VAL A 34 47.49 74.68 25.52
CA VAL A 34 46.15 74.81 24.94
C VAL A 34 45.14 73.92 25.64
N LYS A 35 43.96 74.48 25.89
CA LYS A 35 42.91 73.77 26.60
C LYS A 35 42.26 72.73 25.69
N GLU A 36 41.84 71.61 26.28
CA GLU A 36 41.20 70.53 25.54
C GLU A 36 39.99 71.00 24.76
N GLU A 37 39.34 72.03 25.28
CA GLU A 37 38.08 72.50 24.73
C GLU A 37 38.26 73.19 23.37
N PHE A 38 39.45 73.68 23.10
CA PHE A 38 39.74 74.39 21.85
C PHE A 38 40.12 73.43 20.70
N MET A 39 40.22 72.13 20.99
CA MET A 39 40.76 71.16 20.03
C MET A 39 40.02 71.11 18.69
N PRO A 40 38.68 71.14 18.73
CA PRO A 40 37.91 71.31 17.49
C PRO A 40 38.34 72.51 16.66
N TRP A 41 38.80 73.56 17.33
CA TRP A 41 39.27 74.75 16.62
C TRP A 41 40.70 74.56 16.16
N VAL A 42 41.51 73.88 16.96
CA VAL A 42 42.87 73.56 16.57
C VAL A 42 42.80 72.71 15.30
N SER A 43 41.78 71.85 15.26
CA SER A 43 41.52 70.99 14.11
C SER A 43 41.10 71.75 12.84
N GLN A 44 40.26 72.76 12.99
CA GLN A 44 39.95 73.64 11.88
C GLN A 44 41.19 74.40 11.42
N TYR A 45 41.93 74.99 12.36
CA TYR A 45 43.13 75.74 12.00
C TYR A 45 44.01 74.86 11.13
N LEU A 46 44.25 73.63 11.60
CA LEU A 46 45.19 72.73 10.94
C LEU A 46 44.76 72.41 9.51
N VAL A 47 43.49 72.11 9.32
CA VAL A 47 42.96 71.78 8.00
C VAL A 47 42.86 72.99 7.06
N MET A 48 42.20 74.04 7.53
CA MET A 48 41.94 75.23 6.70
C MET A 48 43.16 76.13 6.50
N LYS A 49 43.89 76.44 7.57
CA LYS A 49 44.92 77.47 7.50
C LYS A 49 46.32 76.94 7.18
N ARG A 50 46.53 75.64 7.34
CA ARG A 50 47.84 75.07 7.02
C ARG A 50 47.72 74.06 5.87
N VAL A 51 47.09 72.93 6.15
CA VAL A 51 46.97 71.84 5.18
C VAL A 51 46.45 72.26 3.81
N SER A 52 45.44 73.14 3.80
CA SER A 52 44.80 73.54 2.56
C SER A 52 45.76 74.22 1.58
N ILE A 53 46.77 74.91 2.10
CA ILE A 53 47.58 75.80 1.28
C ILE A 53 48.99 75.30 1.07
N GLU A 54 49.59 74.70 2.10
CA GLU A 54 50.96 74.24 2.02
C GLU A 54 51.00 72.71 1.99
N PRO A 55 50.99 72.13 0.78
CA PRO A 55 51.09 70.69 0.51
C PRO A 55 52.47 70.12 0.83
N ASN A 56 53.48 70.98 0.99
CA ASN A 56 54.85 70.53 1.21
C ASN A 56 55.02 69.97 2.63
N PHE A 57 54.11 70.35 3.53
CA PHE A 57 54.24 70.05 4.95
C PHE A 57 53.25 68.96 5.40
N HIS A 58 52.53 68.35 4.47
CA HIS A 58 51.50 67.36 4.80
C HIS A 58 52.05 66.13 5.52
N SER A 59 53.27 65.75 5.17
CA SER A 59 53.94 64.65 5.84
C SER A 59 54.20 65.01 7.29
N LEU A 60 54.66 66.25 7.53
CA LEU A 60 54.92 66.72 8.89
C LEU A 60 53.61 66.71 9.68
N TYR A 61 52.59 67.37 9.15
CA TYR A 61 51.31 67.49 9.84
C TYR A 61 50.71 66.10 10.12
N SER A 62 50.98 65.15 9.24
CA SER A 62 50.57 63.75 9.44
C SER A 62 51.37 63.11 10.56
N ASN A 63 52.69 63.30 10.54
CA ASN A 63 53.54 62.87 11.65
C ASN A 63 53.03 63.45 12.97
N PHE A 64 52.58 64.71 12.92
CA PHE A 64 52.08 65.36 14.12
C PHE A 64 50.92 64.56 14.71
N LEU A 65 49.89 64.33 13.90
CA LEU A 65 48.74 63.54 14.32
C LEU A 65 49.17 62.20 14.86
N ASP A 66 50.19 61.61 14.23
CA ASP A 66 50.72 60.32 14.65
C ASP A 66 51.33 60.42 16.04
N THR A 67 52.16 61.43 16.26
CA THR A 67 52.84 61.61 17.53
C THR A 67 51.80 61.92 18.61
N LEU A 68 50.86 62.79 18.30
CA LEU A 68 49.87 63.25 19.28
C LEU A 68 49.05 62.07 19.81
N LYS A 69 48.78 61.11 18.93
CA LYS A 69 48.08 59.90 19.32
C LYS A 69 46.73 60.16 19.95
N ASN A 70 45.98 61.10 19.39
CA ASN A 70 44.64 61.42 19.89
C ASN A 70 43.60 61.07 18.84
N PRO A 71 42.77 60.04 19.10
CA PRO A 71 41.77 59.58 18.14
C PRO A 71 40.55 60.51 17.99
N GLU A 72 40.04 61.04 19.10
CA GLU A 72 38.90 61.95 19.02
C GLU A 72 39.27 63.21 18.25
N PHE A 73 40.53 63.62 18.37
CA PHE A 73 41.02 64.75 17.60
C PHE A 73 41.15 64.35 16.14
N ASN A 74 41.74 63.17 15.90
CA ASN A 74 41.89 62.65 14.55
C ASN A 74 40.56 62.54 13.83
N LYS A 75 39.51 62.28 14.60
CA LYS A 75 38.16 62.24 14.07
C LYS A 75 37.65 63.62 13.68
N MET A 76 37.91 64.61 14.54
CA MET A 76 37.54 65.97 14.22
C MET A 76 38.16 66.34 12.89
N VAL A 77 39.47 66.09 12.76
CA VAL A 77 40.22 66.51 11.58
C VAL A 77 39.61 65.90 10.32
N LEU A 78 39.16 64.66 10.42
CA LEU A 78 38.56 63.98 9.28
C LEU A 78 37.22 64.58 8.85
N ASN A 79 36.42 64.99 9.84
CA ASN A 79 35.16 65.67 9.56
C ASN A 79 35.37 67.07 9.00
N GLU A 80 36.32 67.80 9.56
CA GLU A 80 36.66 69.11 9.04
C GLU A 80 37.07 68.95 7.58
N THR A 81 37.88 67.93 7.29
CA THR A 81 38.40 67.72 5.94
C THR A 81 37.25 67.54 4.95
N TYR A 82 36.34 66.63 5.29
CA TYR A 82 35.14 66.37 4.49
C TYR A 82 34.25 67.61 4.34
N ARG A 83 34.12 68.37 5.41
CA ARG A 83 33.25 69.54 5.39
C ARG A 83 33.76 70.54 4.36
N ASN A 84 35.06 70.78 4.36
CA ASN A 84 35.63 71.76 3.46
C ASN A 84 35.60 71.27 2.02
N ILE A 85 35.91 69.99 1.83
CA ILE A 85 35.82 69.40 0.51
C ILE A 85 34.41 69.54 -0.06
N LYS A 86 33.42 69.47 0.81
CA LYS A 86 32.03 69.66 0.42
C LYS A 86 31.74 71.10 -0.02
N VAL A 87 32.23 72.06 0.76
CA VAL A 87 32.00 73.46 0.46
C VAL A 87 32.49 73.71 -0.97
N LEU A 88 33.71 73.26 -1.25
CA LEU A 88 34.33 73.53 -2.53
C LEU A 88 33.59 72.78 -3.62
N LEU A 89 33.25 71.52 -3.36
CA LEU A 89 32.54 70.68 -4.32
C LEU A 89 31.14 71.18 -4.64
N THR A 90 30.58 72.01 -3.76
CA THR A 90 29.26 72.59 -4.02
C THR A 90 29.31 74.11 -4.19
N SER A 91 30.46 74.62 -4.61
CA SER A 91 30.65 76.05 -4.78
C SER A 91 30.25 76.50 -6.17
N ASP A 92 30.15 77.82 -6.36
CA ASP A 92 30.01 78.38 -7.69
C ASP A 92 31.36 78.26 -8.38
N LYS A 93 31.43 77.40 -9.38
CA LYS A 93 32.67 77.17 -10.11
C LYS A 93 32.81 78.09 -11.30
N ALA A 94 34.06 78.43 -11.61
CA ALA A 94 34.37 79.30 -12.74
C ALA A 94 35.80 79.04 -13.18
N ALA A 95 36.04 79.20 -14.47
CA ALA A 95 37.38 79.06 -15.03
C ALA A 95 38.41 79.81 -14.19
N ALA A 96 38.01 80.99 -13.70
CA ALA A 96 38.93 81.86 -12.97
C ALA A 96 39.34 81.30 -11.60
N ASN A 97 38.45 80.54 -10.98
CA ASN A 97 38.71 80.02 -9.63
C ASN A 97 39.84 79.01 -9.55
N PHE A 98 41.07 79.46 -9.73
CA PHE A 98 42.22 78.59 -9.63
C PHE A 98 42.46 78.25 -8.17
N SER A 99 42.34 79.25 -7.31
CA SER A 99 42.60 79.09 -5.88
C SER A 99 41.75 77.97 -5.27
N ASP A 100 40.44 78.06 -5.47
CA ASP A 100 39.50 77.04 -4.97
C ASP A 100 39.89 75.62 -5.38
N ARG A 101 40.31 75.46 -6.63
CA ARG A 101 40.71 74.15 -7.14
C ARG A 101 42.00 73.69 -6.45
N SER A 102 42.89 74.62 -6.16
CA SER A 102 44.17 74.28 -5.52
C SER A 102 43.89 73.78 -4.11
N LEU A 103 42.93 74.40 -3.44
CA LEU A 103 42.58 74.03 -2.07
C LEU A 103 41.95 72.65 -2.04
N LEU A 104 41.09 72.38 -3.02
CA LEU A 104 40.44 71.08 -3.14
C LEU A 104 41.45 69.96 -3.38
N LYS A 105 42.44 70.23 -4.23
CA LYS A 105 43.49 69.26 -4.51
C LYS A 105 44.25 68.91 -3.22
N ASN A 106 44.69 69.94 -2.51
CA ASN A 106 45.46 69.72 -1.30
C ASN A 106 44.63 68.96 -0.27
N LEU A 107 43.35 69.31 -0.15
CA LEU A 107 42.45 68.65 0.80
C LEU A 107 42.17 67.22 0.38
N GLY A 108 42.25 66.96 -0.92
CA GLY A 108 42.19 65.61 -1.45
C GLY A 108 43.42 64.81 -1.02
N HIS A 109 44.60 65.36 -1.29
CA HIS A 109 45.84 64.70 -0.89
C HIS A 109 45.80 64.37 0.60
N TRP A 110 45.33 65.34 1.39
CA TRP A 110 45.31 65.18 2.84
C TRP A 110 44.35 64.07 3.27
N LEU A 111 43.20 64.02 2.61
CA LEU A 111 42.21 63.00 2.88
C LEU A 111 42.79 61.62 2.66
N GLY A 112 43.57 61.49 1.58
CA GLY A 112 44.22 60.23 1.28
C GLY A 112 45.14 59.78 2.40
N MET A 113 45.82 60.75 3.00
CA MET A 113 46.88 60.44 3.95
C MET A 113 46.32 59.99 5.31
N ILE A 114 45.16 60.54 5.69
CA ILE A 114 44.58 60.25 6.99
C ILE A 114 43.56 59.10 6.95
N THR A 115 43.23 58.62 5.75
CA THR A 115 42.36 57.44 5.59
C THR A 115 43.05 56.26 4.90
N LEU A 116 43.18 56.32 3.57
CA LEU A 116 43.79 55.25 2.78
C LEU A 116 45.17 54.87 3.29
N ALA A 117 46.06 55.86 3.37
CA ALA A 117 47.43 55.61 3.80
C ALA A 117 47.47 54.89 5.13
N LYS A 118 46.39 55.01 5.91
CA LYS A 118 46.34 54.44 7.24
C LYS A 118 45.42 53.21 7.28
N ASN A 119 45.19 52.61 6.11
CA ASN A 119 44.35 51.42 5.97
C ASN A 119 42.91 51.63 6.44
N LYS A 120 42.42 52.85 6.33
CA LYS A 120 41.02 53.15 6.65
C LYS A 120 40.31 53.56 5.35
N PRO A 121 39.05 53.13 5.18
CA PRO A 121 38.33 53.42 3.94
C PRO A 121 37.71 54.81 3.89
N ILE A 122 37.53 55.31 2.68
CA ILE A 122 36.73 56.50 2.47
C ILE A 122 35.30 55.95 2.35
N LEU A 123 34.51 56.15 3.41
CA LEU A 123 33.16 55.59 3.48
C LEU A 123 32.19 56.16 2.44
N HIS A 124 31.40 55.25 1.87
CA HIS A 124 30.38 55.60 0.87
C HIS A 124 29.43 56.70 1.36
N THR A 125 29.14 56.71 2.65
CA THR A 125 28.25 57.71 3.23
C THR A 125 28.94 59.06 3.51
N ASP A 126 30.26 59.08 3.42
CA ASP A 126 30.98 60.32 3.56
C ASP A 126 31.27 60.91 2.19
N LEU A 127 31.69 60.04 1.27
CA LEU A 127 32.06 60.46 -0.06
C LEU A 127 32.02 59.24 -0.99
N ASP A 128 31.28 59.36 -2.09
CA ASP A 128 31.23 58.29 -3.10
C ASP A 128 32.07 58.68 -4.31
N VAL A 129 33.34 58.32 -4.27
CA VAL A 129 34.31 58.81 -5.25
C VAL A 129 33.93 58.43 -6.66
N LYS A 130 33.46 57.21 -6.83
CA LYS A 130 33.07 56.72 -8.15
C LYS A 130 31.94 57.54 -8.78
N SER A 131 30.93 57.87 -7.98
CA SER A 131 29.83 58.68 -8.45
C SER A 131 30.25 60.13 -8.70
N LEU A 132 31.21 60.61 -7.91
CA LEU A 132 31.68 61.98 -8.09
C LEU A 132 32.23 62.13 -9.51
N LEU A 133 32.99 61.15 -9.96
CA LEU A 133 33.61 61.20 -11.27
C LEU A 133 32.57 61.20 -12.39
N LEU A 134 31.59 60.32 -12.27
CA LEU A 134 30.55 60.21 -13.28
C LEU A 134 29.68 61.45 -13.31
N GLU A 135 29.36 61.99 -12.14
CA GLU A 135 28.59 63.22 -12.07
C GLU A 135 29.39 64.35 -12.72
N ALA A 136 30.70 64.39 -12.47
CA ALA A 136 31.55 65.40 -13.07
C ALA A 136 31.48 65.28 -14.60
N TYR A 137 31.47 64.04 -15.08
CA TYR A 137 31.45 63.76 -16.51
C TYR A 137 30.19 64.28 -17.21
N VAL A 138 29.04 64.24 -16.54
CA VAL A 138 27.79 64.69 -17.15
C VAL A 138 27.58 66.19 -17.04
N LYS A 139 28.17 66.80 -16.02
CA LYS A 139 27.97 68.23 -15.78
C LYS A 139 28.86 69.12 -16.64
N GLY A 140 30.08 68.67 -16.94
CA GLY A 140 30.91 69.40 -17.89
C GLY A 140 32.41 69.35 -17.63
N GLN A 141 33.15 69.94 -18.56
CA GLN A 141 34.59 70.01 -18.46
C GLN A 141 34.97 70.64 -17.12
N GLN A 142 34.31 71.76 -16.82
CA GLN A 142 34.60 72.53 -15.62
C GLN A 142 34.63 71.63 -14.38
N GLU A 143 33.54 70.91 -14.16
CA GLU A 143 33.42 69.97 -13.05
C GLU A 143 34.49 68.88 -13.06
N LEU A 144 34.78 68.34 -14.24
CA LEU A 144 35.87 67.39 -14.40
C LEU A 144 37.19 67.97 -13.91
N LEU A 145 37.47 69.21 -14.30
CA LEU A 145 38.74 69.85 -13.95
C LEU A 145 38.84 69.99 -12.44
N TYR A 146 37.70 70.20 -11.78
CA TYR A 146 37.65 70.36 -10.33
C TYR A 146 37.84 69.01 -9.63
N VAL A 147 37.52 67.93 -10.33
CA VAL A 147 37.35 66.63 -9.69
C VAL A 147 38.41 65.57 -9.98
N VAL A 148 38.89 65.52 -11.22
CA VAL A 148 39.90 64.54 -11.58
C VAL A 148 41.21 64.79 -10.81
N PRO A 149 41.74 66.03 -10.86
CA PRO A 149 42.98 66.21 -10.11
C PRO A 149 42.79 65.85 -8.63
N PHE A 150 41.62 66.19 -8.09
CA PHE A 150 41.34 65.98 -6.67
C PHE A 150 41.31 64.50 -6.31
N VAL A 151 40.66 63.70 -7.16
CA VAL A 151 40.61 62.26 -6.96
C VAL A 151 41.99 61.63 -7.10
N ALA A 152 42.77 62.13 -8.06
CA ALA A 152 44.13 61.64 -8.24
C ALA A 152 44.91 61.81 -6.93
N LYS A 153 44.85 63.00 -6.35
CA LYS A 153 45.64 63.33 -5.17
C LYS A 153 45.34 62.35 -4.02
N VAL A 154 44.06 62.03 -3.82
CA VAL A 154 43.67 61.15 -2.72
C VAL A 154 44.10 59.70 -2.95
N LEU A 155 44.06 59.26 -4.21
CA LEU A 155 44.52 57.92 -4.57
C LEU A 155 46.04 57.77 -4.50
N GLU A 156 46.78 58.87 -4.69
CA GLU A 156 48.23 58.81 -4.60
C GLU A 156 48.64 58.06 -3.33
N SER A 157 47.84 58.21 -2.27
CA SER A 157 48.14 57.61 -0.96
C SER A 157 47.78 56.12 -0.84
N SER A 158 47.36 55.49 -1.93
CA SER A 158 47.00 54.07 -1.89
C SER A 158 48.22 53.17 -1.98
N ILE A 159 49.27 53.67 -2.63
CA ILE A 159 50.49 52.87 -2.83
C ILE A 159 51.17 52.56 -1.49
N ARG A 160 50.95 53.44 -0.50
CA ARG A 160 51.61 53.30 0.79
C ARG A 160 50.79 52.45 1.78
N SER A 161 49.84 51.67 1.26
CA SER A 161 48.85 50.98 2.10
C SER A 161 48.62 49.52 1.70
N VAL A 162 48.93 48.59 2.59
CA VAL A 162 48.79 47.15 2.30
C VAL A 162 47.38 46.77 1.89
N VAL A 163 46.40 47.52 2.39
CA VAL A 163 45.00 47.27 2.08
C VAL A 163 44.57 47.82 0.72
N PHE A 164 44.85 49.09 0.45
CA PHE A 164 44.31 49.74 -0.75
C PHE A 164 45.27 49.68 -1.95
N ARG A 165 46.53 49.40 -1.67
CA ARG A 165 47.53 49.20 -2.71
C ARG A 165 46.94 48.32 -3.81
N PRO A 166 47.19 48.66 -5.08
CA PRO A 166 46.71 47.70 -6.08
C PRO A 166 47.16 46.29 -5.67
N PRO A 167 46.38 45.25 -6.01
CA PRO A 167 45.13 45.27 -6.78
C PRO A 167 43.88 45.31 -5.91
N ASN A 168 43.85 46.16 -4.90
CA ASN A 168 42.63 46.32 -4.14
C ASN A 168 41.47 46.62 -5.08
N PRO A 169 40.35 45.91 -4.92
CA PRO A 169 39.17 46.02 -5.77
C PRO A 169 38.46 47.36 -5.77
N TRP A 170 38.49 48.10 -4.66
CA TRP A 170 37.94 49.45 -4.66
C TRP A 170 38.90 50.34 -5.46
N THR A 171 40.17 50.32 -5.06
CA THR A 171 41.17 51.17 -5.70
C THR A 171 41.14 50.96 -7.21
N MET A 172 41.04 49.71 -7.64
CA MET A 172 41.02 49.36 -9.06
C MET A 172 39.69 49.71 -9.72
N ALA A 173 38.64 49.79 -8.92
CA ALA A 173 37.35 50.24 -9.42
C ALA A 173 37.43 51.71 -9.81
N ILE A 174 38.05 52.51 -8.97
CA ILE A 174 38.22 53.92 -9.28
C ILE A 174 39.15 54.09 -10.48
N MET A 175 40.28 53.39 -10.47
CA MET A 175 41.26 53.52 -11.55
C MET A 175 40.61 53.20 -12.90
N ASN A 176 39.68 52.26 -12.91
CA ASN A 176 39.02 51.87 -14.15
C ASN A 176 38.03 52.89 -14.68
N VAL A 177 37.46 53.70 -13.81
CA VAL A 177 36.64 54.83 -14.27
C VAL A 177 37.56 55.85 -14.94
N LEU A 178 38.67 56.17 -14.28
CA LEU A 178 39.62 57.13 -14.83
C LEU A 178 40.13 56.65 -16.17
N ALA A 179 40.37 55.35 -16.29
CA ALA A 179 40.87 54.78 -17.54
C ALA A 179 39.87 54.95 -18.68
N GLU A 180 38.59 54.98 -18.31
CA GLU A 180 37.52 55.20 -19.30
C GLU A 180 37.43 56.68 -19.66
N LEU A 181 37.61 57.55 -18.67
CA LEU A 181 37.62 58.98 -18.94
C LEU A 181 38.81 59.35 -19.82
N HIS A 182 39.92 58.63 -19.67
CA HIS A 182 41.12 58.92 -20.44
C HIS A 182 40.92 58.58 -21.91
N GLN A 183 40.07 57.59 -22.17
CA GLN A 183 39.75 57.19 -23.55
C GLN A 183 38.90 58.23 -24.27
N GLU A 184 38.15 59.03 -23.51
CA GLU A 184 37.29 60.05 -24.10
C GLU A 184 38.11 61.00 -24.96
N HIS A 185 37.63 61.28 -26.17
CA HIS A 185 38.38 62.08 -27.13
C HIS A 185 38.53 63.55 -26.71
N ASP A 186 37.47 64.12 -26.15
CA ASP A 186 37.47 65.54 -25.81
C ASP A 186 37.75 65.81 -24.33
N LEU A 187 38.57 64.97 -23.71
CA LEU A 187 39.02 65.24 -22.35
C LEU A 187 40.28 66.11 -22.36
N LYS A 188 40.21 67.27 -21.71
CA LYS A 188 41.31 68.24 -21.72
C LYS A 188 42.67 67.57 -21.62
N LEU A 189 43.65 68.16 -22.29
CA LEU A 189 45.00 67.63 -22.32
C LEU A 189 45.54 67.42 -20.90
N ASN A 190 45.33 68.40 -20.03
CA ASN A 190 45.93 68.39 -18.71
C ASN A 190 45.39 67.28 -17.79
N LEU A 191 44.18 66.81 -18.08
CA LEU A 191 43.56 65.77 -17.27
C LEU A 191 43.93 64.37 -17.74
N LYS A 192 44.17 64.22 -19.04
CA LYS A 192 44.73 62.99 -19.56
C LYS A 192 46.14 62.80 -18.98
N PHE A 193 46.84 63.92 -18.81
CA PHE A 193 48.19 63.90 -18.24
C PHE A 193 48.10 63.57 -16.75
N GLU A 194 47.19 64.26 -16.06
CA GLU A 194 47.02 64.06 -14.61
C GLU A 194 46.73 62.59 -14.29
N ILE A 195 45.94 61.96 -15.15
CA ILE A 195 45.60 60.54 -15.01
C ILE A 195 46.77 59.63 -15.33
N GLU A 196 47.57 60.00 -16.33
CA GLU A 196 48.77 59.24 -16.68
C GLU A 196 49.75 59.27 -15.52
N VAL A 197 49.99 60.45 -14.98
CA VAL A 197 50.94 60.62 -13.88
C VAL A 197 50.51 59.74 -12.70
N LEU A 198 49.21 59.73 -12.41
CA LEU A 198 48.69 58.93 -11.31
C LEU A 198 49.01 57.45 -11.46
N CYS A 199 48.95 56.94 -12.69
CA CYS A 199 49.28 55.55 -12.95
C CYS A 199 50.74 55.24 -12.62
N LYS A 200 51.64 56.13 -13.02
CA LYS A 200 53.06 55.93 -12.76
C LYS A 200 53.31 55.97 -11.25
N ASN A 201 52.60 56.83 -10.55
CA ASN A 201 52.76 56.94 -9.10
C ASN A 201 52.31 55.68 -8.36
N LEU A 202 51.37 54.95 -8.96
CA LEU A 202 50.90 53.70 -8.39
C LEU A 202 51.57 52.49 -9.05
N ALA A 203 52.57 52.74 -9.88
CA ALA A 203 53.24 51.67 -10.60
C ALA A 203 52.22 50.82 -11.34
N LEU A 204 51.41 51.48 -12.17
CA LEU A 204 50.43 50.81 -13.00
C LEU A 204 50.68 51.13 -14.47
N ASP A 205 50.44 50.13 -15.32
CA ASP A 205 50.47 50.33 -16.76
C ASP A 205 49.07 50.73 -17.20
N ILE A 206 48.91 52.02 -17.52
CA ILE A 206 47.61 52.55 -17.93
C ILE A 206 46.92 51.61 -18.91
N ASN A 207 47.69 51.03 -19.82
CA ASN A 207 47.14 50.18 -20.88
C ASN A 207 46.58 48.85 -20.37
N GLU A 208 47.02 48.45 -19.19
CA GLU A 208 46.58 47.18 -18.62
C GLU A 208 45.34 47.31 -17.74
N LEU A 209 44.95 48.53 -17.42
CA LEU A 209 43.71 48.78 -16.70
C LEU A 209 42.58 48.24 -17.56
N LYS A 210 41.37 48.12 -16.99
CA LYS A 210 40.23 47.59 -17.74
C LYS A 210 39.06 48.56 -17.80
N PRO A 211 39.14 49.56 -18.68
CA PRO A 211 38.04 50.51 -18.84
C PRO A 211 36.70 49.80 -19.03
N GLY A 212 35.62 50.36 -18.47
CA GLY A 212 34.29 49.82 -18.64
C GLY A 212 33.47 50.59 -19.66
N ASN A 213 32.15 50.55 -19.52
CA ASN A 213 31.25 51.32 -20.37
C ASN A 213 30.28 52.15 -19.53
N LEU A 214 30.75 52.61 -18.38
CA LEU A 214 29.92 53.39 -17.47
C LEU A 214 29.44 54.71 -18.07
N LEU A 215 30.33 55.43 -18.75
CA LEU A 215 30.00 56.73 -19.31
C LEU A 215 28.87 56.68 -20.34
N LYS A 216 28.52 55.46 -20.76
CA LYS A 216 27.48 55.28 -21.77
C LYS A 216 26.15 54.82 -21.20
N ASP A 217 26.08 54.66 -19.88
CA ASP A 217 24.86 54.15 -19.26
C ASP A 217 23.69 55.13 -19.44
N LYS A 218 23.96 56.42 -19.33
CA LYS A 218 22.94 57.44 -19.55
C LYS A 218 21.81 57.37 -18.51
N ASP A 219 21.11 56.24 -18.49
CA ASP A 219 20.05 56.00 -17.50
C ASP A 219 20.60 56.06 -16.08
N ARG A 220 21.81 55.54 -15.91
CA ARG A 220 22.49 55.59 -14.62
C ARG A 220 22.99 56.99 -14.31
N LEU A 221 23.51 57.66 -15.34
CA LEU A 221 24.03 59.01 -15.19
C LEU A 221 22.92 59.99 -14.79
N LYS A 222 21.69 59.67 -15.19
CA LYS A 222 20.55 60.55 -14.92
C LYS A 222 20.07 60.44 -13.47
N ASN A 223 20.50 59.40 -12.76
CA ASN A 223 19.97 59.11 -11.44
C ASN A 223 21.02 59.11 -10.32
N LEU A 224 22.19 59.68 -10.59
CA LEU A 224 23.24 59.71 -9.58
C LEU A 224 22.76 60.57 -8.40
N ASP A 225 23.23 60.26 -7.20
CA ASP A 225 23.07 61.15 -6.05
C ASP A 225 24.12 62.25 -6.14
N GLU A 226 23.66 63.48 -6.30
CA GLU A 226 24.55 64.60 -6.59
C GLU A 226 25.43 64.96 -5.40
N GLN A 227 26.72 65.09 -5.67
CA GLN A 227 27.69 65.58 -4.70
C GLN A 227 28.28 66.92 -5.13
N LEU A 228 27.99 67.32 -6.37
CA LEU A 228 28.41 68.61 -6.91
C LEU A 228 27.24 69.58 -6.91
N SER A 229 27.51 70.86 -7.15
CA SER A 229 26.46 71.88 -7.12
C SER A 229 25.67 71.89 -8.42
N GLN B 10 10.44 38.03 4.88
CA GLN B 10 11.30 39.18 4.64
C GLN B 10 12.42 39.23 5.67
N ARG B 11 12.59 38.15 6.44
CA ARG B 11 13.63 38.08 7.47
C ARG B 11 14.99 37.90 6.82
N ILE B 12 15.03 37.09 5.77
CA ILE B 12 16.26 36.83 5.05
C ILE B 12 16.10 37.26 3.60
N CYS B 13 16.83 38.29 3.20
CA CYS B 13 16.75 38.78 1.83
C CYS B 13 17.74 38.02 0.97
N GLU B 14 17.26 37.56 -0.19
CA GLU B 14 18.11 36.92 -1.19
C GLU B 14 18.69 37.98 -2.11
N VAL B 15 20.00 37.98 -2.27
CA VAL B 15 20.66 38.97 -3.11
C VAL B 15 21.32 38.30 -4.31
N TRP B 16 21.14 38.92 -5.48
CA TRP B 16 21.79 38.49 -6.71
C TRP B 16 22.40 39.72 -7.34
N ALA B 17 22.90 39.59 -8.57
CA ALA B 17 23.50 40.74 -9.25
C ALA B 17 22.52 41.90 -9.29
N CYS B 18 21.30 41.64 -9.73
CA CYS B 18 20.33 42.69 -10.06
C CYS B 18 19.94 43.59 -8.88
N ASN B 19 19.97 43.08 -7.66
CA ASN B 19 19.55 43.88 -6.51
C ASN B 19 20.62 44.04 -5.43
N LEU B 20 21.87 43.78 -5.77
CA LEU B 20 22.97 43.99 -4.85
C LEU B 20 23.09 45.47 -4.47
N ASP B 21 23.26 46.33 -5.48
CA ASP B 21 23.39 47.76 -5.25
C ASP B 21 22.28 48.25 -4.32
N GLU B 22 21.06 47.81 -4.60
CA GLU B 22 19.89 48.23 -3.85
C GLU B 22 19.93 47.82 -2.38
N GLU B 23 20.45 46.64 -2.09
CA GLU B 23 20.52 46.13 -0.72
C GLU B 23 21.73 46.65 0.06
N MET B 24 22.84 46.90 -0.62
CA MET B 24 23.98 47.51 0.03
C MET B 24 23.55 48.84 0.63
N LYS B 25 22.70 49.56 -0.11
CA LYS B 25 22.21 50.85 0.35
C LYS B 25 21.58 50.71 1.74
N LYS B 26 20.88 49.61 1.97
CA LYS B 26 20.30 49.33 3.28
C LYS B 26 21.32 48.88 4.31
N ILE B 27 22.18 47.95 3.92
CA ILE B 27 23.25 47.48 4.80
C ILE B 27 24.14 48.64 5.24
N ARG B 28 24.39 49.56 4.33
CA ARG B 28 25.21 50.73 4.61
C ARG B 28 24.69 51.42 5.87
N GLN B 29 23.38 51.31 6.11
CA GLN B 29 22.74 52.07 7.19
C GLN B 29 22.58 51.27 8.48
N VAL B 30 22.27 49.99 8.38
CA VAL B 30 22.03 49.20 9.59
C VAL B 30 23.34 48.99 10.34
N ILE B 31 24.45 48.98 9.62
CA ILE B 31 25.74 48.78 10.25
C ILE B 31 26.01 49.86 11.30
N ARG B 32 25.36 51.02 11.13
CA ARG B 32 25.55 52.12 12.05
C ARG B 32 24.96 51.75 13.42
N LYS B 33 23.74 51.21 13.40
CA LYS B 33 23.02 50.91 14.64
C LYS B 33 23.18 49.45 15.06
N TYR B 34 23.58 48.59 14.13
CA TYR B 34 23.73 47.17 14.40
C TYR B 34 25.12 46.68 14.01
N ASN B 35 26.04 46.76 14.96
CA ASN B 35 27.45 46.61 14.68
C ASN B 35 27.97 45.20 14.93
N TYR B 36 27.08 44.29 15.33
CA TYR B 36 27.45 42.88 15.47
C TYR B 36 27.06 42.10 14.21
N VAL B 37 28.06 41.53 13.54
CA VAL B 37 27.82 40.87 12.26
C VAL B 37 28.09 39.37 12.33
N ALA B 38 27.02 38.56 12.21
CA ALA B 38 27.15 37.11 12.23
C ALA B 38 27.21 36.55 10.82
N MET B 39 28.14 35.63 10.58
CA MET B 39 28.51 35.27 9.22
C MET B 39 28.73 33.78 9.00
N ASP B 40 28.41 33.33 7.79
CA ASP B 40 28.72 31.97 7.33
C ASP B 40 28.77 31.91 5.80
N THR B 41 29.61 31.04 5.26
CA THR B 41 29.72 30.91 3.82
C THR B 41 29.41 29.49 3.36
N GLU B 42 29.14 29.33 2.06
CA GLU B 42 29.05 28.02 1.45
C GLU B 42 29.97 27.96 0.23
N PHE B 43 30.67 26.84 0.10
CA PHE B 43 31.60 26.69 -0.99
C PHE B 43 31.75 25.22 -1.32
N PRO B 44 32.42 24.88 -2.43
CA PRO B 44 32.45 23.51 -2.95
C PRO B 44 33.37 22.53 -2.19
N GLY B 45 33.53 22.71 -0.88
CA GLY B 45 34.31 21.78 -0.07
C GLY B 45 35.82 21.93 -0.15
N VAL B 46 36.50 20.79 -0.07
CA VAL B 46 37.94 20.72 -0.23
C VAL B 46 38.28 19.60 -1.19
N VAL B 47 39.24 19.86 -2.07
CA VAL B 47 39.58 18.91 -3.14
C VAL B 47 41.03 18.43 -3.10
N ALA B 48 41.87 19.09 -2.33
CA ALA B 48 43.30 18.81 -2.37
C ALA B 48 44.00 18.92 -1.02
N ARG B 49 45.14 18.27 -0.91
CA ARG B 49 46.10 18.50 0.17
C ARG B 49 47.34 19.21 -0.36
N PRO B 50 47.87 20.18 0.39
CA PRO B 50 48.98 20.96 -0.15
C PRO B 50 50.24 20.11 -0.32
N ILE B 51 50.95 20.32 -1.43
CA ILE B 51 52.12 19.51 -1.74
C ILE B 51 53.31 19.97 -0.91
N GLY B 52 53.94 19.03 -0.21
CA GLY B 52 55.16 19.30 0.52
C GLY B 52 54.92 19.59 1.99
N GLU B 53 53.66 19.55 2.41
CA GLU B 53 53.31 19.84 3.79
C GLU B 53 52.81 18.57 4.47
N PHE B 54 53.21 18.39 5.72
CA PHE B 54 52.82 17.22 6.50
C PHE B 54 51.97 17.64 7.68
N ARG B 55 51.03 16.78 8.08
CA ARG B 55 50.12 17.07 9.19
C ARG B 55 50.86 17.47 10.45
N SER B 56 52.09 16.99 10.60
CA SER B 56 52.87 17.24 11.81
C SER B 56 53.37 18.68 11.87
N ASN B 57 53.32 19.38 10.75
CA ASN B 57 53.75 20.77 10.73
C ASN B 57 52.80 21.58 11.59
N ALA B 58 53.36 22.57 12.27
CA ALA B 58 52.60 23.43 13.16
C ALA B 58 51.52 24.22 12.41
N ASP B 59 51.81 24.57 11.16
CA ASP B 59 50.92 25.43 10.37
C ASP B 59 50.14 24.64 9.33
N TYR B 60 50.10 23.32 9.48
CA TYR B 60 49.50 22.48 8.46
C TYR B 60 48.04 22.78 8.20
N GLN B 61 47.31 23.14 9.25
CA GLN B 61 45.89 23.46 9.11
C GLN B 61 45.69 24.69 8.22
N TYR B 62 46.54 25.70 8.39
CA TYR B 62 46.42 26.86 7.53
C TYR B 62 46.84 26.48 6.12
N GLN B 63 47.96 25.77 5.99
CA GLN B 63 48.49 25.45 4.66
C GLN B 63 47.48 24.62 3.86
N LEU B 64 46.59 23.93 4.57
CA LEU B 64 45.52 23.16 3.95
C LEU B 64 44.33 24.03 3.57
N LEU B 65 44.07 25.03 4.42
CA LEU B 65 43.11 26.07 4.13
C LEU B 65 43.53 26.84 2.87
N ARG B 66 44.73 27.43 2.91
CA ARG B 66 45.22 28.22 1.79
C ARG B 66 45.04 27.43 0.50
N CYS B 67 45.55 26.20 0.52
CA CYS B 67 45.59 25.35 -0.65
C CYS B 67 44.23 25.25 -1.36
N ASN B 68 43.15 25.09 -0.60
CA ASN B 68 41.82 24.91 -1.17
C ASN B 68 41.02 26.19 -1.43
N VAL B 69 41.27 27.22 -0.63
CA VAL B 69 40.61 28.50 -0.83
C VAL B 69 41.12 29.19 -2.10
N ASP B 70 42.42 29.09 -2.35
CA ASP B 70 43.00 29.70 -3.55
C ASP B 70 42.42 29.02 -4.78
N LEU B 71 42.02 27.77 -4.61
CA LEU B 71 41.64 26.92 -5.71
C LEU B 71 40.14 26.95 -6.03
N LEU B 72 39.32 27.23 -5.02
CA LEU B 72 37.87 27.11 -5.17
C LEU B 72 37.13 28.43 -4.99
N LYS B 73 35.94 28.50 -5.57
CA LYS B 73 35.14 29.72 -5.55
C LYS B 73 34.04 29.68 -4.49
N ILE B 74 33.81 30.81 -3.82
CA ILE B 74 32.72 30.93 -2.84
C ILE B 74 31.38 30.75 -3.55
N ILE B 75 30.37 30.29 -2.82
CA ILE B 75 29.04 30.10 -3.40
C ILE B 75 27.96 30.89 -2.68
N GLN B 76 28.10 31.07 -1.37
CA GLN B 76 27.18 31.94 -0.64
C GLN B 76 27.84 32.59 0.56
N LEU B 77 27.50 33.85 0.79
CA LEU B 77 27.82 34.52 2.04
C LEU B 77 26.49 34.89 2.70
N GLY B 78 26.40 34.67 4.01
CA GLY B 78 25.25 35.10 4.78
C GLY B 78 25.66 36.02 5.91
N LEU B 79 25.10 37.23 5.91
CA LEU B 79 25.42 38.22 6.93
C LEU B 79 24.15 38.53 7.73
N THR B 80 24.24 38.41 9.06
CA THR B 80 23.14 38.75 9.95
C THR B 80 23.56 39.86 10.89
N PHE B 81 22.80 40.95 10.91
CA PHE B 81 23.18 42.13 11.68
C PHE B 81 22.44 42.20 13.02
N MET B 82 23.17 42.57 14.07
CA MET B 82 22.63 42.61 15.42
C MET B 82 23.31 43.72 16.22
N ASN B 83 22.84 43.94 17.44
CA ASN B 83 23.42 44.96 18.31
C ASN B 83 23.89 44.38 19.64
N GLU B 84 24.39 45.27 20.51
CA GLU B 84 24.95 44.86 21.80
C GLU B 84 24.06 43.84 22.53
N GLN B 85 22.75 44.04 22.48
CA GLN B 85 21.82 43.25 23.30
C GLN B 85 21.25 42.05 22.56
N GLY B 86 21.66 41.86 21.31
CA GLY B 86 21.19 40.73 20.52
C GLY B 86 19.84 40.98 19.87
N GLU B 87 19.56 42.25 19.59
CA GLU B 87 18.34 42.63 18.89
C GLU B 87 18.63 42.71 17.40
N TYR B 88 17.59 42.63 16.59
CA TYR B 88 17.72 42.74 15.13
C TYR B 88 17.12 44.04 14.65
N PRO B 89 17.56 44.51 13.47
CA PRO B 89 16.86 45.66 12.88
C PRO B 89 15.47 45.25 12.43
N PRO B 90 14.55 46.22 12.35
CA PRO B 90 13.19 45.89 11.89
C PRO B 90 13.22 45.52 10.40
N GLY B 91 12.44 44.51 10.03
CA GLY B 91 12.42 44.04 8.65
C GLY B 91 13.39 42.90 8.44
N THR B 92 14.27 43.04 7.44
CA THR B 92 15.28 42.03 7.18
C THR B 92 16.42 42.22 8.15
N SER B 93 16.91 41.12 8.71
CA SER B 93 18.08 41.14 9.58
C SER B 93 19.23 40.37 8.95
N THR B 94 18.92 39.60 7.91
CA THR B 94 19.90 38.72 7.31
C THR B 94 19.89 38.79 5.80
N TRP B 95 21.07 38.96 5.22
CA TRP B 95 21.20 39.00 3.77
C TRP B 95 21.97 37.75 3.35
N GLN B 96 21.50 37.11 2.28
CA GLN B 96 22.19 35.96 1.71
C GLN B 96 22.67 36.29 0.31
N PHE B 97 23.96 36.50 0.19
CA PHE B 97 24.54 36.84 -1.09
C PHE B 97 24.81 35.54 -1.86
N ASN B 98 24.33 35.50 -3.10
CA ASN B 98 24.49 34.36 -3.99
C ASN B 98 25.46 34.69 -5.13
N PHE B 99 26.61 34.02 -5.16
CA PHE B 99 27.72 34.36 -6.05
C PHE B 99 27.79 33.54 -7.32
N LYS B 100 28.32 34.14 -8.39
CA LYS B 100 28.41 33.48 -9.68
C LYS B 100 29.21 32.19 -9.53
N PHE B 101 28.67 31.09 -10.05
CA PHE B 101 29.31 29.79 -9.95
C PHE B 101 28.84 28.90 -11.10
N ASN B 102 29.79 28.22 -11.73
CA ASN B 102 29.54 27.50 -12.97
C ASN B 102 30.08 26.08 -12.90
N LEU B 103 29.17 25.12 -12.80
CA LEU B 103 29.53 23.70 -12.64
C LEU B 103 30.23 23.10 -13.84
N THR B 104 30.22 23.81 -14.96
CA THR B 104 30.95 23.36 -16.15
C THR B 104 32.41 23.82 -16.09
N GLU B 105 32.64 24.98 -15.48
CA GLU B 105 33.95 25.63 -15.54
C GLU B 105 34.74 25.55 -14.23
N ASP B 106 34.04 25.55 -13.09
CA ASP B 106 34.72 25.64 -11.81
C ASP B 106 34.99 24.26 -11.19
N MET B 107 35.78 24.26 -10.12
CA MET B 107 36.14 23.02 -9.43
C MET B 107 35.30 22.82 -8.18
N TYR B 108 35.19 21.58 -7.75
CA TYR B 108 34.36 21.23 -6.61
C TYR B 108 34.56 19.79 -6.15
N ALA B 109 34.34 19.54 -4.87
CA ALA B 109 34.23 18.18 -4.37
C ALA B 109 32.81 17.67 -4.61
N GLN B 110 32.71 16.49 -5.23
CA GLN B 110 31.45 15.94 -5.70
C GLN B 110 30.36 15.94 -4.62
N ASP B 111 30.72 15.50 -3.42
CA ASP B 111 29.76 15.40 -2.33
C ASP B 111 29.12 16.72 -1.98
N SER B 112 29.93 17.76 -1.90
CA SER B 112 29.48 19.06 -1.45
C SER B 112 28.39 19.60 -2.37
N ILE B 113 28.58 19.45 -3.68
CA ILE B 113 27.59 19.95 -4.62
C ILE B 113 26.25 19.21 -4.41
N GLU B 114 26.33 17.91 -4.12
CA GLU B 114 25.13 17.13 -3.86
C GLU B 114 24.43 17.57 -2.58
N LEU B 115 25.21 17.80 -1.53
CA LEU B 115 24.66 18.27 -0.26
C LEU B 115 24.05 19.68 -0.41
N LEU B 116 24.80 20.57 -1.04
CA LEU B 116 24.34 21.92 -1.28
C LEU B 116 23.10 21.92 -2.17
N THR B 117 23.05 20.99 -3.12
CA THR B 117 21.89 20.87 -4.00
C THR B 117 20.66 20.43 -3.19
N THR B 118 20.87 19.43 -2.35
CA THR B 118 19.81 18.93 -1.48
C THR B 118 19.27 20.03 -0.57
N SER B 119 20.14 20.97 -0.19
CA SER B 119 19.77 22.01 0.74
C SER B 119 18.99 23.15 0.06
N GLY B 120 19.01 23.19 -1.27
CA GLY B 120 18.23 24.15 -2.02
C GLY B 120 19.00 25.19 -2.81
N ILE B 121 20.31 25.03 -2.95
CA ILE B 121 21.09 25.93 -3.80
C ILE B 121 20.65 25.75 -5.25
N GLN B 122 20.36 26.85 -5.93
CA GLN B 122 19.91 26.83 -7.32
C GLN B 122 21.09 27.09 -8.25
N PHE B 123 21.87 26.06 -8.52
CA PHE B 123 23.12 26.24 -9.25
C PHE B 123 22.97 26.88 -10.61
N LYS B 124 21.82 26.71 -11.25
CA LYS B 124 21.62 27.33 -12.56
C LYS B 124 21.41 28.83 -12.40
N LYS B 125 20.69 29.23 -11.35
CA LYS B 125 20.49 30.64 -11.07
C LYS B 125 21.82 31.31 -10.67
N HIS B 126 22.66 30.55 -9.97
CA HIS B 126 23.98 31.04 -9.60
C HIS B 126 24.84 31.30 -10.82
N GLU B 127 24.77 30.41 -11.81
CA GLU B 127 25.55 30.56 -13.02
C GLU B 127 25.11 31.77 -13.82
N GLU B 128 23.80 32.03 -13.82
CA GLU B 128 23.23 33.05 -14.68
C GLU B 128 23.11 34.42 -14.03
N GLU B 129 22.68 34.45 -12.77
CA GLU B 129 22.38 35.72 -12.11
C GLU B 129 23.19 35.94 -10.82
N GLY B 130 24.26 35.19 -10.66
CA GLY B 130 25.11 35.31 -9.48
C GLY B 130 25.87 36.63 -9.41
N ILE B 131 26.24 37.01 -8.19
CA ILE B 131 27.02 38.21 -7.95
C ILE B 131 28.48 37.93 -8.26
N GLU B 132 29.13 38.88 -8.91
CA GLU B 132 30.57 38.80 -9.13
C GLU B 132 31.24 39.17 -7.81
N THR B 133 32.18 38.35 -7.36
CA THR B 133 32.85 38.56 -6.09
C THR B 133 33.75 39.78 -5.99
N GLN B 134 34.41 40.16 -7.08
CA GLN B 134 35.23 41.36 -7.05
C GLN B 134 34.39 42.62 -6.99
N TYR B 135 33.23 42.62 -7.63
CA TYR B 135 32.35 43.77 -7.54
C TYR B 135 31.79 43.85 -6.13
N PHE B 136 31.51 42.69 -5.54
CA PHE B 136 31.04 42.63 -4.16
C PHE B 136 32.09 43.15 -3.16
N ALA B 137 33.35 42.85 -3.42
CA ALA B 137 34.43 43.38 -2.59
C ALA B 137 34.45 44.90 -2.65
N GLU B 138 34.37 45.43 -3.87
CA GLU B 138 34.41 46.86 -4.10
C GLU B 138 33.40 47.56 -3.20
N LEU B 139 32.20 47.01 -3.12
CA LEU B 139 31.11 47.63 -2.37
C LEU B 139 31.23 47.43 -0.87
N LEU B 140 31.75 46.29 -0.45
CA LEU B 140 31.95 46.02 0.96
C LEU B 140 33.07 46.88 1.52
N MET B 141 34.03 47.21 0.64
CA MET B 141 35.22 47.92 1.05
C MET B 141 34.87 49.20 1.80
N THR B 142 33.89 49.92 1.25
CA THR B 142 33.59 51.26 1.70
C THR B 142 32.20 51.34 2.32
N SER B 143 31.81 50.30 3.04
CA SER B 143 30.45 50.23 3.61
C SER B 143 30.40 50.27 5.13
N GLY B 144 31.55 50.21 5.77
CA GLY B 144 31.62 50.33 7.21
C GLY B 144 31.59 48.97 7.89
N VAL B 145 31.24 47.96 7.10
CA VAL B 145 31.16 46.59 7.56
C VAL B 145 32.55 45.95 7.73
N VAL B 146 33.55 46.49 7.05
CA VAL B 146 34.94 46.05 7.23
C VAL B 146 35.85 47.24 7.47
N LEU B 147 37.05 46.95 7.98
CA LEU B 147 38.12 47.96 8.10
C LEU B 147 37.82 48.99 9.21
N CYS B 148 36.56 49.10 9.63
CA CYS B 148 36.17 50.12 10.60
C CYS B 148 36.08 49.54 12.00
N GLU B 149 36.56 50.29 12.98
CA GLU B 149 36.47 49.88 14.37
C GLU B 149 35.04 50.07 14.85
N GLY B 150 34.66 49.35 15.90
CA GLY B 150 33.30 49.40 16.40
C GLY B 150 32.51 48.16 16.02
N VAL B 151 32.83 47.60 14.86
CA VAL B 151 32.16 46.40 14.37
C VAL B 151 32.72 45.14 15.00
N LYS B 152 31.87 44.12 15.15
CA LYS B 152 32.29 42.86 15.79
C LYS B 152 31.71 41.64 15.08
N TRP B 153 32.58 40.74 14.64
CA TRP B 153 32.17 39.61 13.79
C TRP B 153 31.93 38.32 14.57
N LEU B 154 30.76 37.73 14.39
CA LEU B 154 30.42 36.46 15.03
C LEU B 154 30.40 35.32 14.01
N SER B 155 31.05 34.21 14.35
CA SER B 155 31.29 33.15 13.39
C SER B 155 31.20 31.76 14.02
N PHE B 156 31.40 30.73 13.20
CA PHE B 156 31.42 29.37 13.72
C PHE B 156 32.29 28.42 12.93
N HIS B 157 33.43 28.02 13.50
CA HIS B 157 34.35 27.13 12.81
C HIS B 157 34.68 27.71 11.44
N SER B 158 35.28 28.89 11.45
CA SER B 158 35.23 29.78 10.31
C SER B 158 36.56 30.17 9.65
N GLY B 159 37.62 29.40 9.88
CA GLY B 159 38.88 29.66 9.21
C GLY B 159 38.66 29.83 7.72
N TYR B 160 37.99 28.85 7.12
CA TYR B 160 37.73 28.87 5.68
C TYR B 160 36.82 30.02 5.27
N ASP B 161 35.94 30.44 6.19
CA ASP B 161 35.01 31.53 5.91
C ASP B 161 35.74 32.84 5.73
N PHE B 162 36.72 33.09 6.59
CA PHE B 162 37.48 34.32 6.52
C PHE B 162 38.55 34.25 5.43
N GLY B 163 39.04 33.05 5.14
CA GLY B 163 39.97 32.87 4.04
C GLY B 163 39.36 33.34 2.73
N TYR B 164 38.10 32.98 2.51
CA TYR B 164 37.38 33.43 1.33
C TYR B 164 37.15 34.93 1.33
N LEU B 165 36.74 35.47 2.47
CA LEU B 165 36.53 36.91 2.59
C LEU B 165 37.83 37.69 2.35
N ILE B 166 38.95 37.14 2.79
CA ILE B 166 40.24 37.81 2.59
C ILE B 166 40.68 37.67 1.13
N LYS B 167 40.51 36.47 0.58
CA LYS B 167 40.80 36.24 -0.82
C LYS B 167 40.00 37.20 -1.71
N ILE B 168 38.73 37.40 -1.37
CA ILE B 168 37.87 38.33 -2.10
C ILE B 168 38.22 39.80 -1.89
N LEU B 169 38.55 40.18 -0.67
CA LEU B 169 38.83 41.58 -0.39
C LEU B 169 40.21 42.02 -0.87
N THR B 170 41.14 41.09 -0.94
CA THR B 170 42.50 41.37 -1.41
C THR B 170 42.62 41.10 -2.90
N ASN B 171 41.64 40.40 -3.45
CA ASN B 171 41.64 40.05 -4.86
C ASN B 171 42.91 39.27 -5.21
N SER B 172 43.43 38.54 -4.23
CA SER B 172 44.70 37.84 -4.36
C SER B 172 44.61 36.45 -3.73
N ASN B 173 45.61 35.60 -3.98
CA ASN B 173 45.77 34.37 -3.22
C ASN B 173 46.14 34.74 -1.79
N LEU B 174 45.82 33.85 -0.85
CA LEU B 174 46.16 34.07 0.54
C LEU B 174 47.66 34.02 0.82
N PRO B 175 48.10 34.77 1.85
CA PRO B 175 49.53 34.87 2.15
C PRO B 175 50.16 33.50 2.40
N GLU B 176 51.42 33.34 2.02
CA GLU B 176 52.06 32.04 2.12
C GLU B 176 52.12 31.59 3.59
N GLU B 177 52.30 32.54 4.49
CA GLU B 177 52.53 32.21 5.90
C GLU B 177 51.36 32.61 6.78
N GLU B 178 50.98 31.69 7.67
CA GLU B 178 49.85 31.88 8.58
C GLU B 178 49.93 33.19 9.35
N LEU B 179 51.14 33.54 9.78
CA LEU B 179 51.36 34.79 10.50
C LEU B 179 50.77 35.93 9.68
N ASP B 180 51.09 35.93 8.40
CA ASP B 180 50.76 37.05 7.54
C ASP B 180 49.26 37.13 7.27
N PHE B 181 48.62 35.95 7.21
CA PHE B 181 47.18 35.87 7.00
C PHE B 181 46.40 36.50 8.15
N PHE B 182 46.86 36.31 9.37
CA PHE B 182 46.25 36.96 10.52
C PHE B 182 46.52 38.46 10.57
N GLU B 183 47.70 38.90 10.16
CA GLU B 183 47.98 40.32 10.18
C GLU B 183 46.99 41.05 9.27
N ILE B 184 46.82 40.57 8.04
CA ILE B 184 45.92 41.24 7.10
C ILE B 184 44.48 41.00 7.50
N LEU B 185 44.23 39.87 8.14
CA LEU B 185 42.91 39.54 8.65
C LEU B 185 42.42 40.51 9.73
N ARG B 186 43.34 40.91 10.61
CA ARG B 186 43.00 41.79 11.72
C ARG B 186 42.69 43.21 11.22
N LEU B 187 43.28 43.58 10.09
CA LEU B 187 43.02 44.91 9.52
C LEU B 187 41.56 44.97 9.05
N PHE B 188 41.13 43.99 8.26
CA PHE B 188 39.76 43.95 7.73
C PHE B 188 38.76 43.63 8.83
N PHE B 189 39.15 42.75 9.74
CA PHE B 189 38.27 42.30 10.82
C PHE B 189 38.95 42.42 12.19
N PRO B 190 38.99 43.64 12.74
CA PRO B 190 39.64 43.86 14.04
C PRO B 190 39.15 42.93 15.16
N VAL B 191 37.84 42.69 15.23
CA VAL B 191 37.27 41.90 16.32
C VAL B 191 36.42 40.72 15.83
N ILE B 192 36.93 39.50 16.00
CA ILE B 192 36.21 38.30 15.63
C ILE B 192 36.01 37.37 16.81
N TYR B 193 34.80 36.82 16.95
CA TYR B 193 34.54 35.78 17.95
C TYR B 193 34.03 34.51 17.28
N ASP B 194 34.79 33.43 17.42
CA ASP B 194 34.42 32.17 16.79
C ASP B 194 33.74 31.30 17.83
N VAL B 195 32.41 31.25 17.77
CA VAL B 195 31.62 30.51 18.75
C VAL B 195 32.18 29.12 19.05
N LYS B 196 32.68 28.44 18.02
CA LYS B 196 33.25 27.11 18.20
C LYS B 196 34.54 27.16 19.00
N TYR B 197 35.26 28.28 18.94
CA TYR B 197 36.45 28.44 19.78
C TYR B 197 36.01 28.67 21.22
N LEU B 198 35.08 29.59 21.41
CA LEU B 198 34.55 29.89 22.74
C LEU B 198 34.01 28.64 23.42
N MET B 199 33.47 27.72 22.63
CA MET B 199 32.89 26.48 23.15
C MET B 199 33.91 25.58 23.87
N LYS B 200 35.19 25.83 23.65
CA LYS B 200 36.23 25.07 24.31
C LYS B 200 36.35 25.48 25.79
N SER B 201 35.50 26.41 26.20
CA SER B 201 35.46 26.87 27.59
C SER B 201 34.06 26.71 28.17
N CYS B 202 33.21 25.96 27.47
CA CYS B 202 31.83 25.77 27.89
C CYS B 202 31.56 24.28 28.09
N LYS B 203 31.79 23.81 29.31
CA LYS B 203 31.60 22.40 29.64
C LYS B 203 30.28 21.87 29.07
N ASN B 204 30.38 20.76 28.35
CA ASN B 204 29.22 20.05 27.80
C ASN B 204 28.62 20.68 26.54
N LEU B 205 29.31 21.67 25.96
CA LEU B 205 28.96 22.13 24.62
C LEU B 205 29.95 21.58 23.60
N LYS B 206 29.43 20.74 22.70
CA LYS B 206 30.27 20.13 21.68
C LYS B 206 29.47 19.87 20.40
N GLY B 207 30.16 19.86 19.26
CA GLY B 207 29.56 19.47 18.00
C GLY B 207 29.50 20.57 16.97
N GLY B 208 28.80 20.28 15.87
CA GLY B 208 28.63 21.23 14.79
C GLY B 208 27.61 22.29 15.13
N LEU B 209 27.37 23.20 14.20
CA LEU B 209 26.45 24.32 14.43
C LEU B 209 25.05 23.82 14.75
N GLN B 210 24.58 22.86 13.96
CA GLN B 210 23.22 22.34 14.14
C GLN B 210 23.08 21.62 15.47
N GLU B 211 24.12 20.90 15.88
CA GLU B 211 24.11 20.20 17.16
C GLU B 211 24.08 21.19 18.32
N VAL B 212 24.96 22.18 18.26
CA VAL B 212 25.05 23.19 19.29
C VAL B 212 23.75 24.00 19.36
N ALA B 213 23.09 24.14 18.22
CA ALA B 213 21.82 24.86 18.16
C ALA B 213 20.76 24.14 18.97
N GLU B 214 20.79 22.80 18.90
CA GLU B 214 19.82 21.97 19.60
C GLU B 214 20.04 21.93 21.10
N GLN B 215 21.29 21.85 21.54
CA GLN B 215 21.62 21.89 22.96
C GLN B 215 21.21 23.24 23.57
N LEU B 216 21.30 24.30 22.78
CA LEU B 216 20.97 25.64 23.25
C LEU B 216 19.49 25.96 23.00
N GLU B 217 18.76 24.98 22.46
CA GLU B 217 17.33 25.13 22.23
C GLU B 217 17.02 26.36 21.38
N LEU B 218 17.64 26.43 20.21
CA LEU B 218 17.42 27.53 19.29
C LEU B 218 16.46 27.10 18.19
N GLU B 219 15.74 28.07 17.64
CA GLU B 219 14.79 27.80 16.56
C GLU B 219 15.31 28.36 15.25
N ARG B 220 15.78 27.47 14.38
CA ARG B 220 16.36 27.90 13.11
C ARG B 220 15.31 28.43 12.14
N ILE B 221 15.48 29.69 11.75
CA ILE B 221 14.67 30.28 10.69
C ILE B 221 15.35 30.08 9.36
N GLY B 222 14.60 29.60 8.37
CA GLY B 222 15.12 29.42 7.03
C GLY B 222 15.77 28.07 6.80
N PRO B 223 16.25 27.83 5.57
CA PRO B 223 16.83 26.56 5.12
C PRO B 223 18.20 26.24 5.73
N GLN B 224 18.32 25.05 6.33
CA GLN B 224 19.59 24.59 6.88
C GLN B 224 20.65 24.37 5.82
N HIS B 225 21.90 24.69 6.18
CA HIS B 225 23.04 24.48 5.30
C HIS B 225 23.04 25.48 4.15
N GLN B 226 22.41 26.62 4.38
CA GLN B 226 22.61 27.79 3.53
C GLN B 226 23.13 28.90 4.41
N ALA B 227 23.85 29.84 3.79
CA ALA B 227 24.65 30.79 4.55
C ALA B 227 23.77 31.69 5.41
N GLY B 228 22.77 32.30 4.78
CA GLY B 228 21.92 33.28 5.47
C GLY B 228 21.36 32.69 6.74
N SER B 229 20.67 31.56 6.60
CA SER B 229 20.09 30.84 7.73
C SER B 229 21.16 30.38 8.74
N ASP B 230 22.25 29.85 8.23
CA ASP B 230 23.38 29.48 9.09
C ASP B 230 23.93 30.69 9.85
N SER B 231 24.01 31.84 9.20
CA SER B 231 24.60 33.01 9.82
C SER B 231 23.68 33.48 10.94
N LEU B 232 22.38 33.34 10.72
CA LEU B 232 21.39 33.81 11.68
C LEU B 232 21.37 32.89 12.89
N LEU B 233 21.55 31.60 12.64
CA LEU B 233 21.66 30.62 13.70
C LEU B 233 22.97 30.80 14.47
N THR B 234 24.03 31.14 13.74
CA THR B 234 25.30 31.44 14.36
C THR B 234 25.09 32.62 15.29
N GLY B 235 24.38 33.63 14.78
CA GLY B 235 24.09 34.82 15.54
C GLY B 235 23.38 34.49 16.84
N MET B 236 22.36 33.64 16.73
CA MET B 236 21.57 33.24 17.89
C MET B 236 22.41 32.45 18.89
N ALA B 237 23.22 31.55 18.36
CA ALA B 237 24.07 30.70 19.20
C ALA B 237 25.07 31.50 20.02
N PHE B 238 25.45 32.67 19.52
CA PHE B 238 26.41 33.51 20.23
C PHE B 238 25.78 34.24 21.40
N PHE B 239 24.73 35.02 21.12
CA PHE B 239 24.08 35.82 22.15
C PHE B 239 23.42 34.97 23.23
N LYS B 240 22.98 33.77 22.85
CA LYS B 240 22.40 32.84 23.82
C LYS B 240 23.49 32.21 24.66
N MET B 241 24.63 31.95 24.04
CA MET B 241 25.75 31.31 24.73
C MET B 241 26.47 32.32 25.62
N ARG B 242 26.38 33.60 25.27
CA ARG B 242 27.07 34.63 26.02
C ARG B 242 26.48 34.79 27.42
N GLU B 243 25.15 34.81 27.51
CA GLU B 243 24.48 34.96 28.80
C GLU B 243 24.62 33.68 29.62
N MET B 244 24.51 32.54 28.95
CA MET B 244 24.43 31.26 29.63
C MET B 244 25.77 30.77 30.20
N PHE B 245 26.87 31.09 29.53
CA PHE B 245 28.17 30.59 29.94
C PHE B 245 29.18 31.69 30.32
N PHE B 246 28.94 32.91 29.85
CA PHE B 246 29.94 33.97 29.98
C PHE B 246 29.41 35.19 30.74
N GLU B 247 28.17 35.10 31.24
CA GLU B 247 27.59 36.19 32.03
C GLU B 247 27.49 37.50 31.24
N ASP B 248 27.03 37.41 29.99
CA ASP B 248 26.79 38.58 29.17
C ASP B 248 28.02 39.49 29.00
N HIS B 249 29.21 38.89 29.01
CA HIS B 249 30.42 39.62 28.70
C HIS B 249 31.51 38.68 28.19
N ILE B 250 32.28 39.15 27.23
CA ILE B 250 33.35 38.35 26.63
C ILE B 250 34.69 39.07 26.74
N ASP B 251 35.69 38.35 27.22
CA ASP B 251 37.01 38.91 27.42
C ASP B 251 37.77 38.92 26.10
N ASP B 252 37.99 40.12 25.58
CA ASP B 252 38.70 40.29 24.31
C ASP B 252 40.05 39.58 24.32
N ALA B 253 40.85 39.81 25.35
CA ALA B 253 42.19 39.26 25.41
C ALA B 253 42.17 37.74 25.36
N LYS B 254 41.09 37.16 25.90
CA LYS B 254 40.95 35.72 25.98
C LYS B 254 40.42 35.08 24.70
N TYR B 255 39.50 35.76 24.03
CA TYR B 255 38.74 35.13 22.94
C TYR B 255 38.74 35.85 21.59
N CYS B 256 39.17 37.11 21.56
CA CYS B 256 39.04 37.86 20.32
C CYS B 256 40.07 37.44 19.27
N GLY B 257 39.58 37.10 18.08
CA GLY B 257 40.41 36.94 16.91
C GLY B 257 40.89 35.53 16.66
N HIS B 258 40.60 34.61 17.57
CA HIS B 258 41.07 33.23 17.44
C HIS B 258 40.10 32.37 16.63
N LEU B 259 40.58 31.87 15.49
CA LEU B 259 39.76 31.03 14.62
C LEU B 259 40.03 29.57 14.90
N TYR B 260 38.97 28.76 14.88
CA TYR B 260 39.05 27.35 15.30
C TYR B 260 39.89 26.46 14.39
N GLY B 261 40.96 25.88 14.95
CA GLY B 261 41.81 24.98 14.20
C GLY B 261 43.10 25.60 13.69
N LEU B 262 43.19 26.93 13.72
CA LEU B 262 44.38 27.62 13.23
C LEU B 262 45.29 28.00 14.41
N GLY B 263 46.40 28.67 14.12
CA GLY B 263 47.48 28.84 15.08
C GLY B 263 47.27 29.90 16.14
N SER B 264 46.25 30.73 15.97
CA SER B 264 46.00 31.80 16.94
C SER B 264 45.20 31.28 18.12
N GLY B 265 45.75 31.48 19.32
CA GLY B 265 45.03 31.16 20.54
C GLY B 265 45.08 29.69 20.92
N SER B 266 46.01 28.95 20.32
CA SER B 266 46.16 27.54 20.64
C SER B 266 45.81 27.22 22.10
N GLY B 274 40.63 19.08 16.14
CA GLY B 274 41.28 20.38 15.95
C GLY B 274 41.51 20.71 14.48
N ASN B 275 40.48 20.46 13.66
CA ASN B 275 40.58 20.76 12.24
C ASN B 275 39.88 22.07 11.87
N ALA B 276 40.57 22.91 11.11
CA ALA B 276 40.03 24.20 10.70
C ALA B 276 38.82 24.02 9.80
N TYR B 277 38.79 22.92 9.05
CA TYR B 277 37.73 22.70 8.08
C TYR B 277 36.45 22.16 8.70
N GLU B 278 35.36 22.90 8.51
CA GLU B 278 34.05 22.56 9.08
C GLU B 278 33.45 21.34 8.39
N GLU B 279 33.97 20.16 8.72
CA GLU B 279 33.42 18.91 8.22
C GLU B 279 31.96 18.79 8.63
N GLU B 280 31.20 17.99 7.88
CA GLU B 280 29.78 17.83 8.17
C GLU B 280 29.58 17.08 9.48
N GLU C 5 3.96 26.22 -37.87
CA GLU C 5 5.19 26.68 -37.23
C GLU C 5 4.92 27.96 -36.43
N ASN C 6 4.12 28.85 -37.00
CA ASN C 6 3.66 30.03 -36.28
C ASN C 6 2.77 29.58 -35.12
N ILE C 7 2.21 28.39 -35.25
CA ILE C 7 1.39 27.79 -34.21
C ILE C 7 2.22 27.59 -32.94
N GLN C 8 3.43 27.07 -33.12
CA GLN C 8 4.34 26.86 -32.00
C GLN C 8 4.58 28.18 -31.26
N GLU C 9 4.79 29.25 -32.02
CA GLU C 9 5.08 30.56 -31.44
C GLU C 9 3.88 31.08 -30.66
N LYS C 10 2.67 30.84 -31.19
CA LYS C 10 1.45 31.25 -30.52
C LYS C 10 1.30 30.51 -29.20
N ILE C 11 1.45 29.20 -29.24
CA ILE C 11 1.39 28.35 -28.06
C ILE C 11 2.34 28.85 -26.98
N ALA C 12 3.61 29.00 -27.34
CA ALA C 12 4.66 29.38 -26.40
C ALA C 12 4.27 30.61 -25.59
N PHE C 13 3.88 31.68 -26.29
CA PHE C 13 3.53 32.92 -25.63
C PHE C 13 2.49 32.72 -24.54
N ILE C 14 1.53 31.83 -24.79
CA ILE C 14 0.43 31.61 -23.86
C ILE C 14 0.89 31.12 -22.49
N PHE C 15 2.06 30.46 -22.44
CA PHE C 15 2.57 29.92 -21.19
C PHE C 15 3.64 30.79 -20.55
N ASN C 16 4.39 31.52 -21.38
CA ASN C 16 5.42 32.41 -20.88
C ASN C 16 4.83 33.38 -19.85
N ASN C 17 3.69 33.97 -20.20
CA ASN C 17 3.02 34.92 -19.33
C ASN C 17 1.82 34.27 -18.65
N LEU C 18 1.84 34.22 -17.32
CA LEU C 18 0.73 33.66 -16.55
C LEU C 18 0.70 34.17 -15.13
N SER C 19 -0.51 34.46 -14.65
CA SER C 19 -0.73 34.83 -13.26
C SER C 19 -2.13 34.37 -12.87
N GLN C 20 -2.39 34.33 -11.57
CA GLN C 20 -3.71 33.96 -11.08
C GLN C 20 -4.79 34.85 -11.68
N SER C 21 -4.39 36.01 -12.18
CA SER C 21 -5.31 36.96 -12.79
C SER C 21 -5.80 36.52 -14.17
N ASN C 22 -4.90 36.59 -15.16
CA ASN C 22 -5.26 36.35 -16.55
C ASN C 22 -5.48 34.87 -16.89
N MET C 23 -5.70 34.05 -15.87
CA MET C 23 -5.87 32.61 -16.08
C MET C 23 -7.07 32.32 -16.98
N THR C 24 -8.24 32.84 -16.59
CA THR C 24 -9.48 32.54 -17.30
C THR C 24 -9.40 32.92 -18.78
N GLN C 25 -8.79 34.06 -19.06
CA GLN C 25 -8.68 34.56 -20.43
C GLN C 25 -7.69 33.73 -21.24
N LYS C 26 -6.56 33.37 -20.63
CA LYS C 26 -5.54 32.59 -21.31
C LYS C 26 -6.04 31.20 -21.71
N VAL C 27 -7.02 30.69 -20.96
CA VAL C 27 -7.57 29.37 -21.24
C VAL C 27 -8.43 29.38 -22.49
N GLU C 28 -9.32 30.36 -22.58
CA GLU C 28 -10.18 30.50 -23.76
C GLU C 28 -9.32 30.88 -24.96
N GLU C 29 -8.29 31.68 -24.71
CA GLU C 29 -7.34 32.08 -25.74
C GLU C 29 -6.63 30.86 -26.35
N LEU C 30 -6.72 29.73 -25.66
CA LEU C 30 -6.09 28.50 -26.11
C LEU C 30 -7.01 27.69 -27.02
N LYS C 31 -8.25 27.49 -26.59
CA LYS C 31 -9.22 26.71 -27.35
C LYS C 31 -9.55 27.33 -28.70
N GLU C 32 -9.37 28.65 -28.82
CA GLU C 32 -9.77 29.37 -30.03
C GLU C 32 -8.66 29.38 -31.08
N THR C 33 -7.42 29.29 -30.64
CA THR C 33 -6.28 29.36 -31.56
C THR C 33 -5.77 27.98 -31.96
N VAL C 34 -5.69 27.07 -31.00
CA VAL C 34 -5.14 25.75 -31.25
C VAL C 34 -6.25 24.74 -31.56
N LYS C 35 -5.99 23.89 -32.55
CA LYS C 35 -6.98 22.90 -32.98
C LYS C 35 -6.97 21.66 -32.10
N GLU C 36 -8.07 20.93 -32.12
CA GLU C 36 -8.23 19.72 -31.31
C GLU C 36 -7.16 18.69 -31.64
N GLU C 37 -6.74 18.63 -32.89
CA GLU C 37 -5.75 17.65 -33.32
C GLU C 37 -4.35 17.97 -32.80
N PHE C 38 -4.14 19.23 -32.44
CA PHE C 38 -2.81 19.69 -32.05
C PHE C 38 -2.57 19.64 -30.54
N MET C 39 -3.56 19.17 -29.79
CA MET C 39 -3.48 19.11 -28.33
C MET C 39 -2.31 18.25 -27.86
N PRO C 40 -2.05 17.12 -28.52
CA PRO C 40 -0.94 16.27 -28.09
C PRO C 40 0.40 17.00 -28.12
N TRP C 41 0.60 17.87 -29.12
CA TRP C 41 1.84 18.63 -29.20
C TRP C 41 1.87 19.69 -28.10
N VAL C 42 0.71 20.20 -27.73
CA VAL C 42 0.64 21.23 -26.69
C VAL C 42 1.02 20.66 -25.33
N SER C 43 0.62 19.41 -25.07
CA SER C 43 0.95 18.75 -23.81
C SER C 43 2.42 18.36 -23.79
N GLN C 44 2.96 18.08 -24.96
CA GLN C 44 4.38 17.77 -25.10
C GLN C 44 5.23 19.01 -24.84
N TYR C 45 4.76 20.17 -25.26
CA TYR C 45 5.48 21.42 -25.01
C TYR C 45 5.40 21.81 -23.54
N LEU C 46 4.19 21.75 -22.98
CA LEU C 46 3.97 22.16 -21.61
C LEU C 46 4.83 21.36 -20.62
N VAL C 47 4.96 20.07 -20.88
CA VAL C 47 5.66 19.18 -19.96
C VAL C 47 7.19 19.25 -20.10
N MET C 48 7.67 19.42 -21.33
CA MET C 48 9.10 19.36 -21.60
C MET C 48 9.79 20.72 -21.51
N LYS C 49 9.11 21.79 -21.93
CA LYS C 49 9.76 23.09 -22.08
C LYS C 49 9.36 24.07 -20.98
N ARG C 50 8.36 23.72 -20.18
CA ARG C 50 7.87 24.60 -19.13
C ARG C 50 7.95 23.95 -17.75
N VAL C 51 7.36 22.76 -17.63
CA VAL C 51 7.30 22.05 -16.37
C VAL C 51 8.64 21.44 -15.96
N SER C 52 9.33 20.83 -16.91
CA SER C 52 10.61 20.17 -16.65
C SER C 52 11.66 21.10 -16.06
N ILE C 53 11.69 22.34 -16.56
CA ILE C 53 12.81 23.23 -16.29
C ILE C 53 12.63 24.07 -15.03
N GLU C 54 11.48 24.71 -14.89
CA GLU C 54 11.26 25.63 -13.77
C GLU C 54 10.06 25.19 -12.91
N PRO C 55 10.33 24.75 -11.67
CA PRO C 55 9.31 24.35 -10.70
C PRO C 55 8.52 25.53 -10.11
N ASN C 56 8.95 26.74 -10.43
CA ASN C 56 8.41 27.94 -9.80
C ASN C 56 6.93 28.18 -10.16
N PHE C 57 6.55 27.81 -11.37
CA PHE C 57 5.21 28.13 -11.88
C PHE C 57 4.34 26.89 -11.98
N HIS C 58 4.68 25.86 -11.21
CA HIS C 58 3.92 24.61 -11.26
C HIS C 58 2.48 24.79 -10.75
N SER C 59 2.31 25.68 -9.78
CA SER C 59 0.98 26.01 -9.29
C SER C 59 0.14 26.56 -10.42
N LEU C 60 0.71 27.51 -11.16
CA LEU C 60 0.00 28.15 -12.26
C LEU C 60 -0.40 27.13 -13.33
N TYR C 61 0.54 26.29 -13.73
CA TYR C 61 0.27 25.27 -14.75
C TYR C 61 -0.78 24.28 -14.27
N SER C 62 -0.78 24.00 -12.97
CA SER C 62 -1.79 23.13 -12.39
C SER C 62 -3.15 23.84 -12.38
N ASN C 63 -3.15 25.09 -11.94
CA ASN C 63 -4.35 25.91 -11.96
C ASN C 63 -4.89 26.08 -13.37
N PHE C 64 -4.01 25.92 -14.35
CA PHE C 64 -4.40 26.02 -15.76
C PHE C 64 -5.27 24.83 -16.15
N LEU C 65 -4.77 23.62 -15.90
CA LEU C 65 -5.49 22.40 -16.27
C LEU C 65 -6.84 22.31 -15.58
N ASP C 66 -6.91 22.82 -14.35
CA ASP C 66 -8.15 22.82 -13.59
C ASP C 66 -9.15 23.77 -14.24
N THR C 67 -8.67 24.93 -14.65
CA THR C 67 -9.53 25.94 -15.28
C THR C 67 -9.99 25.44 -16.64
N LEU C 68 -9.09 24.82 -17.38
CA LEU C 68 -9.40 24.31 -18.72
C LEU C 68 -10.54 23.30 -18.66
N LYS C 69 -10.45 22.34 -17.74
CA LYS C 69 -11.46 21.30 -17.59
C LYS C 69 -11.54 20.41 -18.84
N ASN C 70 -10.41 19.82 -19.21
CA ASN C 70 -10.37 18.90 -20.34
C ASN C 70 -9.74 17.57 -19.91
N PRO C 71 -10.57 16.58 -19.59
CA PRO C 71 -10.07 15.30 -19.09
C PRO C 71 -9.20 14.58 -20.13
N GLU C 72 -9.58 14.69 -21.39
CA GLU C 72 -8.84 14.03 -22.46
C GLU C 72 -7.45 14.65 -22.60
N PHE C 73 -7.32 15.91 -22.20
CA PHE C 73 -6.05 16.61 -22.26
C PHE C 73 -5.23 16.35 -21.01
N ASN C 74 -5.88 16.45 -19.85
CA ASN C 74 -5.23 16.15 -18.58
C ASN C 74 -4.57 14.78 -18.61
N LYS C 75 -5.13 13.88 -19.41
CA LYS C 75 -4.60 12.53 -19.55
C LYS C 75 -3.37 12.54 -20.45
N MET C 76 -3.36 13.44 -21.42
CA MET C 76 -2.20 13.60 -22.30
C MET C 76 -1.02 14.10 -21.48
N VAL C 77 -1.27 15.11 -20.67
CA VAL C 77 -0.24 15.69 -19.82
C VAL C 77 0.33 14.64 -18.86
N LEU C 78 -0.54 13.90 -18.20
CA LEU C 78 -0.10 12.87 -17.26
C LEU C 78 0.76 11.81 -17.93
N ASN C 79 0.34 11.39 -19.12
CA ASN C 79 1.09 10.39 -19.87
C ASN C 79 2.41 10.93 -20.43
N GLU C 80 2.43 12.22 -20.77
CA GLU C 80 3.67 12.84 -21.23
C GLU C 80 4.66 12.94 -20.07
N THR C 81 4.14 13.28 -18.90
CA THR C 81 4.96 13.37 -17.69
C THR C 81 5.65 12.04 -17.43
N TYR C 82 4.88 10.97 -17.38
CA TYR C 82 5.43 9.63 -17.21
C TYR C 82 6.47 9.32 -18.28
N ARG C 83 6.17 9.70 -19.51
CA ARG C 83 7.06 9.41 -20.62
C ARG C 83 8.43 10.03 -20.38
N ASN C 84 8.45 11.34 -20.11
CA ASN C 84 9.70 12.06 -19.93
C ASN C 84 10.45 11.57 -18.69
N ILE C 85 9.71 11.24 -17.64
CA ILE C 85 10.31 10.70 -16.43
C ILE C 85 11.12 9.44 -16.74
N LYS C 86 10.55 8.58 -17.58
CA LYS C 86 11.20 7.31 -17.90
C LYS C 86 12.39 7.53 -18.84
N VAL C 87 12.33 8.58 -19.66
CA VAL C 87 13.48 8.96 -20.48
C VAL C 87 14.69 9.10 -19.56
N LEU C 88 14.54 10.00 -18.58
CA LEU C 88 15.62 10.29 -17.64
C LEU C 88 16.00 9.06 -16.83
N LEU C 89 15.03 8.20 -16.54
CA LEU C 89 15.29 6.99 -15.75
C LEU C 89 16.03 5.90 -16.53
N THR C 90 16.05 6.01 -17.85
CA THR C 90 16.77 5.04 -18.67
C THR C 90 17.94 5.67 -19.42
N SER C 91 18.26 6.91 -19.10
CA SER C 91 19.37 7.59 -19.73
C SER C 91 20.67 7.12 -19.10
N ASP C 92 21.78 7.36 -19.79
CA ASP C 92 23.09 7.10 -19.20
C ASP C 92 23.29 8.09 -18.05
N LYS C 93 23.78 7.59 -16.93
CA LYS C 93 23.85 8.39 -15.71
C LYS C 93 25.28 8.61 -15.25
N ALA C 94 25.63 9.87 -15.05
CA ALA C 94 26.97 10.25 -14.68
C ALA C 94 26.93 11.25 -13.53
N ALA C 95 27.99 11.26 -12.73
CA ALA C 95 28.14 12.21 -11.64
C ALA C 95 28.04 13.66 -12.12
N ALA C 96 28.46 13.91 -13.36
CA ALA C 96 28.48 15.28 -13.89
C ALA C 96 27.10 15.75 -14.34
N ASN C 97 26.14 14.83 -14.45
CA ASN C 97 24.82 15.17 -14.96
C ASN C 97 23.90 15.77 -13.92
N PHE C 98 24.26 16.95 -13.40
CA PHE C 98 23.45 17.61 -12.39
C PHE C 98 22.12 18.09 -12.96
N SER C 99 22.12 18.49 -14.23
CA SER C 99 20.93 19.07 -14.84
C SER C 99 19.84 18.04 -15.09
N ASP C 100 20.23 16.83 -15.52
CA ASP C 100 19.26 15.77 -15.72
C ASP C 100 18.48 15.49 -14.44
N ARG C 101 19.21 15.31 -13.35
CA ARG C 101 18.61 15.10 -12.04
C ARG C 101 17.64 16.23 -11.67
N SER C 102 18.02 17.46 -11.98
CA SER C 102 17.16 18.60 -11.70
C SER C 102 15.86 18.46 -12.50
N LEU C 103 15.98 18.07 -13.76
CA LEU C 103 14.80 17.89 -14.60
C LEU C 103 13.89 16.82 -13.99
N LEU C 104 14.51 15.72 -13.56
CA LEU C 104 13.77 14.59 -12.99
C LEU C 104 13.07 14.97 -11.70
N LYS C 105 13.79 15.65 -10.81
CA LYS C 105 13.22 16.12 -9.54
C LYS C 105 12.02 17.03 -9.80
N ASN C 106 12.11 17.84 -10.85
CA ASN C 106 11.02 18.74 -11.21
C ASN C 106 9.84 17.94 -11.72
N LEU C 107 10.08 17.03 -12.65
CA LEU C 107 9.04 16.15 -13.18
C LEU C 107 8.36 15.39 -12.04
N GLY C 108 9.14 14.99 -11.05
CA GLY C 108 8.60 14.30 -9.88
C GLY C 108 7.69 15.19 -9.07
N HIS C 109 8.13 16.41 -8.79
CA HIS C 109 7.33 17.38 -8.08
C HIS C 109 6.00 17.59 -8.81
N TRP C 110 6.07 17.61 -10.15
CA TRP C 110 4.88 17.87 -10.96
C TRP C 110 3.95 16.66 -10.95
N LEU C 111 4.52 15.47 -11.12
CA LEU C 111 3.74 14.25 -11.07
C LEU C 111 2.92 14.20 -9.78
N GLY C 112 3.51 14.68 -8.69
CA GLY C 112 2.85 14.69 -7.40
C GLY C 112 1.65 15.60 -7.37
N MET C 113 1.75 16.72 -8.09
CA MET C 113 0.72 17.74 -8.07
C MET C 113 -0.51 17.35 -8.89
N ILE C 114 -0.32 16.50 -9.91
CA ILE C 114 -1.42 16.14 -10.79
C ILE C 114 -1.98 14.75 -10.48
N THR C 115 -1.42 14.09 -9.47
CA THR C 115 -1.98 12.82 -8.98
C THR C 115 -2.33 12.91 -7.50
N LEU C 116 -1.33 12.76 -6.64
CA LEU C 116 -1.57 12.71 -5.20
C LEU C 116 -2.29 13.96 -4.69
N ALA C 117 -1.82 15.14 -5.09
CA ALA C 117 -2.41 16.39 -4.63
C ALA C 117 -3.88 16.46 -5.02
N LYS C 118 -4.22 15.87 -6.16
CA LYS C 118 -5.59 15.89 -6.68
C LYS C 118 -6.33 14.60 -6.33
N ASN C 119 -5.87 13.94 -5.28
CA ASN C 119 -6.49 12.73 -4.76
C ASN C 119 -6.55 11.57 -5.76
N LYS C 120 -5.73 11.63 -6.79
CA LYS C 120 -5.64 10.55 -7.76
C LYS C 120 -4.37 9.76 -7.50
N PRO C 121 -4.41 8.43 -7.72
CA PRO C 121 -3.26 7.57 -7.43
C PRO C 121 -2.19 7.59 -8.51
N ILE C 122 -0.98 7.20 -8.15
CA ILE C 122 0.04 6.89 -9.15
C ILE C 122 -0.11 5.41 -9.47
N LEU C 123 -0.71 5.12 -10.62
CA LEU C 123 -1.04 3.75 -10.99
C LEU C 123 0.18 2.85 -11.12
N HIS C 124 0.10 1.70 -10.45
CA HIS C 124 1.14 0.69 -10.49
C HIS C 124 1.56 0.38 -11.93
N THR C 125 0.61 0.38 -12.85
CA THR C 125 0.90 0.08 -14.26
C THR C 125 1.71 1.20 -14.89
N ASP C 126 1.44 2.43 -14.48
CA ASP C 126 2.19 3.58 -14.97
C ASP C 126 3.60 3.60 -14.37
N LEU C 127 3.69 3.46 -13.06
CA LEU C 127 4.97 3.59 -12.36
C LEU C 127 4.89 2.89 -11.00
N ASP C 128 5.85 2.03 -10.71
CA ASP C 128 5.88 1.28 -9.46
C ASP C 128 6.96 1.86 -8.54
N VAL C 129 6.57 2.81 -7.69
CA VAL C 129 7.54 3.57 -6.90
C VAL C 129 8.31 2.69 -5.94
N LYS C 130 7.61 1.74 -5.32
CA LYS C 130 8.24 0.81 -4.38
C LYS C 130 9.38 0.04 -5.03
N SER C 131 9.12 -0.46 -6.23
CA SER C 131 10.12 -1.24 -6.96
C SER C 131 11.26 -0.37 -7.47
N LEU C 132 10.96 0.87 -7.83
CA LEU C 132 11.98 1.80 -8.30
C LEU C 132 13.06 1.99 -7.24
N LEU C 133 12.64 2.20 -6.00
CA LEU C 133 13.58 2.38 -4.90
C LEU C 133 14.41 1.13 -4.65
N LEU C 134 13.81 -0.05 -4.74
CA LEU C 134 14.53 -1.29 -4.50
C LEU C 134 15.48 -1.61 -5.64
N GLU C 135 15.08 -1.27 -6.85
CA GLU C 135 15.92 -1.47 -8.03
C GLU C 135 17.13 -0.55 -7.96
N ALA C 136 16.90 0.71 -7.60
CA ALA C 136 17.97 1.69 -7.48
C ALA C 136 19.02 1.21 -6.48
N TYR C 137 18.57 0.65 -5.37
CA TYR C 137 19.45 0.14 -4.32
C TYR C 137 20.42 -0.93 -4.82
N VAL C 138 19.94 -1.88 -5.61
CA VAL C 138 20.78 -2.96 -6.08
C VAL C 138 21.72 -2.53 -7.19
N LYS C 139 21.29 -1.54 -7.97
CA LYS C 139 22.13 -1.02 -9.04
C LYS C 139 23.27 -0.16 -8.49
N GLY C 140 22.99 0.64 -7.47
CA GLY C 140 24.05 1.34 -6.75
C GLY C 140 23.83 2.82 -6.47
N GLN C 141 24.88 3.46 -5.96
CA GLN C 141 24.81 4.85 -5.53
C GLN C 141 24.33 5.79 -6.63
N GLN C 142 24.75 5.55 -7.87
CA GLN C 142 24.39 6.45 -8.97
C GLN C 142 22.87 6.50 -9.13
N GLU C 143 22.25 5.33 -9.28
CA GLU C 143 20.80 5.25 -9.46
C GLU C 143 20.06 5.73 -8.22
N LEU C 144 20.61 5.44 -7.05
CA LEU C 144 20.05 5.89 -5.78
C LEU C 144 20.01 7.42 -5.69
N LEU C 145 21.03 8.06 -6.24
CA LEU C 145 21.10 9.52 -6.28
C LEU C 145 19.99 10.10 -7.15
N TYR C 146 19.67 9.41 -8.24
CA TYR C 146 18.63 9.86 -9.17
C TYR C 146 17.23 9.68 -8.57
N VAL C 147 17.01 8.53 -7.93
CA VAL C 147 15.66 8.09 -7.59
C VAL C 147 15.11 8.56 -6.23
N VAL C 148 15.97 8.59 -5.21
CA VAL C 148 15.53 9.01 -3.88
C VAL C 148 15.03 10.46 -3.85
N PRO C 149 15.80 11.40 -4.40
CA PRO C 149 15.27 12.77 -4.45
C PRO C 149 14.03 12.89 -5.33
N PHE C 150 13.96 12.13 -6.40
CA PHE C 150 12.79 12.17 -7.29
C PHE C 150 11.55 11.74 -6.54
N VAL C 151 11.66 10.61 -5.84
CA VAL C 151 10.54 10.09 -5.06
C VAL C 151 10.10 11.08 -3.98
N ALA C 152 11.09 11.70 -3.33
CA ALA C 152 10.80 12.66 -2.29
C ALA C 152 9.93 13.78 -2.84
N LYS C 153 10.29 14.29 -4.01
CA LYS C 153 9.55 15.38 -4.63
C LYS C 153 8.10 14.96 -4.92
N VAL C 154 7.92 13.68 -5.24
CA VAL C 154 6.57 13.16 -5.51
C VAL C 154 5.73 13.15 -4.24
N LEU C 155 6.26 12.53 -3.19
CA LEU C 155 5.54 12.41 -1.93
C LEU C 155 5.30 13.73 -1.21
N GLU C 156 6.00 14.78 -1.63
CA GLU C 156 5.82 16.09 -1.03
C GLU C 156 4.36 16.53 -1.13
N SER C 157 3.68 16.08 -2.17
CA SER C 157 2.31 16.49 -2.43
C SER C 157 1.31 15.73 -1.54
N SER C 158 1.73 14.59 -1.00
CA SER C 158 0.84 13.70 -0.26
C SER C 158 0.27 14.37 1.00
N ILE C 159 1.00 15.31 1.57
CA ILE C 159 0.54 15.98 2.78
C ILE C 159 -0.65 16.87 2.48
N ARG C 160 -0.74 17.37 1.26
CA ARG C 160 -1.82 18.27 0.88
C ARG C 160 -3.09 17.51 0.50
N SER C 161 -3.05 16.18 0.65
CA SER C 161 -4.13 15.32 0.15
C SER C 161 -4.89 14.59 1.24
N VAL C 162 -6.20 14.80 1.28
CA VAL C 162 -7.08 14.10 2.21
C VAL C 162 -6.87 12.59 2.11
N VAL C 163 -6.77 12.09 0.89
CA VAL C 163 -6.51 10.68 0.63
C VAL C 163 -5.11 10.22 1.03
N PHE C 164 -4.09 10.78 0.39
CA PHE C 164 -2.74 10.22 0.46
C PHE C 164 -1.93 10.68 1.67
N ARG C 165 -2.42 11.70 2.35
CA ARG C 165 -1.77 12.17 3.58
C ARG C 165 -1.52 10.99 4.51
N PRO C 166 -0.42 11.02 5.28
CA PRO C 166 -0.22 9.95 6.25
C PRO C 166 -1.42 9.86 7.19
N PRO C 167 -1.78 8.66 7.66
CA PRO C 167 -1.09 7.39 7.52
C PRO C 167 -1.60 6.52 6.37
N ASN C 168 -1.90 7.13 5.23
CA ASN C 168 -2.28 6.36 4.04
C ASN C 168 -1.37 5.13 3.93
N PRO C 169 -1.95 3.94 3.73
CA PRO C 169 -1.14 2.71 3.66
C PRO C 169 -0.14 2.67 2.52
N TRP C 170 -0.44 3.27 1.37
CA TRP C 170 0.52 3.29 0.27
C TRP C 170 1.64 4.28 0.60
N THR C 171 1.26 5.51 0.89
CA THR C 171 2.23 6.53 1.25
C THR C 171 3.16 6.03 2.34
N MET C 172 2.58 5.36 3.34
CA MET C 172 3.36 4.82 4.46
C MET C 172 4.23 3.63 4.02
N ALA C 173 3.81 2.91 2.99
CA ALA C 173 4.61 1.81 2.46
C ALA C 173 5.89 2.35 1.87
N ILE C 174 5.76 3.44 1.11
CA ILE C 174 6.91 4.04 0.47
C ILE C 174 7.83 4.62 1.54
N MET C 175 7.24 5.35 2.50
CA MET C 175 8.02 6.00 3.56
C MET C 175 8.84 4.98 4.34
N ASN C 176 8.29 3.79 4.52
CA ASN C 176 8.97 2.74 5.27
C ASN C 176 10.12 2.13 4.48
N VAL C 177 10.04 2.18 3.15
CA VAL C 177 11.16 1.76 2.32
C VAL C 177 12.32 2.74 2.49
N LEU C 178 11.97 4.03 2.51
CA LEU C 178 12.97 5.08 2.66
C LEU C 178 13.59 4.98 4.05
N ALA C 179 12.75 4.74 5.05
CA ALA C 179 13.23 4.60 6.42
C ALA C 179 14.27 3.49 6.53
N GLU C 180 14.13 2.47 5.69
CA GLU C 180 15.05 1.35 5.71
C GLU C 180 16.34 1.72 5.01
N LEU C 181 16.19 2.42 3.89
CA LEU C 181 17.33 2.96 3.18
C LEU C 181 18.14 3.84 4.16
N HIS C 182 17.43 4.70 4.89
CA HIS C 182 18.06 5.68 5.77
C HIS C 182 18.94 5.03 6.83
N GLN C 183 18.73 3.73 7.06
CA GLN C 183 19.48 3.01 8.08
C GLN C 183 20.75 2.37 7.54
N GLU C 184 20.79 2.13 6.24
CA GLU C 184 22.01 1.62 5.60
C GLU C 184 23.18 2.54 5.96
N HIS C 185 24.23 1.96 6.54
CA HIS C 185 25.35 2.75 7.03
C HIS C 185 26.06 3.52 5.92
N ASP C 186 26.14 2.92 4.74
CA ASP C 186 26.91 3.50 3.65
C ASP C 186 26.04 4.22 2.61
N LEU C 187 24.86 4.66 3.01
CA LEU C 187 24.03 5.48 2.14
C LEU C 187 24.55 6.91 2.20
N LYS C 188 24.70 7.54 1.04
CA LYS C 188 25.28 8.88 0.98
C LYS C 188 24.57 9.85 1.92
N LEU C 189 25.35 10.67 2.60
CA LEU C 189 24.84 11.64 3.58
C LEU C 189 23.76 12.54 2.98
N ASN C 190 23.97 13.00 1.76
CA ASN C 190 23.01 13.88 1.11
C ASN C 190 21.64 13.23 0.97
N LEU C 191 21.61 11.94 0.68
CA LEU C 191 20.36 11.23 0.56
C LEU C 191 19.73 10.98 1.93
N LYS C 192 20.56 10.75 2.95
CA LYS C 192 20.05 10.64 4.31
C LYS C 192 19.39 11.94 4.72
N PHE C 193 19.97 13.04 4.28
CA PHE C 193 19.41 14.36 4.54
C PHE C 193 18.13 14.51 3.73
N GLU C 194 18.18 14.08 2.47
CA GLU C 194 17.04 14.20 1.58
C GLU C 194 15.80 13.53 2.19
N ILE C 195 16.02 12.42 2.88
CA ILE C 195 14.95 11.65 3.50
C ILE C 195 14.42 12.29 4.79
N GLU C 196 15.34 12.76 5.62
CA GLU C 196 14.96 13.44 6.86
C GLU C 196 14.10 14.67 6.56
N VAL C 197 14.46 15.41 5.52
CA VAL C 197 13.72 16.61 5.16
C VAL C 197 12.30 16.22 4.74
N LEU C 198 12.19 15.11 4.01
CA LEU C 198 10.91 14.62 3.53
C LEU C 198 9.96 14.27 4.68
N CYS C 199 10.50 13.62 5.70
CA CYS C 199 9.70 13.28 6.89
C CYS C 199 9.11 14.55 7.48
N LYS C 200 9.88 15.64 7.50
CA LYS C 200 9.42 16.88 8.10
C LYS C 200 8.38 17.58 7.24
N ASN C 201 8.50 17.47 5.91
CA ASN C 201 7.47 18.00 5.02
C ASN C 201 6.14 17.29 5.24
N LEU C 202 6.19 16.00 5.55
CA LEU C 202 4.98 15.22 5.81
C LEU C 202 4.66 15.18 7.30
N ALA C 203 5.43 15.92 8.08
CA ALA C 203 5.20 16.03 9.53
C ALA C 203 5.29 14.66 10.19
N LEU C 204 6.35 13.92 9.88
CA LEU C 204 6.58 12.59 10.41
C LEU C 204 7.85 12.54 11.26
N ASP C 205 7.82 11.72 12.30
CA ASP C 205 9.01 11.43 13.08
C ASP C 205 9.68 10.20 12.47
N ILE C 206 10.83 10.40 11.83
CA ILE C 206 11.49 9.31 11.12
C ILE C 206 11.69 8.09 12.01
N ASN C 207 11.82 8.32 13.31
CA ASN C 207 12.04 7.23 14.26
C ASN C 207 10.78 6.43 14.56
N GLU C 208 9.62 7.04 14.33
CA GLU C 208 8.34 6.35 14.52
C GLU C 208 8.00 5.49 13.30
N LEU C 209 8.77 5.64 12.22
CA LEU C 209 8.54 4.84 11.02
C LEU C 209 8.85 3.36 11.31
N LYS C 210 8.52 2.49 10.36
CA LYS C 210 8.70 1.05 10.54
C LYS C 210 9.48 0.42 9.39
N PRO C 211 10.81 0.52 9.44
CA PRO C 211 11.65 -0.09 8.40
C PRO C 211 11.57 -1.62 8.46
N GLY C 212 11.45 -2.27 7.30
CA GLY C 212 11.38 -3.71 7.25
C GLY C 212 12.69 -4.35 6.85
N ASN C 213 12.62 -5.36 5.99
CA ASN C 213 13.79 -6.08 5.54
C ASN C 213 13.73 -6.38 4.04
N LEU C 214 13.11 -5.47 3.29
CA LEU C 214 13.03 -5.59 1.84
C LEU C 214 14.41 -5.64 1.22
N LEU C 215 15.35 -4.90 1.80
CA LEU C 215 16.70 -4.80 1.26
C LEU C 215 17.53 -6.06 1.51
N LYS C 216 16.96 -7.03 2.21
CA LYS C 216 17.68 -8.26 2.53
C LYS C 216 17.11 -9.48 1.81
N ASP C 217 15.94 -9.32 1.18
CA ASP C 217 15.29 -10.44 0.51
C ASP C 217 16.22 -11.09 -0.51
N LYS C 218 16.86 -10.29 -1.35
CA LYS C 218 17.77 -10.82 -2.35
C LYS C 218 17.02 -11.51 -3.48
N ASP C 219 16.19 -12.49 -3.13
CA ASP C 219 15.38 -13.19 -4.12
C ASP C 219 14.42 -12.23 -4.82
N ARG C 220 13.75 -11.37 -4.05
CA ARG C 220 12.88 -10.35 -4.61
C ARG C 220 13.68 -9.39 -5.46
N LEU C 221 14.86 -9.01 -4.96
CA LEU C 221 15.70 -8.00 -5.62
C LEU C 221 16.20 -8.47 -6.98
N LYS C 222 16.30 -9.78 -7.15
CA LYS C 222 16.83 -10.34 -8.40
C LYS C 222 15.74 -10.46 -9.46
N ASN C 223 14.48 -10.40 -9.03
CA ASN C 223 13.36 -10.57 -9.95
C ASN C 223 12.55 -9.29 -10.23
N LEU C 224 13.02 -8.16 -9.74
CA LEU C 224 12.30 -6.90 -9.94
C LEU C 224 12.11 -6.60 -11.41
N ASP C 225 10.97 -5.99 -11.74
CA ASP C 225 10.76 -5.44 -13.08
C ASP C 225 11.60 -4.18 -13.22
N GLU C 226 12.46 -4.14 -14.22
CA GLU C 226 13.41 -3.05 -14.35
C GLU C 226 12.80 -1.79 -14.94
N GLN C 227 12.89 -0.70 -14.19
CA GLN C 227 12.45 0.60 -14.65
C GLN C 227 13.65 1.52 -14.92
N LEU C 228 14.84 1.04 -14.56
CA LEU C 228 16.08 1.80 -14.77
C LEU C 228 16.96 1.12 -15.81
N SER C 229 17.76 1.91 -16.51
CA SER C 229 18.73 1.38 -17.46
C SER C 229 19.98 0.90 -16.73
N ARG D 11 -13.35 -19.94 -11.80
CA ARG D 11 -14.43 -18.95 -11.85
C ARG D 11 -14.38 -18.02 -10.64
N ILE D 12 -14.29 -18.62 -9.46
CA ILE D 12 -14.14 -17.87 -8.22
C ILE D 12 -12.78 -18.19 -7.63
N CYS D 13 -11.84 -17.28 -7.76
CA CYS D 13 -10.48 -17.50 -7.29
C CYS D 13 -10.36 -17.21 -5.81
N GLU D 14 -9.76 -18.15 -5.08
CA GLU D 14 -9.49 -17.97 -3.66
C GLU D 14 -8.12 -17.32 -3.47
N VAL D 15 -8.12 -16.14 -2.86
CA VAL D 15 -6.88 -15.41 -2.65
C VAL D 15 -6.44 -15.47 -1.20
N TRP D 16 -5.16 -15.79 -1.00
CA TRP D 16 -4.57 -15.80 0.33
C TRP D 16 -3.29 -14.99 0.30
N ALA D 17 -2.60 -14.92 1.44
CA ALA D 17 -1.36 -14.16 1.52
C ALA D 17 -0.38 -14.56 0.41
N CYS D 18 -0.34 -15.85 0.09
CA CYS D 18 0.69 -16.39 -0.79
C CYS D 18 0.50 -16.08 -2.27
N ASN D 19 -0.74 -15.84 -2.71
CA ASN D 19 -0.99 -15.59 -4.13
C ASN D 19 -1.66 -14.24 -4.41
N LEU D 20 -1.71 -13.37 -3.39
CA LEU D 20 -2.26 -12.03 -3.54
C LEU D 20 -1.56 -11.24 -4.64
N ASP D 21 -0.24 -11.14 -4.56
CA ASP D 21 0.53 -10.36 -5.52
C ASP D 21 0.22 -10.84 -6.94
N GLU D 22 0.23 -12.15 -7.14
CA GLU D 22 0.02 -12.73 -8.46
C GLU D 22 -1.36 -12.39 -9.01
N GLU D 23 -2.39 -12.51 -8.18
CA GLU D 23 -3.77 -12.23 -8.62
C GLU D 23 -4.02 -10.74 -8.82
N MET D 24 -3.36 -9.90 -8.03
CA MET D 24 -3.50 -8.45 -8.20
C MET D 24 -2.99 -8.04 -9.57
N LYS D 25 -1.98 -8.76 -10.07
CA LYS D 25 -1.43 -8.51 -11.39
C LYS D 25 -2.53 -8.65 -12.44
N LYS D 26 -3.37 -9.67 -12.26
CA LYS D 26 -4.50 -9.92 -13.16
C LYS D 26 -5.59 -8.86 -13.01
N ILE D 27 -5.85 -8.46 -11.77
CA ILE D 27 -6.93 -7.50 -11.51
C ILE D 27 -6.63 -6.12 -12.10
N ARG D 28 -5.37 -5.75 -12.16
CA ARG D 28 -5.00 -4.44 -12.69
C ARG D 28 -5.34 -4.33 -14.17
N GLN D 29 -5.43 -5.47 -14.85
CA GLN D 29 -5.78 -5.48 -16.26
C GLN D 29 -7.29 -5.53 -16.47
N VAL D 30 -7.99 -6.40 -15.76
CA VAL D 30 -9.42 -6.60 -15.99
C VAL D 30 -10.23 -5.35 -15.69
N ILE D 31 -9.74 -4.53 -14.77
CA ILE D 31 -10.44 -3.31 -14.39
C ILE D 31 -10.47 -2.32 -15.55
N ARG D 32 -9.54 -2.49 -16.49
CA ARG D 32 -9.43 -1.57 -17.61
C ARG D 32 -10.54 -1.79 -18.63
N LYS D 33 -11.13 -2.98 -18.61
CA LYS D 33 -12.22 -3.31 -19.51
C LYS D 33 -13.53 -3.54 -18.74
N TYR D 34 -13.42 -4.12 -17.55
CA TYR D 34 -14.59 -4.43 -16.74
C TYR D 34 -14.65 -3.53 -15.51
N ASN D 35 -15.22 -2.35 -15.70
CA ASN D 35 -15.24 -1.29 -14.70
C ASN D 35 -16.36 -1.39 -13.65
N TYR D 36 -17.07 -2.51 -13.63
CA TYR D 36 -18.18 -2.67 -12.67
C TYR D 36 -17.80 -3.63 -11.54
N VAL D 37 -18.00 -3.18 -10.30
CA VAL D 37 -17.46 -3.91 -9.16
C VAL D 37 -18.53 -4.51 -8.27
N ALA D 38 -18.80 -5.79 -8.47
CA ALA D 38 -19.66 -6.53 -7.57
C ALA D 38 -18.86 -6.78 -6.30
N MET D 39 -19.41 -6.35 -5.17
CA MET D 39 -18.72 -6.51 -3.89
C MET D 39 -19.61 -6.85 -2.70
N ASP D 40 -19.11 -7.78 -1.88
CA ASP D 40 -19.67 -8.06 -0.56
C ASP D 40 -18.53 -8.41 0.38
N THR D 41 -18.79 -8.40 1.68
CA THR D 41 -17.79 -8.80 2.65
C THR D 41 -18.41 -9.66 3.75
N GLU D 42 -17.58 -10.40 4.47
CA GLU D 42 -18.02 -11.14 5.64
C GLU D 42 -17.19 -10.72 6.85
N PHE D 43 -17.85 -10.45 7.96
CA PHE D 43 -17.17 -10.06 9.19
C PHE D 43 -17.89 -10.70 10.38
N PRO D 44 -17.33 -10.58 11.59
CA PRO D 44 -17.91 -11.28 12.74
C PRO D 44 -19.19 -10.67 13.29
N GLY D 45 -20.02 -10.08 12.44
CA GLY D 45 -21.27 -9.48 12.89
C GLY D 45 -21.06 -8.23 13.71
N VAL D 46 -21.82 -8.09 14.79
CA VAL D 46 -21.71 -6.94 15.68
C VAL D 46 -21.74 -7.41 17.12
N VAL D 47 -21.09 -6.67 18.01
CA VAL D 47 -20.94 -7.08 19.40
C VAL D 47 -21.37 -6.04 20.42
N ALA D 48 -21.63 -4.80 19.98
CA ALA D 48 -21.91 -3.73 20.93
C ALA D 48 -22.75 -2.59 20.35
N ARG D 49 -23.26 -1.76 21.24
CA ARG D 49 -23.92 -0.51 20.88
C ARG D 49 -23.14 0.64 21.49
N PRO D 50 -23.02 1.76 20.76
CA PRO D 50 -22.26 2.92 21.25
C PRO D 50 -22.83 3.51 22.54
N ILE D 51 -22.00 3.59 23.57
CA ILE D 51 -22.42 4.17 24.85
C ILE D 51 -22.76 5.65 24.70
N GLY D 52 -24.02 5.99 24.96
CA GLY D 52 -24.45 7.38 25.01
C GLY D 52 -25.28 7.81 23.82
N GLU D 53 -25.29 6.98 22.78
CA GLU D 53 -26.12 7.25 21.61
C GLU D 53 -27.50 6.64 21.80
N PHE D 54 -28.49 7.25 21.17
CA PHE D 54 -29.87 6.80 21.32
C PHE D 54 -30.50 6.58 19.95
N ARG D 55 -31.29 5.52 19.83
CA ARG D 55 -31.88 5.11 18.56
C ARG D 55 -32.57 6.27 17.87
N SER D 56 -33.11 7.22 18.64
CA SER D 56 -33.86 8.33 18.09
C SER D 56 -32.98 9.27 17.28
N ASN D 57 -31.70 9.33 17.60
CA ASN D 57 -30.76 10.17 16.87
C ASN D 57 -30.79 9.86 15.37
N ALA D 58 -30.69 10.91 14.56
CA ALA D 58 -30.80 10.78 13.11
C ALA D 58 -29.57 10.08 12.50
N ASP D 59 -28.51 9.94 13.30
CA ASP D 59 -27.27 9.34 12.82
C ASP D 59 -26.90 8.10 13.64
N TYR D 60 -27.85 7.56 14.38
CA TYR D 60 -27.57 6.40 15.22
C TYR D 60 -27.17 5.18 14.39
N GLN D 61 -27.74 5.05 13.20
CA GLN D 61 -27.39 3.94 12.33
C GLN D 61 -25.90 3.95 12.04
N TYR D 62 -25.37 5.10 11.67
CA TYR D 62 -23.95 5.22 11.39
C TYR D 62 -23.12 5.03 12.66
N GLN D 63 -23.59 5.56 13.78
CA GLN D 63 -22.84 5.48 15.04
C GLN D 63 -22.74 4.04 15.52
N LEU D 64 -23.76 3.24 15.21
CA LEU D 64 -23.74 1.82 15.55
C LEU D 64 -22.77 1.08 14.65
N LEU D 65 -22.79 1.44 13.36
CA LEU D 65 -21.83 0.92 12.41
C LEU D 65 -20.42 1.23 12.87
N ARG D 66 -20.13 2.51 13.10
CA ARG D 66 -18.81 2.93 13.52
C ARG D 66 -18.35 2.16 14.76
N CYS D 67 -19.25 2.00 15.72
CA CYS D 67 -18.88 1.39 16.99
C CYS D 67 -18.30 0.00 16.78
N ASN D 68 -18.85 -0.73 15.81
CA ASN D 68 -18.46 -2.13 15.59
C ASN D 68 -17.36 -2.31 14.55
N VAL D 69 -17.46 -1.61 13.44
CA VAL D 69 -16.42 -1.69 12.41
C VAL D 69 -15.04 -1.32 12.99
N ASP D 70 -15.03 -0.38 13.93
CA ASP D 70 -13.76 0.00 14.56
C ASP D 70 -13.22 -1.14 15.42
N LEU D 71 -14.12 -1.97 15.95
CA LEU D 71 -13.76 -3.04 16.88
C LEU D 71 -13.37 -4.36 16.22
N LEU D 72 -14.07 -4.72 15.14
CA LEU D 72 -13.97 -6.07 14.60
C LEU D 72 -13.21 -6.11 13.27
N LYS D 73 -12.50 -7.21 13.06
CA LYS D 73 -11.72 -7.39 11.83
C LYS D 73 -12.51 -8.05 10.72
N ILE D 74 -12.25 -7.63 9.49
CA ILE D 74 -12.86 -8.25 8.32
C ILE D 74 -12.37 -9.68 8.16
N ILE D 75 -13.23 -10.55 7.66
CA ILE D 75 -12.87 -11.94 7.43
C ILE D 75 -12.72 -12.22 5.93
N GLN D 76 -13.53 -11.55 5.12
CA GLN D 76 -13.61 -11.85 3.70
C GLN D 76 -14.06 -10.65 2.86
N LEU D 77 -13.55 -10.56 1.64
CA LEU D 77 -14.01 -9.59 0.67
C LEU D 77 -14.16 -10.32 -0.66
N GLY D 78 -15.25 -10.05 -1.38
CA GLY D 78 -15.48 -10.63 -2.68
C GLY D 78 -15.64 -9.57 -3.75
N LEU D 79 -14.82 -9.64 -4.79
CA LEU D 79 -14.92 -8.73 -5.92
C LEU D 79 -15.29 -9.51 -7.17
N THR D 80 -16.22 -8.97 -7.96
CA THR D 80 -16.64 -9.58 -9.22
C THR D 80 -16.63 -8.53 -10.32
N PHE D 81 -15.92 -8.79 -11.41
CA PHE D 81 -15.78 -7.77 -12.44
C PHE D 81 -16.69 -7.99 -13.64
N MET D 82 -17.31 -6.91 -14.09
CA MET D 82 -18.25 -6.93 -15.21
C MET D 82 -18.16 -5.61 -15.96
N ASN D 83 -18.78 -5.55 -17.14
CA ASN D 83 -18.81 -4.32 -17.93
C ASN D 83 -20.22 -3.75 -18.06
N GLU D 84 -20.35 -2.67 -18.82
CA GLU D 84 -21.64 -2.04 -19.07
C GLU D 84 -22.66 -3.08 -19.53
N GLN D 85 -22.21 -4.01 -20.36
CA GLN D 85 -23.11 -4.99 -21.00
C GLN D 85 -23.48 -6.15 -20.08
N GLY D 86 -22.97 -6.14 -18.84
CA GLY D 86 -23.26 -7.20 -17.90
C GLY D 86 -22.43 -8.45 -18.13
N GLU D 87 -21.54 -8.40 -19.12
CA GLU D 87 -20.70 -9.55 -19.45
C GLU D 87 -19.67 -9.77 -18.34
N TYR D 88 -19.06 -10.95 -18.35
CA TYR D 88 -18.00 -11.27 -17.40
C TYR D 88 -16.68 -11.43 -18.14
N PRO D 89 -15.56 -11.15 -17.45
CA PRO D 89 -14.27 -11.40 -18.09
C PRO D 89 -14.07 -12.88 -18.36
N PRO D 90 -13.26 -13.22 -19.38
CA PRO D 90 -13.03 -14.62 -19.72
C PRO D 90 -12.36 -15.40 -18.59
N GLY D 91 -13.00 -16.50 -18.17
CA GLY D 91 -12.44 -17.34 -17.13
C GLY D 91 -12.83 -16.88 -15.74
N THR D 92 -11.84 -16.42 -14.98
CA THR D 92 -12.08 -15.96 -13.61
C THR D 92 -12.68 -14.57 -13.61
N SER D 93 -13.81 -14.42 -12.91
CA SER D 93 -14.49 -13.14 -12.82
C SER D 93 -14.64 -12.66 -11.38
N THR D 94 -14.44 -13.57 -10.43
CA THR D 94 -14.65 -13.25 -9.03
C THR D 94 -13.46 -13.65 -8.17
N TRP D 95 -12.96 -12.68 -7.39
CA TRP D 95 -11.90 -12.95 -6.44
C TRP D 95 -12.40 -12.86 -5.00
N GLN D 96 -12.07 -13.86 -4.20
CA GLN D 96 -12.48 -13.90 -2.81
C GLN D 96 -11.25 -13.80 -1.94
N PHE D 97 -11.06 -12.62 -1.34
CA PHE D 97 -9.90 -12.39 -0.50
C PHE D 97 -10.17 -12.84 0.92
N ASN D 98 -9.31 -13.72 1.44
CA ASN D 98 -9.45 -14.23 2.80
C ASN D 98 -8.42 -13.59 3.72
N PHE D 99 -8.91 -12.91 4.75
CA PHE D 99 -8.04 -12.10 5.58
C PHE D 99 -7.68 -12.77 6.90
N LYS D 100 -6.54 -12.38 7.44
CA LYS D 100 -6.04 -12.90 8.70
C LYS D 100 -7.11 -12.75 9.78
N PHE D 101 -7.50 -13.87 10.38
CA PHE D 101 -8.44 -13.86 11.48
C PHE D 101 -8.12 -15.00 12.43
N ASN D 102 -8.22 -14.71 13.73
CA ASN D 102 -7.88 -15.69 14.75
C ASN D 102 -9.01 -15.83 15.76
N LEU D 103 -9.57 -17.04 15.83
CA LEU D 103 -10.72 -17.29 16.70
C LEU D 103 -10.37 -17.30 18.18
N THR D 104 -9.08 -17.36 18.49
CA THR D 104 -8.64 -17.45 19.87
C THR D 104 -8.24 -16.10 20.46
N GLU D 105 -8.16 -15.07 19.61
CA GLU D 105 -7.66 -13.78 20.05
C GLU D 105 -8.48 -12.58 19.56
N ASP D 106 -9.11 -12.72 18.40
CA ASP D 106 -9.91 -11.63 17.86
C ASP D 106 -11.30 -11.63 18.47
N MET D 107 -12.00 -10.50 18.34
CA MET D 107 -13.34 -10.36 18.89
C MET D 107 -14.38 -10.72 17.85
N TYR D 108 -15.48 -11.32 18.28
CA TYR D 108 -16.56 -11.67 17.36
C TYR D 108 -17.87 -11.93 18.07
N ALA D 109 -18.96 -11.78 17.32
CA ALA D 109 -20.27 -12.23 17.75
C ALA D 109 -20.34 -13.74 17.52
N GLN D 110 -20.54 -14.49 18.58
CA GLN D 110 -20.56 -15.95 18.49
C GLN D 110 -21.49 -16.47 17.38
N ASP D 111 -22.60 -15.79 17.17
CA ASP D 111 -23.58 -16.21 16.17
C ASP D 111 -23.03 -16.17 14.76
N SER D 112 -22.32 -15.09 14.44
CA SER D 112 -21.73 -14.95 13.12
C SER D 112 -20.71 -16.06 12.86
N ILE D 113 -19.83 -16.30 13.83
CA ILE D 113 -18.78 -17.28 13.68
C ILE D 113 -19.35 -18.67 13.36
N GLU D 114 -20.44 -19.02 14.05
CA GLU D 114 -21.11 -20.30 13.83
C GLU D 114 -21.78 -20.40 12.46
N LEU D 115 -22.48 -19.35 12.06
CA LEU D 115 -23.04 -19.28 10.71
C LEU D 115 -21.94 -19.40 9.66
N LEU D 116 -20.88 -18.60 9.82
CA LEU D 116 -19.80 -18.58 8.85
C LEU D 116 -19.10 -19.93 8.76
N THR D 117 -18.98 -20.63 9.88
CA THR D 117 -18.42 -21.97 9.89
C THR D 117 -19.31 -22.91 9.10
N THR D 118 -20.61 -22.90 9.42
CA THR D 118 -21.58 -23.71 8.69
C THR D 118 -21.50 -23.42 7.20
N SER D 119 -21.25 -22.18 6.84
CA SER D 119 -21.21 -21.78 5.43
C SER D 119 -19.90 -22.17 4.74
N GLY D 120 -18.94 -22.70 5.49
CA GLY D 120 -17.74 -23.24 4.90
C GLY D 120 -16.46 -22.42 5.09
N ILE D 121 -16.52 -21.39 5.92
CA ILE D 121 -15.33 -20.59 6.21
C ILE D 121 -14.31 -21.43 6.97
N GLN D 122 -13.09 -21.50 6.44
CA GLN D 122 -12.04 -22.33 7.02
C GLN D 122 -11.17 -21.48 7.93
N PHE D 123 -11.62 -21.29 9.17
CA PHE D 123 -10.99 -20.34 10.08
C PHE D 123 -9.54 -20.64 10.42
N LYS D 124 -9.14 -21.90 10.32
CA LYS D 124 -7.76 -22.26 10.62
C LYS D 124 -6.81 -21.75 9.53
N LYS D 125 -7.25 -21.86 8.28
CA LYS D 125 -6.44 -21.38 7.15
C LYS D 125 -6.38 -19.85 7.17
N HIS D 126 -7.47 -19.22 7.58
CA HIS D 126 -7.51 -17.77 7.76
C HIS D 126 -6.47 -17.34 8.78
N GLU D 127 -6.29 -18.17 9.81
CA GLU D 127 -5.41 -17.83 10.93
C GLU D 127 -3.93 -17.96 10.58
N GLU D 128 -3.61 -18.81 9.61
CA GLU D 128 -2.22 -19.12 9.30
C GLU D 128 -1.80 -18.67 7.90
N GLU D 129 -2.76 -18.49 7.00
CA GLU D 129 -2.44 -18.10 5.63
C GLU D 129 -3.30 -16.93 5.13
N GLY D 130 -3.92 -16.20 6.05
CA GLY D 130 -4.77 -15.08 5.68
C GLY D 130 -3.98 -13.85 5.27
N ILE D 131 -4.62 -13.00 4.46
CA ILE D 131 -4.03 -11.75 4.00
C ILE D 131 -4.02 -10.69 5.09
N GLU D 132 -2.97 -9.88 5.13
CA GLU D 132 -2.92 -8.72 6.01
C GLU D 132 -3.67 -7.57 5.36
N THR D 133 -4.60 -6.98 6.09
CA THR D 133 -5.46 -5.95 5.53
C THR D 133 -4.67 -4.70 5.13
N GLN D 134 -3.69 -4.33 5.95
CA GLN D 134 -2.90 -3.15 5.65
C GLN D 134 -2.09 -3.31 4.35
N TYR D 135 -1.55 -4.50 4.12
CA TYR D 135 -0.82 -4.75 2.88
C TYR D 135 -1.76 -4.81 1.70
N PHE D 136 -2.97 -5.34 1.92
CA PHE D 136 -3.98 -5.37 0.88
C PHE D 136 -4.30 -3.95 0.43
N ALA D 137 -4.55 -3.07 1.40
CA ALA D 137 -4.88 -1.67 1.10
C ALA D 137 -3.80 -1.02 0.25
N GLU D 138 -2.54 -1.30 0.57
CA GLU D 138 -1.41 -0.79 -0.18
C GLU D 138 -1.50 -1.15 -1.67
N LEU D 139 -1.87 -2.40 -1.95
CA LEU D 139 -1.93 -2.88 -3.32
C LEU D 139 -3.19 -2.44 -4.05
N LEU D 140 -4.29 -2.32 -3.32
CA LEU D 140 -5.54 -1.88 -3.93
C LEU D 140 -5.45 -0.41 -4.29
N MET D 141 -4.70 0.33 -3.49
CA MET D 141 -4.59 1.79 -3.62
C MET D 141 -4.19 2.22 -5.03
N THR D 142 -3.29 1.47 -5.66
CA THR D 142 -2.73 1.85 -6.94
C THR D 142 -3.12 0.88 -8.04
N SER D 143 -4.30 0.27 -7.91
CA SER D 143 -4.74 -0.77 -8.84
C SER D 143 -5.66 -0.23 -9.93
N GLY D 144 -6.29 0.90 -9.67
CA GLY D 144 -7.29 1.44 -10.57
C GLY D 144 -8.69 1.18 -10.03
N VAL D 145 -8.78 0.20 -9.13
CA VAL D 145 -10.07 -0.23 -8.61
C VAL D 145 -10.70 0.79 -7.67
N VAL D 146 -9.89 1.72 -7.15
CA VAL D 146 -10.40 2.83 -6.35
C VAL D 146 -9.76 4.16 -6.74
N LEU D 147 -10.46 5.25 -6.42
CA LEU D 147 -9.98 6.60 -6.68
C LEU D 147 -10.06 6.99 -8.16
N CYS D 148 -9.73 6.06 -9.04
CA CYS D 148 -9.82 6.32 -10.48
C CYS D 148 -11.27 6.35 -10.92
N GLU D 149 -11.65 7.40 -11.64
CA GLU D 149 -13.03 7.55 -12.10
C GLU D 149 -13.31 6.67 -13.32
N GLY D 150 -14.59 6.38 -13.54
CA GLY D 150 -15.00 5.48 -14.59
C GLY D 150 -15.36 4.12 -14.03
N VAL D 151 -15.14 3.95 -12.73
CA VAL D 151 -15.47 2.70 -12.04
C VAL D 151 -16.76 2.84 -11.27
N LYS D 152 -17.64 1.85 -11.38
CA LYS D 152 -18.93 1.90 -10.72
C LYS D 152 -19.07 0.72 -9.77
N TRP D 153 -19.40 1.01 -8.52
CA TRP D 153 -19.48 -0.03 -7.51
C TRP D 153 -20.91 -0.50 -7.25
N LEU D 154 -21.13 -1.81 -7.34
CA LEU D 154 -22.43 -2.42 -7.09
C LEU D 154 -22.41 -3.19 -5.79
N SER D 155 -23.38 -2.93 -4.92
CA SER D 155 -23.43 -3.57 -3.61
C SER D 155 -24.85 -4.00 -3.26
N PHE D 156 -25.02 -4.56 -2.08
CA PHE D 156 -26.35 -4.89 -1.58
C PHE D 156 -26.40 -4.77 -0.06
N HIS D 157 -27.17 -3.80 0.43
CA HIS D 157 -27.28 -3.56 1.87
C HIS D 157 -25.88 -3.43 2.44
N SER D 158 -25.19 -2.38 2.07
CA SER D 158 -23.73 -2.36 2.13
C SER D 158 -23.10 -1.27 3.01
N GLY D 159 -23.86 -0.75 3.95
CA GLY D 159 -23.29 0.21 4.89
C GLY D 159 -21.97 -0.26 5.49
N TYR D 160 -21.99 -1.46 6.06
CA TYR D 160 -20.83 -2.01 6.76
C TYR D 160 -19.73 -2.46 5.82
N ASP D 161 -20.11 -2.81 4.59
CA ASP D 161 -19.13 -3.24 3.60
C ASP D 161 -18.15 -2.12 3.30
N PHE D 162 -18.68 -0.92 3.07
CA PHE D 162 -17.84 0.25 2.77
C PHE D 162 -17.23 0.80 4.05
N GLY D 163 -17.89 0.56 5.17
CA GLY D 163 -17.33 0.90 6.47
C GLY D 163 -15.99 0.21 6.65
N TYR D 164 -15.94 -1.07 6.26
CA TYR D 164 -14.71 -1.84 6.38
C TYR D 164 -13.66 -1.45 5.34
N LEU D 165 -14.10 -1.08 4.15
CA LEU D 165 -13.18 -0.70 3.08
C LEU D 165 -12.51 0.65 3.38
N ILE D 166 -13.24 1.53 4.05
CA ILE D 166 -12.67 2.82 4.45
C ILE D 166 -11.72 2.62 5.64
N LYS D 167 -12.12 1.83 6.61
CA LYS D 167 -11.25 1.49 7.73
C LYS D 167 -9.92 0.91 7.23
N ILE D 168 -10.02 0.03 6.23
CA ILE D 168 -8.86 -0.63 5.65
C ILE D 168 -8.01 0.34 4.83
N LEU D 169 -8.67 1.13 3.97
CA LEU D 169 -7.96 2.02 3.07
C LEU D 169 -7.38 3.27 3.77
N THR D 170 -8.00 3.72 4.86
CA THR D 170 -7.49 4.88 5.58
C THR D 170 -6.58 4.45 6.72
N ASN D 171 -6.59 3.14 7.02
CA ASN D 171 -5.80 2.61 8.12
C ASN D 171 -6.08 3.35 9.42
N SER D 172 -7.32 3.80 9.59
CA SER D 172 -7.72 4.59 10.74
C SER D 172 -9.11 4.16 11.17
N ASN D 173 -9.51 4.53 12.38
CA ASN D 173 -10.88 4.36 12.79
C ASN D 173 -11.76 5.17 11.84
N LEU D 174 -13.06 4.90 11.87
CA LEU D 174 -13.97 5.64 11.01
C LEU D 174 -14.19 7.05 11.53
N PRO D 175 -14.35 8.02 10.63
CA PRO D 175 -14.60 9.40 11.07
C PRO D 175 -15.76 9.47 12.05
N GLU D 176 -15.65 10.34 13.04
CA GLU D 176 -16.61 10.38 14.14
C GLU D 176 -18.02 10.78 13.69
N GLU D 177 -18.11 11.51 12.59
CA GLU D 177 -19.39 12.04 12.14
C GLU D 177 -19.79 11.52 10.77
N GLU D 178 -21.05 11.13 10.63
CA GLU D 178 -21.55 10.49 9.42
C GLU D 178 -21.25 11.29 8.15
N LEU D 179 -21.30 12.61 8.26
CA LEU D 179 -21.07 13.45 7.08
C LEU D 179 -19.63 13.29 6.60
N ASP D 180 -18.70 13.30 7.55
CA ASP D 180 -17.28 13.17 7.23
C ASP D 180 -17.00 11.81 6.59
N PHE D 181 -17.73 10.79 7.01
CA PHE D 181 -17.57 9.45 6.47
C PHE D 181 -17.94 9.40 4.98
N PHE D 182 -18.86 10.26 4.58
CA PHE D 182 -19.32 10.27 3.19
C PHE D 182 -18.39 11.06 2.27
N GLU D 183 -17.87 12.19 2.75
CA GLU D 183 -16.91 12.95 1.97
C GLU D 183 -15.78 12.03 1.53
N ILE D 184 -15.21 11.28 2.49
CA ILE D 184 -14.07 10.43 2.22
C ILE D 184 -14.47 9.22 1.39
N LEU D 185 -15.73 8.81 1.51
CA LEU D 185 -16.24 7.67 0.78
C LEU D 185 -16.41 7.97 -0.71
N ARG D 186 -16.85 9.19 -1.02
CA ARG D 186 -17.03 9.60 -2.40
C ARG D 186 -15.69 9.65 -3.13
N LEU D 187 -14.61 9.93 -2.40
CA LEU D 187 -13.29 10.03 -3.01
C LEU D 187 -12.78 8.66 -3.46
N PHE D 188 -12.85 7.66 -2.57
CA PHE D 188 -12.45 6.30 -2.90
C PHE D 188 -13.47 5.61 -3.83
N PHE D 189 -14.73 5.94 -3.66
CA PHE D 189 -15.80 5.34 -4.48
C PHE D 189 -16.75 6.41 -5.02
N PRO D 190 -16.36 7.06 -6.12
CA PRO D 190 -17.20 8.14 -6.69
C PRO D 190 -18.62 7.67 -7.01
N VAL D 191 -18.74 6.44 -7.50
CA VAL D 191 -20.03 5.92 -7.93
C VAL D 191 -20.38 4.60 -7.25
N ILE D 192 -21.39 4.63 -6.39
CA ILE D 192 -21.88 3.43 -5.74
C ILE D 192 -23.38 3.27 -5.95
N TYR D 193 -23.79 2.08 -6.37
CA TYR D 193 -25.20 1.73 -6.48
C TYR D 193 -25.50 0.59 -5.51
N ASP D 194 -26.27 0.89 -4.46
CA ASP D 194 -26.69 -0.15 -3.53
C ASP D 194 -28.02 -0.75 -3.99
N VAL D 195 -27.97 -2.01 -4.41
CA VAL D 195 -29.15 -2.69 -4.93
C VAL D 195 -30.33 -2.60 -3.97
N LYS D 196 -30.12 -2.91 -2.70
CA LYS D 196 -31.21 -2.95 -1.73
C LYS D 196 -31.89 -1.58 -1.55
N TYR D 197 -31.20 -0.52 -1.96
CA TYR D 197 -31.79 0.81 -1.94
C TYR D 197 -32.69 0.98 -3.16
N LEU D 198 -32.18 0.54 -4.31
CA LEU D 198 -32.92 0.59 -5.57
C LEU D 198 -34.26 -0.16 -5.49
N MET D 199 -34.25 -1.28 -4.77
CA MET D 199 -35.43 -2.15 -4.68
C MET D 199 -36.69 -1.40 -4.25
N LYS D 200 -36.51 -0.23 -3.63
CA LYS D 200 -37.65 0.56 -3.17
C LYS D 200 -38.50 1.02 -4.35
N SER D 201 -37.86 1.39 -5.45
CA SER D 201 -38.57 1.84 -6.63
C SER D 201 -39.09 0.66 -7.46
N CYS D 202 -38.80 -0.55 -7.00
CA CYS D 202 -39.26 -1.76 -7.68
C CYS D 202 -40.43 -2.38 -6.94
N LYS D 203 -41.54 -2.58 -7.65
CA LYS D 203 -42.73 -3.16 -7.04
C LYS D 203 -42.50 -4.63 -6.69
N ASN D 204 -42.91 -5.01 -5.48
CA ASN D 204 -42.84 -6.39 -5.04
C ASN D 204 -41.41 -6.92 -4.92
N LEU D 205 -40.48 -6.04 -4.61
CA LEU D 205 -39.10 -6.44 -4.32
C LEU D 205 -38.76 -6.13 -2.87
N LYS D 206 -38.47 -7.18 -2.12
CA LYS D 206 -38.19 -7.04 -0.69
C LYS D 206 -37.39 -8.24 -0.19
N GLY D 207 -36.58 -8.01 0.84
CA GLY D 207 -35.87 -9.09 1.50
C GLY D 207 -34.37 -9.06 1.29
N GLY D 208 -33.69 -10.07 1.84
CA GLY D 208 -32.24 -10.17 1.75
C GLY D 208 -31.76 -10.61 0.39
N LEU D 209 -30.44 -10.59 0.19
CA LEU D 209 -29.84 -10.93 -1.09
C LEU D 209 -30.34 -12.28 -1.62
N GLN D 210 -30.48 -13.25 -0.72
CA GLN D 210 -30.88 -14.59 -1.12
C GLN D 210 -32.30 -14.62 -1.67
N GLU D 211 -33.17 -13.84 -1.07
CA GLU D 211 -34.58 -13.82 -1.45
C GLU D 211 -34.74 -13.16 -2.82
N VAL D 212 -34.15 -11.97 -2.96
CA VAL D 212 -34.29 -11.18 -4.18
C VAL D 212 -33.75 -11.93 -5.39
N ALA D 213 -32.77 -12.79 -5.17
CA ALA D 213 -32.24 -13.63 -6.23
C ALA D 213 -33.31 -14.60 -6.70
N GLU D 214 -33.98 -15.23 -5.72
CA GLU D 214 -35.06 -16.16 -6.01
C GLU D 214 -36.23 -15.46 -6.69
N GLN D 215 -36.60 -14.29 -6.18
CA GLN D 215 -37.66 -13.49 -6.80
C GLN D 215 -37.28 -13.09 -8.23
N LEU D 216 -35.99 -12.96 -8.48
CA LEU D 216 -35.49 -12.60 -9.81
C LEU D 216 -35.09 -13.81 -10.63
N GLU D 217 -35.45 -14.99 -10.15
CA GLU D 217 -35.18 -16.24 -10.89
C GLU D 217 -33.70 -16.34 -11.24
N LEU D 218 -32.84 -16.08 -10.27
CA LEU D 218 -31.40 -16.18 -10.47
C LEU D 218 -30.82 -17.42 -9.81
N GLU D 219 -29.91 -18.08 -10.52
CA GLU D 219 -29.23 -19.25 -9.96
C GLU D 219 -27.84 -18.88 -9.47
N ARG D 220 -27.60 -19.11 -8.18
CA ARG D 220 -26.34 -18.76 -7.56
C ARG D 220 -25.23 -19.74 -7.93
N ILE D 221 -24.02 -19.21 -8.05
CA ILE D 221 -22.83 -20.02 -8.29
C ILE D 221 -21.88 -19.87 -7.11
N GLY D 222 -21.64 -20.96 -6.38
CA GLY D 222 -20.70 -20.93 -5.28
C GLY D 222 -21.38 -20.97 -3.92
N PRO D 223 -20.58 -21.07 -2.85
CA PRO D 223 -21.04 -21.19 -1.46
C PRO D 223 -21.85 -20.00 -0.96
N GLN D 224 -22.86 -20.31 -0.13
CA GLN D 224 -23.75 -19.30 0.43
C GLN D 224 -23.06 -18.62 1.63
N HIS D 225 -23.27 -17.31 1.76
CA HIS D 225 -22.69 -16.52 2.85
C HIS D 225 -21.16 -16.49 2.79
N GLN D 226 -20.61 -16.49 1.57
CA GLN D 226 -19.18 -16.25 1.37
C GLN D 226 -19.00 -15.12 0.37
N ALA D 227 -18.11 -14.20 0.69
CA ALA D 227 -18.06 -12.92 -0.01
C ALA D 227 -18.00 -13.07 -1.52
N GLY D 228 -17.24 -14.05 -2.00
CA GLY D 228 -17.05 -14.23 -3.43
C GLY D 228 -18.36 -14.57 -4.14
N SER D 229 -19.02 -15.63 -3.68
CA SER D 229 -20.28 -16.04 -4.26
C SER D 229 -21.33 -14.94 -4.16
N ASP D 230 -21.43 -14.30 -3.00
CA ASP D 230 -22.37 -13.20 -2.79
C ASP D 230 -22.06 -12.02 -3.70
N SER D 231 -20.78 -11.78 -3.97
CA SER D 231 -20.40 -10.65 -4.82
C SER D 231 -20.86 -10.92 -6.25
N LEU D 232 -20.85 -12.18 -6.65
CA LEU D 232 -21.30 -12.57 -7.98
C LEU D 232 -22.81 -12.44 -8.11
N LEU D 233 -23.52 -12.97 -7.12
CA LEU D 233 -24.97 -12.89 -7.07
C LEU D 233 -25.45 -11.44 -7.06
N THR D 234 -24.80 -10.62 -6.24
CA THR D 234 -25.14 -9.21 -6.14
C THR D 234 -25.06 -8.53 -7.51
N GLY D 235 -24.06 -8.92 -8.30
CA GLY D 235 -23.90 -8.37 -9.63
C GLY D 235 -24.97 -8.89 -10.57
N MET D 236 -25.27 -10.17 -10.46
CA MET D 236 -26.35 -10.79 -11.22
C MET D 236 -27.68 -10.11 -10.90
N ALA D 237 -27.87 -9.79 -9.63
CA ALA D 237 -29.10 -9.16 -9.16
C ALA D 237 -29.24 -7.73 -9.67
N PHE D 238 -28.11 -7.05 -9.87
CA PHE D 238 -28.14 -5.67 -10.31
C PHE D 238 -28.53 -5.56 -11.78
N PHE D 239 -27.75 -6.20 -12.65
CA PHE D 239 -27.98 -6.12 -14.09
C PHE D 239 -29.33 -6.70 -14.50
N LYS D 240 -29.73 -7.79 -13.86
CA LYS D 240 -31.04 -8.38 -14.11
C LYS D 240 -32.14 -7.42 -13.68
N MET D 241 -31.95 -6.80 -12.51
CA MET D 241 -32.93 -5.87 -11.98
C MET D 241 -32.94 -4.55 -12.75
N ARG D 242 -31.80 -4.19 -13.34
CA ARG D 242 -31.71 -2.95 -14.10
C ARG D 242 -32.53 -3.05 -15.37
N GLU D 243 -32.37 -4.15 -16.08
CA GLU D 243 -33.07 -4.40 -17.33
C GLU D 243 -34.58 -4.33 -17.19
N MET D 244 -35.11 -4.99 -16.16
CA MET D 244 -36.56 -5.10 -16.00
C MET D 244 -37.20 -3.82 -15.47
N PHE D 245 -36.68 -3.31 -14.36
CA PHE D 245 -37.32 -2.20 -13.66
C PHE D 245 -36.84 -0.81 -14.10
N PHE D 246 -35.69 -0.75 -14.77
CA PHE D 246 -35.07 0.55 -15.09
C PHE D 246 -34.77 0.74 -16.58
N GLU D 247 -35.28 -0.14 -17.43
CA GLU D 247 -35.10 -0.01 -18.87
C GLU D 247 -33.61 0.07 -19.24
N ASP D 248 -32.76 -0.55 -18.44
CA ASP D 248 -31.33 -0.65 -18.74
C ASP D 248 -30.57 0.68 -18.59
N HIS D 249 -31.14 1.61 -17.83
CA HIS D 249 -30.45 2.85 -17.51
C HIS D 249 -30.70 3.26 -16.07
N ILE D 250 -29.62 3.56 -15.34
CA ILE D 250 -29.72 3.98 -13.95
C ILE D 250 -29.51 5.49 -13.83
N ASP D 251 -30.42 6.15 -13.12
CA ASP D 251 -30.32 7.59 -12.91
C ASP D 251 -29.43 7.88 -11.69
N ASP D 252 -28.29 8.51 -11.93
CA ASP D 252 -27.33 8.80 -10.87
C ASP D 252 -27.91 9.67 -9.75
N ALA D 253 -28.40 10.85 -10.11
CA ALA D 253 -28.87 11.82 -9.12
C ALA D 253 -29.78 11.20 -8.07
N LYS D 254 -30.52 10.16 -8.46
CA LYS D 254 -31.52 9.56 -7.60
C LYS D 254 -30.99 8.38 -6.79
N TYR D 255 -30.07 7.62 -7.38
CA TYR D 255 -29.66 6.34 -6.81
C TYR D 255 -28.17 6.24 -6.43
N CYS D 256 -27.35 7.09 -7.02
CA CYS D 256 -25.89 7.01 -6.81
C CYS D 256 -25.49 7.50 -5.43
N GLY D 257 -24.63 6.73 -4.76
CA GLY D 257 -24.03 7.14 -3.50
C GLY D 257 -24.82 6.74 -2.28
N HIS D 258 -26.11 6.46 -2.45
CA HIS D 258 -26.97 6.11 -1.32
C HIS D 258 -26.71 4.70 -0.81
N LEU D 259 -26.44 4.57 0.48
CA LEU D 259 -26.27 3.27 1.12
C LEU D 259 -27.44 2.98 2.05
N TYR D 260 -28.00 1.78 1.94
CA TYR D 260 -29.21 1.44 2.68
C TYR D 260 -29.05 1.63 4.18
N GLY D 261 -29.93 2.43 4.77
CA GLY D 261 -29.94 2.63 6.21
C GLY D 261 -29.12 3.82 6.67
N LEU D 262 -28.57 4.57 5.72
CA LEU D 262 -27.72 5.71 6.03
C LEU D 262 -28.16 6.95 5.25
N GLY D 274 -35.06 0.04 7.95
CA GLY D 274 -34.07 1.09 7.79
C GLY D 274 -32.82 0.84 8.60
N ASN D 275 -32.45 -0.44 8.74
CA ASN D 275 -31.24 -0.82 9.45
C ASN D 275 -30.08 -0.99 8.49
N ALA D 276 -28.95 -0.38 8.82
CA ALA D 276 -27.77 -0.45 7.96
C ALA D 276 -27.07 -1.80 8.07
N TYR D 277 -27.28 -2.50 9.18
CA TYR D 277 -26.67 -3.81 9.37
C TYR D 277 -27.44 -4.88 8.62
N GLU D 278 -26.72 -5.70 7.87
CA GLU D 278 -27.32 -6.77 7.08
C GLU D 278 -27.72 -7.93 7.99
N GLU D 279 -28.81 -7.75 8.73
CA GLU D 279 -29.26 -8.76 9.69
C GLU D 279 -29.78 -9.99 8.97
N GLU D 280 -29.51 -11.17 9.54
CA GLU D 280 -29.88 -12.44 8.92
C GLU D 280 -31.40 -12.58 8.87
N HIS E 1 6.44 -39.30 6.67
CA HIS E 1 6.95 -40.32 7.57
C HIS E 1 6.31 -41.68 7.30
N MET E 2 5.15 -41.66 6.64
CA MET E 2 4.45 -42.91 6.32
C MET E 2 5.12 -43.65 5.16
N LEU E 3 5.68 -42.90 4.22
CA LEU E 3 6.36 -43.52 3.08
C LEU E 3 7.76 -42.97 2.86
N GLU E 4 8.52 -43.66 2.02
CA GLU E 4 9.87 -43.26 1.67
C GLU E 4 9.82 -42.03 0.78
N GLU E 5 10.56 -40.99 1.15
CA GLU E 5 10.47 -39.69 0.50
C GLU E 5 10.31 -39.74 -1.01
N ASN E 6 11.10 -40.57 -1.68
CA ASN E 6 11.09 -40.62 -3.15
C ASN E 6 9.76 -41.13 -3.70
N ILE E 7 9.16 -42.09 -3.01
CA ILE E 7 7.86 -42.62 -3.42
C ILE E 7 6.77 -41.66 -2.99
N GLN E 8 6.92 -41.13 -1.78
CA GLN E 8 6.01 -40.11 -1.27
C GLN E 8 5.85 -38.97 -2.27
N GLU E 9 6.97 -38.39 -2.67
CA GLU E 9 6.96 -37.23 -3.54
C GLU E 9 6.40 -37.57 -4.92
N LYS E 10 6.51 -38.84 -5.31
CA LYS E 10 6.06 -39.27 -6.63
C LYS E 10 4.54 -39.28 -6.73
N ILE E 11 3.87 -39.55 -5.61
CA ILE E 11 2.41 -39.61 -5.61
C ILE E 11 1.79 -38.29 -5.15
N ALA E 12 2.52 -37.56 -4.33
CA ALA E 12 2.06 -36.24 -3.89
C ALA E 12 1.92 -35.33 -5.11
N PHE E 13 2.80 -35.54 -6.10
CA PHE E 13 2.80 -34.72 -7.31
C PHE E 13 1.52 -34.90 -8.12
N ILE E 14 1.06 -36.14 -8.19
CA ILE E 14 -0.13 -36.49 -8.96
C ILE E 14 -1.39 -35.84 -8.36
N PHE E 15 -1.51 -35.91 -7.05
CA PHE E 15 -2.72 -35.42 -6.37
C PHE E 15 -2.70 -33.91 -6.14
N ASN E 16 -1.50 -33.33 -6.09
CA ASN E 16 -1.38 -31.89 -5.94
C ASN E 16 -1.72 -31.13 -7.22
N ASN E 17 -1.52 -31.78 -8.36
CA ASN E 17 -1.75 -31.14 -9.66
C ASN E 17 -2.83 -31.86 -10.45
N LEU E 18 -4.08 -31.68 -10.05
CA LEU E 18 -5.20 -32.34 -10.71
C LEU E 18 -6.11 -31.37 -11.44
N SER E 19 -6.46 -31.71 -12.68
CA SER E 19 -7.39 -30.93 -13.46
C SER E 19 -8.33 -31.88 -14.19
N GLN E 20 -9.48 -31.38 -14.61
CA GLN E 20 -10.42 -32.20 -15.39
C GLN E 20 -9.78 -32.63 -16.70
N SER E 21 -8.92 -31.77 -17.24
CA SER E 21 -8.27 -32.03 -18.52
C SER E 21 -7.23 -33.15 -18.42
N ASN E 22 -6.34 -33.04 -17.44
CA ASN E 22 -5.26 -33.99 -17.29
C ASN E 22 -5.66 -35.22 -16.48
N MET E 23 -6.92 -35.26 -16.04
CA MET E 23 -7.40 -36.34 -15.19
C MET E 23 -6.93 -37.71 -15.70
N THR E 24 -7.22 -38.00 -16.96
CA THR E 24 -6.86 -39.29 -17.55
C THR E 24 -5.34 -39.48 -17.62
N GLN E 25 -4.63 -38.42 -17.99
CA GLN E 25 -3.18 -38.50 -18.09
C GLN E 25 -2.56 -38.72 -16.70
N LYS E 26 -3.14 -38.07 -15.70
CA LYS E 26 -2.66 -38.17 -14.33
C LYS E 26 -2.91 -39.57 -13.75
N VAL E 27 -3.95 -40.24 -14.25
CA VAL E 27 -4.28 -41.58 -13.81
C VAL E 27 -3.26 -42.57 -14.33
N GLU E 28 -2.97 -42.49 -15.63
CA GLU E 28 -1.97 -43.36 -16.24
C GLU E 28 -0.64 -43.19 -15.55
N GLU E 29 -0.35 -41.96 -15.15
CA GLU E 29 0.91 -41.62 -14.50
C GLU E 29 1.05 -42.36 -13.18
N LEU E 30 -0.03 -42.38 -12.41
CA LEU E 30 -0.04 -43.08 -11.13
C LEU E 30 0.29 -44.55 -11.33
N LYS E 31 -0.39 -45.17 -12.29
CA LYS E 31 -0.26 -46.60 -12.53
C LYS E 31 1.17 -47.03 -12.84
N GLU E 32 1.97 -46.12 -13.38
CA GLU E 32 3.30 -46.48 -13.85
C GLU E 32 4.42 -46.04 -12.89
N THR E 33 4.38 -44.79 -12.46
CA THR E 33 5.43 -44.28 -11.57
C THR E 33 5.34 -44.82 -10.15
N VAL E 34 4.31 -45.62 -9.88
CA VAL E 34 4.11 -46.18 -8.56
C VAL E 34 3.69 -47.65 -8.62
N LYS E 35 4.36 -48.48 -7.83
CA LYS E 35 4.06 -49.92 -7.80
C LYS E 35 2.67 -50.17 -7.24
N GLU E 36 2.09 -51.31 -7.62
CA GLU E 36 0.77 -51.70 -7.15
C GLU E 36 0.77 -51.97 -5.64
N GLU E 37 1.89 -52.47 -5.13
CA GLU E 37 1.97 -52.87 -3.73
C GLU E 37 1.84 -51.69 -2.77
N PHE E 38 1.99 -50.47 -3.28
CA PHE E 38 1.99 -49.26 -2.46
C PHE E 38 0.60 -48.63 -2.35
N MET E 39 -0.36 -49.14 -3.13
CA MET E 39 -1.68 -48.54 -3.21
C MET E 39 -2.35 -48.34 -1.84
N PRO E 40 -2.15 -49.29 -0.92
CA PRO E 40 -2.68 -49.09 0.43
C PRO E 40 -2.26 -47.77 1.05
N TRP E 41 -1.01 -47.37 0.79
CA TRP E 41 -0.48 -46.12 1.35
C TRP E 41 -0.88 -44.92 0.50
N VAL E 42 -1.11 -45.16 -0.79
CA VAL E 42 -1.58 -44.09 -1.67
C VAL E 42 -2.95 -43.66 -1.20
N SER E 43 -3.78 -44.64 -0.83
CA SER E 43 -5.13 -44.38 -0.33
C SER E 43 -5.07 -43.62 0.98
N GLN E 44 -4.13 -43.99 1.84
CA GLN E 44 -3.95 -43.31 3.12
C GLN E 44 -3.56 -41.85 2.92
N TYR E 45 -2.61 -41.60 2.02
CA TYR E 45 -2.19 -40.24 1.71
C TYR E 45 -3.37 -39.42 1.17
N LEU E 46 -4.13 -40.03 0.26
CA LEU E 46 -5.25 -39.34 -0.38
C LEU E 46 -6.33 -38.97 0.63
N VAL E 47 -6.59 -39.86 1.57
CA VAL E 47 -7.67 -39.67 2.54
C VAL E 47 -7.25 -38.73 3.67
N MET E 48 -6.07 -38.98 4.24
CA MET E 48 -5.59 -38.21 5.38
C MET E 48 -5.05 -36.82 5.03
N LYS E 49 -4.33 -36.71 3.91
CA LYS E 49 -3.58 -35.49 3.62
C LYS E 49 -4.18 -34.64 2.49
N ARG E 50 -5.22 -35.13 1.83
CA ARG E 50 -5.82 -34.39 0.72
C ARG E 50 -7.32 -34.19 0.88
N VAL E 51 -8.02 -35.26 1.29
CA VAL E 51 -9.45 -35.18 1.49
C VAL E 51 -9.80 -34.56 2.84
N SER E 52 -9.04 -34.90 3.88
CA SER E 52 -9.39 -34.50 5.25
C SER E 52 -9.29 -33.00 5.50
N ILE E 53 -8.33 -32.34 4.86
CA ILE E 53 -7.98 -30.96 5.22
C ILE E 53 -8.89 -29.91 4.58
N GLU E 54 -9.49 -30.22 3.44
CA GLU E 54 -10.27 -29.23 2.70
C GLU E 54 -11.18 -29.92 1.69
N PRO E 55 -12.42 -29.41 1.56
CA PRO E 55 -13.41 -29.95 0.61
C PRO E 55 -13.26 -29.43 -0.83
N ASN E 56 -12.48 -28.36 -0.99
CA ASN E 56 -12.31 -27.70 -2.29
C ASN E 56 -12.26 -28.65 -3.49
N PHE E 57 -11.52 -29.74 -3.36
CA PHE E 57 -11.20 -30.59 -4.50
C PHE E 57 -11.74 -32.01 -4.37
N HIS E 58 -12.80 -32.18 -3.58
CA HIS E 58 -13.39 -33.50 -3.36
C HIS E 58 -14.00 -34.09 -4.63
N SER E 59 -14.55 -33.24 -5.50
CA SER E 59 -15.13 -33.71 -6.74
C SER E 59 -14.06 -34.20 -7.71
N LEU E 60 -12.90 -33.57 -7.67
CA LEU E 60 -11.79 -33.97 -8.53
C LEU E 60 -11.25 -35.33 -8.09
N TYR E 61 -11.10 -35.52 -6.79
CA TYR E 61 -10.59 -36.79 -6.28
C TYR E 61 -11.58 -37.92 -6.59
N SER E 62 -12.86 -37.58 -6.65
CA SER E 62 -13.89 -38.57 -6.97
C SER E 62 -13.82 -38.92 -8.45
N ASN E 63 -13.59 -37.91 -9.29
CA ASN E 63 -13.42 -38.15 -10.71
C ASN E 63 -12.24 -39.07 -10.96
N PHE E 64 -11.20 -38.92 -10.14
CA PHE E 64 -9.99 -39.72 -10.26
C PHE E 64 -10.30 -41.21 -10.06
N LEU E 65 -11.06 -41.52 -9.00
CA LEU E 65 -11.42 -42.89 -8.70
C LEU E 65 -12.29 -43.48 -9.81
N ASP E 66 -13.18 -42.67 -10.36
CA ASP E 66 -14.00 -43.09 -11.48
C ASP E 66 -13.13 -43.37 -12.70
N THR E 67 -12.04 -42.61 -12.83
CA THR E 67 -11.16 -42.72 -13.99
C THR E 67 -10.22 -43.91 -13.87
N LEU E 68 -9.80 -44.21 -12.66
CA LEU E 68 -8.85 -45.31 -12.43
C LEU E 68 -9.53 -46.67 -12.57
N LYS E 69 -10.84 -46.71 -12.31
CA LYS E 69 -11.61 -47.93 -12.41
C LYS E 69 -10.92 -49.11 -11.72
N ASN E 70 -10.52 -48.89 -10.47
CA ASN E 70 -9.85 -49.92 -9.69
C ASN E 70 -10.65 -50.26 -8.42
N PRO E 71 -11.55 -51.25 -8.52
CA PRO E 71 -12.42 -51.58 -7.39
C PRO E 71 -11.66 -51.98 -6.13
N GLU E 72 -10.42 -52.47 -6.29
CA GLU E 72 -9.64 -52.92 -5.15
C GLU E 72 -9.17 -51.68 -4.37
N PHE E 73 -8.75 -50.67 -5.13
CA PHE E 73 -8.31 -49.41 -4.56
C PHE E 73 -9.48 -48.67 -3.91
N ASN E 74 -10.65 -48.75 -4.54
CA ASN E 74 -11.85 -48.12 -4.01
C ASN E 74 -12.23 -48.67 -2.63
N LYS E 75 -12.04 -49.96 -2.44
CA LYS E 75 -12.30 -50.61 -1.15
C LYS E 75 -11.31 -50.09 -0.11
N MET E 76 -10.05 -49.97 -0.50
CA MET E 76 -9.01 -49.47 0.40
C MET E 76 -9.32 -48.08 0.89
N VAL E 77 -9.63 -47.17 -0.03
CA VAL E 77 -9.92 -45.79 0.31
C VAL E 77 -11.12 -45.72 1.25
N LEU E 78 -12.19 -46.43 0.89
CA LEU E 78 -13.41 -46.41 1.69
C LEU E 78 -13.14 -46.84 3.12
N ASN E 79 -12.46 -47.98 3.28
CA ASN E 79 -12.11 -48.46 4.61
C ASN E 79 -11.21 -47.46 5.33
N GLU E 80 -10.33 -46.80 4.58
CA GLU E 80 -9.48 -45.76 5.15
C GLU E 80 -10.32 -44.60 5.64
N THR E 81 -11.35 -44.25 4.86
CA THR E 81 -12.25 -43.17 5.24
C THR E 81 -12.90 -43.49 6.59
N TYR E 82 -13.39 -44.71 6.74
CA TYR E 82 -13.99 -45.15 7.99
C TYR E 82 -12.97 -45.14 9.13
N ARG E 83 -11.76 -45.63 8.87
CA ARG E 83 -10.74 -45.70 9.91
C ARG E 83 -10.44 -44.33 10.51
N ASN E 84 -10.31 -43.33 9.63
CA ASN E 84 -10.02 -41.97 10.08
C ASN E 84 -11.21 -41.31 10.74
N ILE E 85 -12.41 -41.65 10.26
CA ILE E 85 -13.64 -41.18 10.89
C ILE E 85 -13.72 -41.74 12.31
N LYS E 86 -13.35 -43.01 12.46
CA LYS E 86 -13.39 -43.65 13.78
C LYS E 86 -12.39 -43.00 14.73
N VAL E 87 -11.22 -42.65 14.22
CA VAL E 87 -10.20 -42.01 15.05
C VAL E 87 -10.75 -40.73 15.67
N LEU E 88 -11.39 -39.92 14.84
CA LEU E 88 -11.94 -38.64 15.28
C LEU E 88 -13.11 -38.81 16.24
N LEU E 89 -13.94 -39.83 15.98
CA LEU E 89 -15.12 -40.08 16.81
C LEU E 89 -14.71 -40.57 18.19
N THR E 90 -13.59 -41.28 18.27
CA THR E 90 -13.10 -41.83 19.53
C THR E 90 -12.01 -40.96 20.14
N SER E 91 -11.78 -39.80 19.53
CA SER E 91 -10.75 -38.89 20.00
C SER E 91 -11.22 -38.18 21.27
N ASP E 92 -10.29 -37.49 21.92
CA ASP E 92 -10.63 -36.63 23.04
C ASP E 92 -11.34 -35.40 22.49
N LYS E 93 -12.47 -35.04 23.10
CA LYS E 93 -13.32 -33.99 22.55
C LYS E 93 -13.04 -32.63 23.17
N ALA E 94 -13.00 -31.60 22.32
CA ALA E 94 -12.74 -30.23 22.78
C ALA E 94 -13.44 -29.20 21.89
N ALA E 95 -14.35 -28.43 22.48
CA ALA E 95 -15.06 -27.38 21.76
C ALA E 95 -14.09 -26.49 21.01
N ALA E 96 -13.09 -25.99 21.74
CA ALA E 96 -12.15 -25.01 21.20
C ALA E 96 -11.46 -25.47 19.93
N ASN E 97 -11.12 -26.76 19.87
CA ASN E 97 -10.24 -27.27 18.81
C ASN E 97 -10.61 -26.77 17.43
N PHE E 98 -11.87 -26.98 17.03
CA PHE E 98 -12.37 -26.55 15.73
C PHE E 98 -11.78 -27.33 14.55
N SER E 99 -10.46 -27.43 14.49
CA SER E 99 -9.80 -28.08 13.36
C SER E 99 -10.14 -29.57 13.26
N ASP E 100 -10.22 -30.25 14.38
CA ASP E 100 -10.62 -31.66 14.39
C ASP E 100 -12.05 -31.84 13.88
N ARG E 101 -12.93 -30.96 14.33
CA ARG E 101 -14.31 -30.98 13.86
C ARG E 101 -14.37 -30.72 12.36
N SER E 102 -13.44 -29.91 11.87
CA SER E 102 -13.37 -29.58 10.45
C SER E 102 -12.88 -30.77 9.63
N LEU E 103 -11.95 -31.52 10.19
CA LEU E 103 -11.48 -32.76 9.57
C LEU E 103 -12.63 -33.75 9.43
N LEU E 104 -13.45 -33.88 10.47
CA LEU E 104 -14.56 -34.82 10.46
C LEU E 104 -15.60 -34.44 9.41
N LYS E 105 -16.01 -33.17 9.41
CA LYS E 105 -16.93 -32.66 8.40
C LYS E 105 -16.45 -33.03 7.00
N ASN E 106 -15.15 -32.88 6.77
CA ASN E 106 -14.59 -33.13 5.45
C ASN E 106 -14.64 -34.59 5.07
N LEU E 107 -14.26 -35.46 6.00
CA LEU E 107 -14.35 -36.89 5.78
C LEU E 107 -15.81 -37.30 5.57
N GLY E 108 -16.70 -36.61 6.25
CA GLY E 108 -18.13 -36.85 6.11
C GLY E 108 -18.63 -36.50 4.72
N HIS E 109 -18.29 -35.30 4.24
CA HIS E 109 -18.65 -34.88 2.89
C HIS E 109 -18.11 -35.87 1.87
N TRP E 110 -16.91 -36.39 2.14
CA TRP E 110 -16.26 -37.33 1.24
C TRP E 110 -16.94 -38.70 1.26
N LEU E 111 -17.17 -39.23 2.45
CA LEU E 111 -17.84 -40.51 2.59
C LEU E 111 -19.14 -40.54 1.78
N GLY E 112 -19.90 -39.45 1.86
CA GLY E 112 -21.14 -39.34 1.14
C GLY E 112 -20.98 -39.44 -0.36
N MET E 113 -19.84 -38.97 -0.87
CA MET E 113 -19.62 -38.90 -2.31
C MET E 113 -19.24 -40.25 -2.91
N ILE E 114 -18.59 -41.11 -2.12
CA ILE E 114 -18.13 -42.40 -2.63
C ILE E 114 -19.06 -43.54 -2.24
N THR E 115 -20.14 -43.22 -1.54
CA THR E 115 -21.19 -44.19 -1.26
C THR E 115 -22.53 -43.71 -1.83
N LEU E 116 -23.27 -42.93 -1.04
CA LEU E 116 -24.61 -42.49 -1.40
C LEU E 116 -24.68 -41.91 -2.81
N ALA E 117 -23.76 -40.99 -3.11
CA ALA E 117 -23.75 -40.34 -4.42
C ALA E 117 -23.62 -41.35 -5.54
N LYS E 118 -22.90 -42.44 -5.26
CA LYS E 118 -22.68 -43.49 -6.26
C LYS E 118 -23.65 -44.65 -6.10
N ASN E 119 -24.82 -44.38 -5.51
CA ASN E 119 -25.86 -45.39 -5.33
C ASN E 119 -25.38 -46.60 -4.54
N LYS E 120 -24.55 -46.36 -3.53
CA LYS E 120 -24.08 -47.43 -2.65
C LYS E 120 -24.33 -47.06 -1.19
N PRO E 121 -24.71 -48.05 -0.37
CA PRO E 121 -25.08 -47.74 1.02
C PRO E 121 -23.88 -47.55 1.93
N ILE E 122 -24.09 -46.85 3.03
CA ILE E 122 -23.18 -46.87 4.16
C ILE E 122 -23.55 -48.06 5.03
N LEU E 123 -22.86 -49.18 4.82
CA LEU E 123 -23.20 -50.42 5.50
C LEU E 123 -23.29 -50.26 7.00
N HIS E 124 -24.33 -50.83 7.58
CA HIS E 124 -24.59 -50.74 9.01
C HIS E 124 -23.38 -51.16 9.84
N THR E 125 -22.71 -52.22 9.39
CA THR E 125 -21.59 -52.78 10.14
C THR E 125 -20.34 -51.91 10.03
N ASP E 126 -20.35 -50.97 9.08
CA ASP E 126 -19.28 -50.02 8.94
C ASP E 126 -19.52 -48.80 9.82
N LEU E 127 -20.76 -48.32 9.82
CA LEU E 127 -21.10 -47.08 10.51
C LEU E 127 -22.61 -46.96 10.62
N ASP E 128 -23.11 -46.97 11.85
CA ASP E 128 -24.55 -46.83 12.08
C ASP E 128 -24.90 -45.38 12.38
N VAL E 129 -25.27 -44.64 11.34
CA VAL E 129 -25.51 -43.20 11.46
C VAL E 129 -26.59 -42.88 12.48
N LYS E 130 -27.66 -43.64 12.45
CA LYS E 130 -28.80 -43.40 13.32
C LYS E 130 -28.41 -43.49 14.79
N SER E 131 -27.66 -44.52 15.14
CA SER E 131 -27.22 -44.71 16.53
C SER E 131 -26.22 -43.64 16.96
N LEU E 132 -25.39 -43.19 16.03
CA LEU E 132 -24.39 -42.19 16.33
C LEU E 132 -25.06 -40.90 16.80
N LEU E 133 -26.11 -40.48 16.08
CA LEU E 133 -26.87 -39.31 16.48
C LEU E 133 -27.42 -39.49 17.88
N LEU E 134 -28.09 -40.61 18.11
CA LEU E 134 -28.64 -40.93 19.43
C LEU E 134 -27.56 -40.90 20.50
N GLU E 135 -26.49 -41.66 20.28
CA GLU E 135 -25.41 -41.77 21.24
C GLU E 135 -24.81 -40.41 21.57
N ALA E 136 -24.69 -39.55 20.56
CA ALA E 136 -24.14 -38.22 20.76
C ALA E 136 -25.05 -37.42 21.69
N TYR E 137 -26.36 -37.58 21.53
CA TYR E 137 -27.33 -36.83 22.31
C TYR E 137 -27.29 -37.17 23.80
N VAL E 138 -27.03 -38.44 24.11
CA VAL E 138 -26.99 -38.86 25.51
C VAL E 138 -25.68 -38.44 26.16
N LYS E 139 -24.68 -38.12 25.34
CA LYS E 139 -23.34 -37.84 25.86
C LYS E 139 -23.05 -36.35 26.06
N GLY E 140 -23.84 -35.47 25.47
CA GLY E 140 -23.72 -34.04 25.72
C GLY E 140 -23.66 -33.15 24.50
N GLN E 141 -23.51 -31.85 24.74
CA GLN E 141 -23.48 -30.85 23.67
C GLN E 141 -22.20 -30.96 22.87
N GLN E 142 -21.16 -31.51 23.49
CA GLN E 142 -19.85 -31.60 22.88
C GLN E 142 -19.84 -32.63 21.76
N GLU E 143 -20.27 -33.85 22.06
CA GLU E 143 -20.35 -34.90 21.06
C GLU E 143 -21.27 -34.46 19.92
N LEU E 144 -22.41 -33.86 20.26
CA LEU E 144 -23.36 -33.41 19.25
C LEU E 144 -22.75 -32.40 18.29
N LEU E 145 -21.82 -31.59 18.80
CA LEU E 145 -21.20 -30.55 17.98
C LEU E 145 -20.31 -31.18 16.91
N TYR E 146 -19.68 -32.31 17.26
CA TYR E 146 -18.89 -33.06 16.31
C TYR E 146 -19.78 -33.76 15.29
N VAL E 147 -20.86 -34.36 15.77
CA VAL E 147 -21.62 -35.33 14.99
C VAL E 147 -22.64 -34.74 14.01
N VAL E 148 -23.47 -33.82 14.49
CA VAL E 148 -24.56 -33.32 13.65
C VAL E 148 -24.04 -32.70 12.35
N PRO E 149 -22.99 -31.88 12.43
CA PRO E 149 -22.41 -31.30 11.20
C PRO E 149 -21.79 -32.37 10.31
N PHE E 150 -21.28 -33.43 10.93
CA PHE E 150 -20.73 -34.57 10.19
C PHE E 150 -21.82 -35.26 9.38
N VAL E 151 -22.89 -35.66 10.06
CA VAL E 151 -24.00 -36.35 9.42
C VAL E 151 -24.55 -35.52 8.26
N ALA E 152 -24.69 -34.22 8.48
CA ALA E 152 -25.23 -33.33 7.45
C ALA E 152 -24.38 -33.39 6.18
N LYS E 153 -23.06 -33.33 6.34
CA LYS E 153 -22.15 -33.39 5.21
C LYS E 153 -22.27 -34.72 4.45
N VAL E 154 -22.49 -35.81 5.17
CA VAL E 154 -22.73 -37.10 4.54
C VAL E 154 -24.01 -37.08 3.72
N LEU E 155 -25.10 -36.61 4.33
CA LEU E 155 -26.42 -36.67 3.69
C LEU E 155 -26.59 -35.70 2.51
N GLU E 156 -25.69 -34.73 2.39
CA GLU E 156 -25.76 -33.78 1.27
C GLU E 156 -25.68 -34.48 -0.07
N SER E 157 -25.01 -35.64 -0.09
CA SER E 157 -24.81 -36.39 -1.31
C SER E 157 -26.05 -37.19 -1.74
N SER E 158 -27.03 -37.32 -0.84
CA SER E 158 -28.22 -38.10 -1.13
C SER E 158 -29.08 -37.51 -2.23
N ILE E 159 -29.04 -36.19 -2.38
CA ILE E 159 -29.84 -35.51 -3.40
C ILE E 159 -29.37 -35.87 -4.81
N ARG E 160 -28.09 -36.21 -4.94
CA ARG E 160 -27.54 -36.56 -6.25
C ARG E 160 -27.83 -38.00 -6.62
N SER E 161 -28.29 -38.78 -5.66
CA SER E 161 -28.50 -40.22 -5.85
C SER E 161 -29.95 -40.56 -6.19
N VAL E 162 -30.13 -41.32 -7.26
CA VAL E 162 -31.45 -41.77 -7.66
C VAL E 162 -32.02 -42.67 -6.57
N VAL E 163 -31.16 -43.51 -6.01
CA VAL E 163 -31.55 -44.45 -4.96
C VAL E 163 -31.79 -43.77 -3.61
N PHE E 164 -30.93 -42.83 -3.25
CA PHE E 164 -30.91 -42.32 -1.87
C PHE E 164 -31.54 -40.96 -1.65
N ARG E 165 -31.90 -40.25 -2.70
CA ARG E 165 -32.58 -38.97 -2.54
C ARG E 165 -33.94 -39.22 -1.88
N PRO E 166 -34.43 -38.23 -1.12
CA PRO E 166 -35.79 -38.36 -0.57
C PRO E 166 -36.74 -38.80 -1.68
N PRO E 167 -37.76 -39.62 -1.36
CA PRO E 167 -38.14 -40.08 -0.03
C PRO E 167 -37.54 -41.43 0.39
N ASN E 168 -36.26 -41.69 0.05
CA ASN E 168 -35.61 -42.95 0.43
C ASN E 168 -35.79 -43.28 1.93
N PRO E 169 -36.21 -44.51 2.25
CA PRO E 169 -36.51 -44.89 3.64
C PRO E 169 -35.37 -44.66 4.64
N TRP E 170 -34.13 -44.96 4.25
CA TRP E 170 -33.00 -44.77 5.15
C TRP E 170 -32.70 -43.29 5.34
N THR E 171 -32.59 -42.57 4.24
CA THR E 171 -32.32 -41.13 4.29
C THR E 171 -33.37 -40.43 5.15
N MET E 172 -34.63 -40.79 4.95
CA MET E 172 -35.72 -40.17 5.68
C MET E 172 -35.68 -40.55 7.16
N ALA E 173 -35.18 -41.74 7.47
CA ALA E 173 -35.05 -42.15 8.86
C ALA E 173 -34.06 -41.23 9.58
N ILE E 174 -32.92 -40.97 8.95
CA ILE E 174 -31.90 -40.09 9.52
C ILE E 174 -32.39 -38.65 9.64
N MET E 175 -33.06 -38.15 8.60
CA MET E 175 -33.63 -36.81 8.66
C MET E 175 -34.60 -36.69 9.82
N ASN E 176 -35.45 -37.69 9.99
CA ASN E 176 -36.48 -37.67 11.03
C ASN E 176 -35.89 -37.70 12.45
N VAL E 177 -34.71 -38.27 12.60
CA VAL E 177 -34.01 -38.22 13.87
C VAL E 177 -33.45 -36.80 14.10
N LEU E 178 -32.96 -36.17 13.04
CA LEU E 178 -32.48 -34.80 13.14
C LEU E 178 -33.63 -33.89 13.53
N ALA E 179 -34.79 -34.13 12.91
CA ALA E 179 -35.98 -33.32 13.18
C ALA E 179 -36.42 -33.45 14.63
N GLU E 180 -36.14 -34.59 15.25
CA GLU E 180 -36.47 -34.78 16.65
C GLU E 180 -35.49 -34.04 17.55
N LEU E 181 -34.23 -33.96 17.12
CA LEU E 181 -33.23 -33.16 17.83
C LEU E 181 -33.60 -31.69 17.69
N HIS E 182 -34.01 -31.31 16.48
CA HIS E 182 -34.33 -29.92 16.18
C HIS E 182 -35.48 -29.41 17.03
N GLN E 183 -36.36 -30.30 17.45
CA GLN E 183 -37.52 -29.93 18.27
C GLN E 183 -37.11 -29.57 19.69
N GLU E 184 -35.98 -30.10 20.13
CA GLU E 184 -35.49 -29.88 21.48
C GLU E 184 -35.28 -28.39 21.75
N HIS E 185 -35.58 -27.96 22.96
CA HIS E 185 -35.44 -26.56 23.34
C HIS E 185 -33.98 -26.23 23.67
N ASP E 186 -33.31 -27.13 24.37
CA ASP E 186 -31.95 -26.88 24.84
C ASP E 186 -30.87 -27.29 23.83
N LEU E 187 -31.26 -27.72 22.64
CA LEU E 187 -30.28 -27.98 21.59
C LEU E 187 -29.65 -26.66 21.16
N LYS E 188 -28.34 -26.64 21.02
CA LYS E 188 -27.62 -25.44 20.61
C LYS E 188 -28.25 -24.88 19.34
N LEU E 189 -28.23 -23.56 19.18
CA LEU E 189 -28.92 -22.91 18.08
C LEU E 189 -28.17 -23.02 16.75
N ASN E 190 -26.87 -23.27 16.80
CA ASN E 190 -26.12 -23.46 15.57
C ASN E 190 -26.39 -24.81 14.94
N LEU E 191 -26.53 -25.84 15.79
CA LEU E 191 -26.89 -27.17 15.31
C LEU E 191 -28.30 -27.17 14.73
N LYS E 192 -29.18 -26.38 15.31
CA LYS E 192 -30.52 -26.21 14.77
C LYS E 192 -30.43 -25.61 13.37
N PHE E 193 -29.62 -24.57 13.23
CA PHE E 193 -29.42 -23.95 11.93
C PHE E 193 -28.80 -24.94 10.96
N GLU E 194 -27.76 -25.62 11.43
CA GLU E 194 -27.10 -26.67 10.66
C GLU E 194 -28.11 -27.65 10.05
N ILE E 195 -29.03 -28.12 10.88
CA ILE E 195 -30.05 -29.06 10.40
C ILE E 195 -30.96 -28.39 9.36
N GLU E 196 -31.36 -27.16 9.64
CA GLU E 196 -32.27 -26.44 8.73
C GLU E 196 -31.63 -26.26 7.37
N VAL E 197 -30.33 -25.99 7.36
CA VAL E 197 -29.58 -25.79 6.13
C VAL E 197 -29.58 -27.07 5.29
N LEU E 198 -29.30 -28.18 5.95
CA LEU E 198 -29.34 -29.49 5.30
C LEU E 198 -30.65 -29.71 4.57
N CYS E 199 -31.77 -29.48 5.27
CA CYS E 199 -33.09 -29.66 4.68
C CYS E 199 -33.22 -28.92 3.35
N LYS E 200 -32.69 -27.71 3.30
CA LYS E 200 -32.80 -26.89 2.10
C LYS E 200 -31.88 -27.44 1.00
N ASN E 201 -30.74 -27.99 1.40
CA ASN E 201 -29.84 -28.66 0.46
C ASN E 201 -30.53 -29.86 -0.19
N LEU E 202 -31.48 -30.46 0.53
CA LEU E 202 -32.18 -31.64 0.04
C LEU E 202 -33.60 -31.33 -0.45
N ALA E 203 -33.88 -30.06 -0.71
CA ALA E 203 -35.19 -29.65 -1.18
C ALA E 203 -36.30 -30.20 -0.28
N LEU E 204 -36.08 -30.12 1.03
CA LEU E 204 -37.05 -30.60 2.01
C LEU E 204 -37.61 -29.47 2.85
N ASP E 205 -38.84 -29.68 3.33
CA ASP E 205 -39.49 -28.73 4.21
C ASP E 205 -39.44 -29.30 5.62
N ILE E 206 -38.60 -28.70 6.46
CA ILE E 206 -38.36 -29.23 7.80
C ILE E 206 -39.64 -29.49 8.58
N ASN E 207 -40.70 -28.78 8.24
CA ASN E 207 -41.98 -28.92 8.95
C ASN E 207 -42.73 -30.17 8.51
N GLU E 208 -42.49 -30.61 7.28
CA GLU E 208 -43.17 -31.79 6.76
C GLU E 208 -42.48 -33.10 7.18
N LEU E 209 -41.38 -32.99 7.91
CA LEU E 209 -40.71 -34.17 8.46
C LEU E 209 -41.51 -34.76 9.62
N LYS E 210 -41.19 -36.00 9.99
CA LYS E 210 -41.93 -36.71 11.02
C LYS E 210 -41.06 -37.10 12.21
N PRO E 211 -40.86 -36.17 13.16
CA PRO E 211 -40.13 -36.50 14.39
C PRO E 211 -40.80 -37.61 15.19
N GLY E 212 -40.03 -38.63 15.56
CA GLY E 212 -40.54 -39.69 16.42
C GLY E 212 -40.27 -39.38 17.88
N ASN E 213 -40.15 -40.42 18.70
CA ASN E 213 -39.89 -40.23 20.12
C ASN E 213 -38.68 -41.04 20.58
N LEU E 214 -37.72 -41.21 19.68
CA LEU E 214 -36.53 -42.01 19.95
C LEU E 214 -35.71 -41.46 21.11
N LEU E 215 -35.87 -40.16 21.40
CA LEU E 215 -35.10 -39.53 22.47
C LEU E 215 -35.70 -39.82 23.85
N LYS E 216 -37.01 -40.08 23.88
CA LYS E 216 -37.71 -40.30 25.13
C LYS E 216 -37.68 -41.77 25.56
N ASP E 217 -37.02 -42.60 24.75
CA ASP E 217 -36.98 -44.04 25.01
C ASP E 217 -36.20 -44.36 26.30
N LYS E 218 -34.99 -43.83 26.42
CA LYS E 218 -34.19 -43.99 27.63
C LYS E 218 -33.58 -45.38 27.76
N ASP E 219 -34.41 -46.42 27.63
CA ASP E 219 -33.94 -47.80 27.72
C ASP E 219 -33.01 -48.12 26.55
N ARG E 220 -33.50 -47.85 25.34
CA ARG E 220 -32.72 -48.06 24.14
C ARG E 220 -31.40 -47.31 24.22
N LEU E 221 -31.48 -46.04 24.63
CA LEU E 221 -30.31 -45.18 24.73
C LEU E 221 -29.28 -45.76 25.68
N LYS E 222 -29.75 -46.41 26.75
CA LYS E 222 -28.87 -46.94 27.78
C LYS E 222 -27.93 -48.03 27.25
N ASN E 223 -28.45 -48.86 26.35
CA ASN E 223 -27.67 -49.96 25.80
C ASN E 223 -27.64 -49.97 24.27
N LEU E 224 -26.82 -49.08 23.71
CA LEU E 224 -26.56 -49.08 22.27
C LEU E 224 -25.06 -49.20 22.04
N ASP E 225 -24.69 -49.85 20.94
CA ASP E 225 -23.28 -50.08 20.64
C ASP E 225 -22.58 -48.75 20.43
N GLU E 226 -21.69 -48.39 21.34
CA GLU E 226 -21.02 -47.10 21.29
C GLU E 226 -20.05 -46.98 20.12
N GLN E 227 -20.14 -45.86 19.42
CA GLN E 227 -19.23 -45.54 18.34
C GLN E 227 -18.37 -44.33 18.72
N LEU E 228 -18.75 -43.68 19.82
CA LEU E 228 -18.02 -42.52 20.33
C LEU E 228 -17.24 -42.91 21.58
N SER E 229 -16.27 -42.07 21.97
CA SER E 229 -15.44 -42.33 23.13
C SER E 229 -16.17 -41.93 24.41
N ARG F 11 -34.40 -73.54 11.98
CA ARG F 11 -34.21 -73.57 10.53
C ARG F 11 -34.91 -72.39 9.86
N ILE F 12 -36.23 -72.32 10.03
CA ILE F 12 -37.03 -71.20 9.53
C ILE F 12 -37.45 -70.32 10.72
N CYS F 13 -36.91 -69.11 10.79
CA CYS F 13 -37.14 -68.22 11.92
C CYS F 13 -38.22 -67.17 11.63
N GLU F 14 -39.30 -67.21 12.40
CA GLU F 14 -40.36 -66.22 12.27
C GLU F 14 -39.87 -64.87 12.77
N VAL F 15 -40.11 -63.82 11.99
CA VAL F 15 -39.69 -62.48 12.38
C VAL F 15 -40.89 -61.56 12.52
N TRP F 16 -41.03 -60.94 13.68
CA TRP F 16 -42.10 -59.99 13.94
C TRP F 16 -41.47 -58.66 14.35
N ALA F 17 -42.29 -57.67 14.68
CA ALA F 17 -41.77 -56.36 15.06
C ALA F 17 -40.81 -56.47 16.24
N CYS F 18 -41.15 -57.29 17.22
CA CYS F 18 -40.36 -57.39 18.45
C CYS F 18 -38.93 -57.89 18.20
N ASN F 19 -38.77 -58.91 17.36
CA ASN F 19 -37.44 -59.51 17.17
C ASN F 19 -36.76 -59.17 15.84
N LEU F 20 -37.26 -58.16 15.14
CA LEU F 20 -36.71 -57.78 13.84
C LEU F 20 -35.26 -57.30 13.98
N ASP F 21 -35.04 -56.36 14.88
CA ASP F 21 -33.70 -55.80 15.08
C ASP F 21 -32.69 -56.91 15.39
N GLU F 22 -33.08 -57.85 16.23
CA GLU F 22 -32.18 -58.93 16.63
C GLU F 22 -31.75 -59.81 15.44
N GLU F 23 -32.71 -60.21 14.62
CA GLU F 23 -32.42 -61.10 13.51
C GLU F 23 -31.59 -60.41 12.43
N MET F 24 -31.88 -59.13 12.18
CA MET F 24 -31.13 -58.37 11.20
C MET F 24 -29.64 -58.37 11.52
N LYS F 25 -29.32 -58.43 12.80
CA LYS F 25 -27.93 -58.57 13.22
C LYS F 25 -27.33 -59.85 12.63
N LYS F 26 -28.06 -60.96 12.75
CA LYS F 26 -27.60 -62.24 12.21
C LYS F 26 -27.49 -62.19 10.69
N ILE F 27 -28.49 -61.61 10.04
CA ILE F 27 -28.52 -61.53 8.59
C ILE F 27 -27.37 -60.70 8.05
N ARG F 28 -27.10 -59.56 8.69
CA ARG F 28 -26.01 -58.69 8.27
C ARG F 28 -24.69 -59.45 8.22
N GLN F 29 -24.58 -60.53 8.97
CA GLN F 29 -23.39 -61.37 8.96
C GLN F 29 -23.47 -62.47 7.90
N VAL F 30 -24.62 -63.14 7.83
CA VAL F 30 -24.78 -64.27 6.93
C VAL F 30 -24.54 -63.89 5.47
N ILE F 31 -25.05 -62.73 5.06
CA ILE F 31 -24.94 -62.30 3.66
C ILE F 31 -23.49 -62.24 3.20
N ARG F 32 -22.57 -62.13 4.15
CA ARG F 32 -21.15 -61.99 3.82
C ARG F 32 -20.59 -63.28 3.23
N LYS F 33 -20.92 -64.41 3.86
CA LYS F 33 -20.45 -65.71 3.39
C LYS F 33 -21.43 -66.38 2.42
N TYR F 34 -22.72 -66.20 2.66
CA TYR F 34 -23.74 -66.81 1.83
C TYR F 34 -24.46 -65.74 1.00
N ASN F 35 -23.96 -65.51 -0.20
CA ASN F 35 -24.40 -64.39 -1.03
C ASN F 35 -25.55 -64.72 -1.98
N TYR F 36 -25.97 -65.98 -2.02
CA TYR F 36 -27.13 -66.37 -2.82
C TYR F 36 -28.38 -66.21 -1.96
N VAL F 37 -29.31 -65.38 -2.42
CA VAL F 37 -30.54 -65.11 -1.67
C VAL F 37 -31.80 -65.53 -2.43
N ALA F 38 -32.42 -66.62 -1.99
CA ALA F 38 -33.68 -67.07 -2.59
C ALA F 38 -34.85 -66.40 -1.90
N MET F 39 -35.88 -66.04 -2.67
CA MET F 39 -36.94 -65.17 -2.16
C MET F 39 -38.32 -65.42 -2.74
N ASP F 40 -39.33 -65.25 -1.90
CA ASP F 40 -40.74 -65.25 -2.33
C ASP F 40 -41.50 -64.28 -1.42
N THR F 41 -42.73 -63.93 -1.79
CA THR F 41 -43.58 -63.10 -0.94
C THR F 41 -45.01 -63.65 -0.91
N GLU F 42 -45.79 -63.20 0.07
CA GLU F 42 -47.22 -63.46 0.08
C GLU F 42 -47.98 -62.13 0.17
N PHE F 43 -49.08 -62.02 -0.57
CA PHE F 43 -49.89 -60.81 -0.55
C PHE F 43 -51.33 -61.16 -0.95
N PRO F 44 -52.26 -60.20 -0.80
CA PRO F 44 -53.69 -60.47 -0.96
C PRO F 44 -54.14 -60.60 -2.43
N GLY F 45 -53.31 -61.20 -3.27
CA GLY F 45 -53.66 -61.42 -4.66
C GLY F 45 -53.82 -60.14 -5.44
N VAL F 46 -54.77 -60.14 -6.37
CA VAL F 46 -55.03 -59.00 -7.23
C VAL F 46 -56.51 -58.65 -7.17
N VAL F 47 -56.82 -57.36 -7.20
CA VAL F 47 -58.19 -56.90 -7.05
C VAL F 47 -58.64 -55.89 -8.10
N ALA F 48 -57.68 -55.31 -8.84
CA ALA F 48 -58.02 -54.28 -9.82
C ALA F 48 -57.32 -54.49 -11.15
N ARG F 49 -57.92 -53.93 -12.19
CA ARG F 49 -57.30 -53.87 -13.51
C ARG F 49 -56.99 -52.40 -13.82
N PRO F 50 -55.97 -52.16 -14.65
CA PRO F 50 -55.54 -50.78 -14.92
C PRO F 50 -56.51 -50.04 -15.86
N ILE F 51 -56.85 -48.81 -15.49
CA ILE F 51 -57.80 -48.00 -16.28
C ILE F 51 -57.16 -47.45 -17.55
N GLY F 52 -57.87 -47.60 -18.66
CA GLY F 52 -57.45 -47.05 -19.94
C GLY F 52 -56.58 -47.97 -20.78
N GLU F 53 -56.25 -49.13 -20.24
CA GLU F 53 -55.37 -50.08 -20.93
C GLU F 53 -56.16 -51.18 -21.63
N PHE F 54 -55.44 -51.99 -22.40
CA PHE F 54 -56.06 -53.05 -23.17
C PHE F 54 -55.20 -54.30 -23.01
N ARG F 55 -55.85 -55.45 -22.81
CA ARG F 55 -55.13 -56.71 -22.65
C ARG F 55 -54.11 -56.85 -23.77
N SER F 56 -54.48 -56.34 -24.95
CA SER F 56 -53.64 -56.43 -26.13
C SER F 56 -52.35 -55.61 -26.00
N ASN F 57 -52.41 -54.52 -25.26
CA ASN F 57 -51.22 -53.68 -25.05
C ASN F 57 -49.98 -54.50 -24.74
N ALA F 58 -48.83 -54.01 -25.19
CA ALA F 58 -47.58 -54.75 -25.09
C ALA F 58 -47.06 -54.83 -23.66
N ASP F 59 -47.21 -53.74 -22.92
CA ASP F 59 -46.69 -53.68 -21.55
C ASP F 59 -47.82 -53.84 -20.54
N TYR F 60 -48.88 -54.54 -20.93
CA TYR F 60 -50.06 -54.65 -20.09
C TYR F 60 -49.78 -55.46 -18.83
N GLN F 61 -48.92 -56.47 -18.95
CA GLN F 61 -48.60 -57.32 -17.81
C GLN F 61 -47.98 -56.49 -16.68
N TYR F 62 -47.20 -55.49 -17.05
CA TYR F 62 -46.61 -54.61 -16.05
C TYR F 62 -47.59 -53.57 -15.51
N GLN F 63 -48.50 -53.11 -16.37
CA GLN F 63 -49.49 -52.12 -15.97
C GLN F 63 -50.54 -52.74 -15.05
N LEU F 64 -50.77 -54.04 -15.19
CA LEU F 64 -51.68 -54.76 -14.31
C LEU F 64 -51.00 -54.95 -12.95
N LEU F 65 -49.72 -55.27 -13.00
CA LEU F 65 -48.89 -55.42 -11.81
C LEU F 65 -48.83 -54.13 -11.01
N ARG F 66 -48.39 -53.05 -11.67
CA ARG F 66 -48.30 -51.76 -11.04
C ARG F 66 -49.62 -51.40 -10.38
N CYS F 67 -50.70 -51.61 -11.11
CA CYS F 67 -52.04 -51.28 -10.63
C CYS F 67 -52.31 -51.91 -9.27
N ASN F 68 -51.99 -53.20 -9.14
CA ASN F 68 -52.31 -53.95 -7.93
C ASN F 68 -51.29 -53.73 -6.81
N VAL F 69 -50.00 -53.72 -7.14
CA VAL F 69 -48.96 -53.62 -6.13
C VAL F 69 -49.02 -52.25 -5.43
N ASP F 70 -49.34 -51.22 -6.20
CA ASP F 70 -49.51 -49.88 -5.66
C ASP F 70 -50.61 -49.86 -4.60
N LEU F 71 -51.59 -50.73 -4.77
CA LEU F 71 -52.84 -50.65 -4.00
C LEU F 71 -52.84 -51.58 -2.79
N LEU F 72 -52.25 -52.76 -2.96
CA LEU F 72 -52.35 -53.80 -1.94
C LEU F 72 -51.07 -53.87 -1.10
N LYS F 73 -51.21 -54.29 0.16
CA LYS F 73 -50.06 -54.37 1.06
C LYS F 73 -49.49 -55.79 1.08
N ILE F 74 -48.17 -55.89 1.22
CA ILE F 74 -47.51 -57.18 1.36
C ILE F 74 -47.79 -57.78 2.73
N ILE F 75 -47.86 -59.11 2.79
CA ILE F 75 -48.18 -59.82 4.02
C ILE F 75 -46.97 -60.57 4.58
N GLN F 76 -46.24 -61.26 3.71
CA GLN F 76 -45.04 -61.99 4.13
C GLN F 76 -43.88 -61.78 3.16
N LEU F 77 -42.65 -61.81 3.68
CA LEU F 77 -41.47 -61.92 2.84
C LEU F 77 -40.58 -63.04 3.37
N GLY F 78 -40.14 -63.91 2.47
CA GLY F 78 -39.28 -65.01 2.84
C GLY F 78 -37.93 -64.88 2.18
N LEU F 79 -36.86 -64.94 2.97
CA LEU F 79 -35.51 -64.85 2.44
C LEU F 79 -34.66 -66.02 2.91
N THR F 80 -34.15 -66.78 1.95
CA THR F 80 -33.28 -67.92 2.25
C THR F 80 -31.88 -67.64 1.72
N PHE F 81 -30.89 -67.88 2.57
CA PHE F 81 -29.50 -67.57 2.22
C PHE F 81 -28.69 -68.84 1.97
N MET F 82 -27.98 -68.85 0.86
CA MET F 82 -27.14 -69.97 0.46
C MET F 82 -25.86 -69.42 -0.16
N ASN F 83 -24.93 -70.32 -0.50
CA ASN F 83 -23.71 -69.89 -1.16
C ASN F 83 -23.58 -70.46 -2.57
N GLU F 84 -22.43 -70.23 -3.20
CA GLU F 84 -22.18 -70.68 -4.56
C GLU F 84 -22.46 -72.16 -4.75
N GLN F 85 -22.14 -72.96 -3.75
CA GLN F 85 -22.23 -74.40 -3.86
C GLN F 85 -23.63 -74.92 -3.53
N GLY F 86 -24.47 -74.06 -2.97
CA GLY F 86 -25.80 -74.45 -2.56
C GLY F 86 -25.85 -74.83 -1.09
N GLU F 87 -24.76 -74.56 -0.38
CA GLU F 87 -24.70 -74.85 1.05
C GLU F 87 -25.50 -73.83 1.83
N TYR F 88 -26.04 -74.24 2.97
CA TYR F 88 -26.78 -73.34 3.84
C TYR F 88 -25.92 -72.99 5.05
N PRO F 89 -26.13 -71.78 5.61
CA PRO F 89 -25.46 -71.50 6.88
C PRO F 89 -25.98 -72.43 7.97
N PRO F 90 -25.13 -72.73 8.96
CA PRO F 90 -25.53 -73.59 10.08
C PRO F 90 -26.72 -73.01 10.85
N GLY F 91 -27.67 -73.85 11.21
CA GLY F 91 -28.86 -73.41 11.93
C GLY F 91 -29.86 -72.77 10.99
N THR F 92 -30.24 -71.52 11.31
CA THR F 92 -31.25 -70.81 10.53
C THR F 92 -30.72 -70.46 9.14
N SER F 93 -31.45 -70.91 8.12
CA SER F 93 -31.11 -70.59 6.74
C SER F 93 -32.13 -69.64 6.12
N THR F 94 -33.32 -69.61 6.71
CA THR F 94 -34.46 -68.92 6.13
C THR F 94 -35.18 -68.05 7.15
N TRP F 95 -35.41 -66.80 6.79
CA TRP F 95 -36.16 -65.88 7.63
C TRP F 95 -37.50 -65.53 6.98
N GLN F 96 -38.56 -65.60 7.75
CA GLN F 96 -39.89 -65.24 7.26
C GLN F 96 -40.35 -63.98 7.97
N PHE F 97 -40.38 -62.87 7.24
CA PHE F 97 -40.82 -61.61 7.79
C PHE F 97 -42.32 -61.45 7.65
N ASN F 98 -42.98 -61.26 8.78
CA ASN F 98 -44.43 -61.08 8.82
C ASN F 98 -44.78 -59.62 9.04
N PHE F 99 -45.46 -59.04 8.05
CA PHE F 99 -45.73 -57.62 8.02
C PHE F 99 -47.11 -57.28 8.56
N LYS F 100 -47.23 -56.05 9.07
CA LYS F 100 -48.49 -55.56 9.59
C LYS F 100 -49.55 -55.57 8.50
N PHE F 101 -50.70 -56.16 8.81
CA PHE F 101 -51.81 -56.24 7.87
C PHE F 101 -53.11 -56.25 8.66
N ASN F 102 -54.12 -55.56 8.16
CA ASN F 102 -55.40 -55.48 8.87
C ASN F 102 -56.58 -55.67 7.91
N LEU F 103 -57.27 -56.79 8.05
CA LEU F 103 -58.37 -57.14 7.15
C LEU F 103 -59.53 -56.17 7.24
N THR F 104 -59.63 -55.46 8.37
CA THR F 104 -60.64 -54.43 8.54
C THR F 104 -60.31 -53.17 7.74
N GLU F 105 -59.02 -52.94 7.51
CA GLU F 105 -58.56 -51.69 6.93
C GLU F 105 -58.11 -51.82 5.48
N ASP F 106 -57.45 -52.93 5.16
CA ASP F 106 -56.79 -53.09 3.87
C ASP F 106 -57.62 -53.89 2.88
N MET F 107 -57.31 -53.72 1.59
CA MET F 107 -57.99 -54.43 0.53
C MET F 107 -57.37 -55.80 0.31
N TYR F 108 -58.12 -56.68 -0.36
CA TYR F 108 -57.67 -58.04 -0.59
C TYR F 108 -58.62 -58.78 -1.52
N ALA F 109 -58.12 -59.87 -2.11
CA ALA F 109 -58.96 -60.77 -2.87
C ALA F 109 -59.45 -61.85 -1.91
N GLN F 110 -60.77 -61.98 -1.80
CA GLN F 110 -61.37 -62.93 -0.88
C GLN F 110 -60.60 -64.26 -0.88
N ASP F 111 -60.48 -64.87 -2.05
CA ASP F 111 -59.91 -66.21 -2.16
C ASP F 111 -58.49 -66.33 -1.67
N SER F 112 -57.71 -65.25 -1.80
CA SER F 112 -56.32 -65.26 -1.35
C SER F 112 -56.20 -65.35 0.16
N ILE F 113 -57.09 -64.67 0.88
CA ILE F 113 -57.09 -64.69 2.33
C ILE F 113 -57.59 -66.05 2.85
N GLU F 114 -58.53 -66.65 2.12
CA GLU F 114 -58.98 -67.99 2.47
C GLU F 114 -57.79 -68.94 2.42
N LEU F 115 -57.09 -68.93 1.28
CA LEU F 115 -56.02 -69.88 1.04
C LEU F 115 -54.84 -69.68 1.98
N LEU F 116 -54.51 -68.42 2.25
CA LEU F 116 -53.44 -68.10 3.19
C LEU F 116 -53.81 -68.46 4.62
N THR F 117 -55.09 -68.34 4.94
CA THR F 117 -55.58 -68.74 6.25
C THR F 117 -55.41 -70.26 6.39
N THR F 118 -55.82 -71.00 5.37
CA THR F 118 -55.65 -72.45 5.36
C THR F 118 -54.17 -72.80 5.41
N SER F 119 -53.36 -72.03 4.70
CA SER F 119 -51.91 -72.27 4.67
C SER F 119 -51.27 -72.09 6.04
N GLY F 120 -51.98 -71.42 6.96
CA GLY F 120 -51.54 -71.34 8.34
C GLY F 120 -51.07 -69.97 8.76
N ILE F 121 -51.45 -68.94 7.99
CA ILE F 121 -51.11 -67.57 8.35
C ILE F 121 -52.09 -67.05 9.38
N GLN F 122 -51.55 -66.44 10.43
CA GLN F 122 -52.36 -65.96 11.55
C GLN F 122 -52.61 -64.47 11.44
N PHE F 123 -53.65 -64.10 10.69
CA PHE F 123 -53.87 -62.71 10.34
C PHE F 123 -54.05 -61.82 11.56
N LYS F 124 -54.53 -62.39 12.66
CA LYS F 124 -54.70 -61.61 13.87
C LYS F 124 -53.35 -61.16 14.43
N LYS F 125 -52.36 -62.04 14.36
CA LYS F 125 -51.03 -61.73 14.86
C LYS F 125 -50.35 -60.65 14.02
N HIS F 126 -50.64 -60.65 12.72
CA HIS F 126 -50.13 -59.63 11.82
C HIS F 126 -50.69 -58.26 12.18
N GLU F 127 -51.98 -58.22 12.45
CA GLU F 127 -52.68 -56.97 12.78
C GLU F 127 -52.01 -56.21 13.92
N GLU F 128 -51.43 -56.95 14.87
CA GLU F 128 -50.95 -56.37 16.11
C GLU F 128 -49.43 -56.31 16.23
N GLU F 129 -48.77 -57.41 15.88
CA GLU F 129 -47.34 -57.56 16.16
C GLU F 129 -46.52 -57.54 14.86
N GLY F 130 -47.19 -57.29 13.75
CA GLY F 130 -46.55 -57.32 12.45
C GLY F 130 -45.51 -56.23 12.23
N ILE F 131 -44.61 -56.49 11.29
CA ILE F 131 -43.52 -55.57 10.96
C ILE F 131 -43.96 -54.42 10.07
N GLU F 132 -43.51 -53.21 10.40
CA GLU F 132 -43.79 -52.03 9.58
C GLU F 132 -42.84 -52.00 8.38
N THR F 133 -43.40 -51.90 7.18
CA THR F 133 -42.59 -52.06 5.97
C THR F 133 -41.54 -50.96 5.83
N GLN F 134 -41.90 -49.71 6.13
CA GLN F 134 -40.93 -48.62 6.02
C GLN F 134 -39.76 -48.83 6.98
N TYR F 135 -40.04 -49.41 8.14
CA TYR F 135 -38.96 -49.71 9.07
C TYR F 135 -38.08 -50.84 8.55
N PHE F 136 -38.70 -51.87 7.99
CA PHE F 136 -37.96 -52.98 7.42
C PHE F 136 -37.07 -52.49 6.29
N ALA F 137 -37.62 -51.59 5.48
CA ALA F 137 -36.90 -51.07 4.33
C ALA F 137 -35.63 -50.35 4.80
N GLU F 138 -35.75 -49.59 5.87
CA GLU F 138 -34.61 -48.87 6.42
C GLU F 138 -33.47 -49.81 6.81
N LEU F 139 -33.79 -50.87 7.53
CA LEU F 139 -32.78 -51.83 7.98
C LEU F 139 -32.15 -52.56 6.81
N LEU F 140 -32.97 -52.98 5.85
CA LEU F 140 -32.48 -53.73 4.70
C LEU F 140 -31.54 -52.88 3.87
N MET F 141 -31.87 -51.60 3.76
CA MET F 141 -31.12 -50.68 2.92
C MET F 141 -29.62 -50.74 3.21
N THR F 142 -29.26 -50.90 4.48
CA THR F 142 -27.88 -50.84 4.91
C THR F 142 -27.35 -52.17 5.42
N SER F 143 -27.91 -53.26 4.89
CA SER F 143 -27.60 -54.59 5.39
C SER F 143 -26.55 -55.32 4.54
N GLY F 144 -26.50 -54.99 3.25
CA GLY F 144 -25.63 -55.72 2.33
C GLY F 144 -26.42 -56.62 1.40
N VAL F 145 -27.70 -56.78 1.69
CA VAL F 145 -28.54 -57.69 0.92
C VAL F 145 -29.03 -57.03 -0.38
N VAL F 146 -29.14 -55.71 -0.39
CA VAL F 146 -29.47 -54.98 -1.62
C VAL F 146 -28.39 -53.95 -1.96
N LEU F 147 -28.36 -53.54 -3.23
CA LEU F 147 -27.48 -52.47 -3.71
C LEU F 147 -26.02 -52.88 -3.87
N CYS F 148 -25.56 -53.86 -3.08
CA CYS F 148 -24.15 -54.23 -3.05
C CYS F 148 -23.80 -55.29 -4.08
N GLU F 149 -22.63 -55.14 -4.69
CA GLU F 149 -22.14 -56.09 -5.67
C GLU F 149 -21.83 -57.43 -5.02
N GLY F 150 -21.96 -58.52 -5.79
CA GLY F 150 -21.62 -59.84 -5.29
C GLY F 150 -22.81 -60.67 -4.88
N VAL F 151 -23.97 -60.04 -4.73
CA VAL F 151 -25.17 -60.75 -4.32
C VAL F 151 -25.93 -61.24 -5.55
N LYS F 152 -26.57 -62.39 -5.42
CA LYS F 152 -27.38 -62.94 -6.49
C LYS F 152 -28.73 -63.36 -5.92
N TRP F 153 -29.80 -62.96 -6.59
CA TRP F 153 -31.15 -63.25 -6.12
C TRP F 153 -31.79 -64.37 -6.92
N LEU F 154 -32.42 -65.29 -6.20
CA LEU F 154 -33.11 -66.42 -6.81
C LEU F 154 -34.59 -66.29 -6.50
N SER F 155 -35.44 -66.56 -7.49
CA SER F 155 -36.88 -66.44 -7.31
C SER F 155 -37.64 -67.31 -8.29
N PHE F 156 -38.97 -67.19 -8.27
CA PHE F 156 -39.84 -68.00 -9.11
C PHE F 156 -41.08 -67.18 -9.44
N HIS F 157 -41.32 -66.93 -10.73
CA HIS F 157 -42.52 -66.21 -11.16
C HIS F 157 -42.59 -64.91 -10.38
N SER F 158 -41.49 -64.16 -10.43
CA SER F 158 -41.17 -63.15 -9.43
C SER F 158 -41.62 -61.72 -9.75
N GLY F 159 -42.35 -61.54 -10.85
CA GLY F 159 -42.77 -60.20 -11.25
C GLY F 159 -43.25 -59.36 -10.07
N TYR F 160 -44.27 -59.85 -9.38
CA TYR F 160 -44.89 -59.11 -8.29
C TYR F 160 -43.99 -59.07 -7.05
N ASP F 161 -43.21 -60.12 -6.86
CA ASP F 161 -42.30 -60.19 -5.71
C ASP F 161 -41.39 -58.97 -5.69
N PHE F 162 -40.77 -58.69 -6.83
CA PHE F 162 -39.86 -57.54 -6.92
C PHE F 162 -40.61 -56.23 -7.05
N GLY F 163 -41.85 -56.31 -7.49
CA GLY F 163 -42.72 -55.14 -7.50
C GLY F 163 -42.88 -54.62 -6.09
N TYR F 164 -43.31 -55.51 -5.20
CA TYR F 164 -43.52 -55.15 -3.80
C TYR F 164 -42.21 -54.68 -3.16
N LEU F 165 -41.11 -55.32 -3.52
CA LEU F 165 -39.81 -54.99 -2.93
C LEU F 165 -39.32 -53.60 -3.34
N ILE F 166 -39.56 -53.20 -4.58
CA ILE F 166 -39.23 -51.85 -5.02
C ILE F 166 -40.16 -50.83 -4.36
N LYS F 167 -41.46 -51.12 -4.35
CA LYS F 167 -42.44 -50.26 -3.72
C LYS F 167 -42.00 -49.92 -2.30
N ILE F 168 -41.57 -50.95 -1.59
CA ILE F 168 -41.17 -50.82 -0.20
C ILE F 168 -39.86 -50.05 -0.05
N LEU F 169 -38.85 -50.43 -0.83
CA LEU F 169 -37.52 -49.83 -0.75
C LEU F 169 -37.47 -48.37 -1.22
N THR F 170 -38.37 -48.00 -2.12
CA THR F 170 -38.41 -46.63 -2.65
C THR F 170 -39.49 -45.81 -1.95
N ASN F 171 -40.31 -46.50 -1.15
CA ASN F 171 -41.41 -45.84 -0.44
C ASN F 171 -42.26 -45.02 -1.40
N SER F 172 -42.54 -45.58 -2.57
CA SER F 172 -43.28 -44.88 -3.60
C SER F 172 -44.10 -45.84 -4.44
N ASN F 173 -45.01 -45.29 -5.23
CA ASN F 173 -45.68 -46.06 -6.26
C ASN F 173 -44.64 -46.46 -7.29
N LEU F 174 -44.86 -47.59 -7.96
CA LEU F 174 -43.94 -48.05 -8.99
C LEU F 174 -43.90 -47.06 -10.16
N PRO F 175 -42.76 -46.99 -10.87
CA PRO F 175 -42.65 -46.16 -12.07
C PRO F 175 -43.80 -46.42 -13.04
N GLU F 176 -44.27 -45.38 -13.71
CA GLU F 176 -45.40 -45.52 -14.63
C GLU F 176 -45.04 -46.31 -15.88
N GLU F 177 -43.74 -46.41 -16.18
CA GLU F 177 -43.29 -47.12 -17.37
C GLU F 177 -42.40 -48.30 -17.01
N GLU F 178 -42.61 -49.41 -17.72
CA GLU F 178 -41.98 -50.68 -17.37
C GLU F 178 -40.45 -50.62 -17.37
N LEU F 179 -39.85 -49.99 -18.36
CA LEU F 179 -38.39 -50.00 -18.47
C LEU F 179 -37.74 -49.02 -17.48
N ASP F 180 -38.54 -48.14 -16.89
CA ASP F 180 -38.08 -47.32 -15.78
C ASP F 180 -38.08 -48.16 -14.49
N PHE F 181 -38.99 -49.11 -14.42
CA PHE F 181 -39.06 -50.04 -13.30
C PHE F 181 -37.82 -50.94 -13.30
N PHE F 182 -37.44 -51.42 -14.48
CA PHE F 182 -36.28 -52.30 -14.60
C PHE F 182 -34.97 -51.53 -14.37
N GLU F 183 -34.99 -50.24 -14.63
CA GLU F 183 -33.80 -49.40 -14.42
C GLU F 183 -33.49 -49.26 -12.94
N ILE F 184 -34.52 -49.00 -12.14
CA ILE F 184 -34.38 -48.88 -10.69
C ILE F 184 -34.24 -50.26 -10.05
N LEU F 185 -34.80 -51.27 -10.70
CA LEU F 185 -34.71 -52.65 -10.22
C LEU F 185 -33.26 -53.14 -10.26
N ARG F 186 -32.55 -52.77 -11.33
CA ARG F 186 -31.17 -53.22 -11.53
C ARG F 186 -30.21 -52.64 -10.50
N LEU F 187 -30.57 -51.50 -9.91
CA LEU F 187 -29.73 -50.88 -8.91
C LEU F 187 -29.79 -51.64 -7.58
N PHE F 188 -31.00 -52.03 -7.18
CA PHE F 188 -31.19 -52.75 -5.92
C PHE F 188 -30.83 -54.22 -6.06
N PHE F 189 -31.12 -54.79 -7.23
CA PHE F 189 -30.94 -56.22 -7.46
C PHE F 189 -30.18 -56.45 -8.77
N PRO F 190 -28.86 -56.22 -8.75
CA PRO F 190 -28.01 -56.37 -9.93
C PRO F 190 -28.17 -57.72 -10.63
N VAL F 191 -28.38 -58.77 -9.84
CA VAL F 191 -28.49 -60.13 -10.39
C VAL F 191 -29.76 -60.81 -9.89
N ILE F 192 -30.61 -61.20 -10.83
CA ILE F 192 -31.85 -61.91 -10.54
C ILE F 192 -32.02 -63.08 -11.49
N TYR F 193 -32.22 -64.27 -10.94
CA TYR F 193 -32.55 -65.44 -11.74
C TYR F 193 -33.96 -65.88 -11.39
N ASP F 194 -34.89 -65.73 -12.33
CA ASP F 194 -36.25 -66.23 -12.14
C ASP F 194 -36.31 -67.68 -12.64
N VAL F 195 -36.36 -68.61 -11.71
CA VAL F 195 -36.40 -70.04 -12.02
C VAL F 195 -37.43 -70.39 -13.11
N LYS F 196 -38.57 -69.72 -13.10
CA LYS F 196 -39.64 -70.05 -14.03
C LYS F 196 -39.40 -69.41 -15.42
N TYR F 197 -38.24 -68.80 -15.60
CA TYR F 197 -37.83 -68.32 -16.91
C TYR F 197 -36.79 -69.26 -17.47
N LEU F 198 -35.85 -69.67 -16.62
CA LEU F 198 -34.85 -70.67 -16.98
C LEU F 198 -35.53 -71.98 -17.34
N MET F 199 -36.65 -72.26 -16.69
CA MET F 199 -37.39 -73.51 -16.91
C MET F 199 -37.78 -73.69 -18.38
N LYS F 200 -37.87 -72.59 -19.12
CA LYS F 200 -38.23 -72.66 -20.52
C LYS F 200 -37.08 -73.26 -21.33
N SER F 201 -35.86 -73.08 -20.83
CA SER F 201 -34.68 -73.66 -21.45
C SER F 201 -34.42 -75.08 -20.95
N CYS F 202 -35.41 -75.67 -20.30
CA CYS F 202 -35.30 -77.05 -19.84
C CYS F 202 -36.47 -77.87 -20.36
N LYS F 203 -36.16 -78.91 -21.12
CA LYS F 203 -37.20 -79.77 -21.69
C LYS F 203 -37.80 -80.64 -20.60
N ASN F 204 -39.13 -80.74 -20.60
CA ASN F 204 -39.84 -81.58 -19.65
C ASN F 204 -40.12 -80.89 -18.32
N LEU F 205 -39.66 -79.64 -18.19
CA LEU F 205 -39.91 -78.86 -16.98
C LEU F 205 -41.03 -77.85 -17.21
N LYS F 206 -42.03 -77.90 -16.35
CA LYS F 206 -43.19 -77.01 -16.50
C LYS F 206 -44.05 -77.07 -15.24
N GLY F 207 -44.73 -75.95 -14.95
CA GLY F 207 -45.67 -75.89 -13.85
C GLY F 207 -45.29 -74.87 -12.80
N GLY F 208 -46.12 -74.77 -11.75
CA GLY F 208 -45.85 -73.88 -10.65
C GLY F 208 -44.72 -74.39 -9.78
N LEU F 209 -44.44 -73.68 -8.70
CA LEU F 209 -43.32 -74.01 -7.82
C LEU F 209 -43.46 -75.39 -7.19
N GLN F 210 -44.64 -75.70 -6.67
CA GLN F 210 -44.88 -76.99 -6.04
C GLN F 210 -44.71 -78.13 -7.05
N GLU F 211 -45.28 -77.94 -8.23
CA GLU F 211 -45.14 -78.90 -9.31
C GLU F 211 -43.67 -79.21 -9.58
N VAL F 212 -42.91 -78.15 -9.88
CA VAL F 212 -41.52 -78.28 -10.26
C VAL F 212 -40.69 -78.99 -9.19
N ALA F 213 -41.01 -78.73 -7.92
CA ALA F 213 -40.25 -79.32 -6.83
C ALA F 213 -40.35 -80.85 -6.87
N GLU F 214 -41.54 -81.33 -7.22
CA GLU F 214 -41.78 -82.76 -7.30
C GLU F 214 -41.01 -83.38 -8.47
N GLN F 215 -41.04 -82.71 -9.62
CA GLN F 215 -40.31 -83.18 -10.79
C GLN F 215 -38.82 -83.28 -10.48
N LEU F 216 -38.30 -82.30 -9.76
CA LEU F 216 -36.89 -82.29 -9.38
C LEU F 216 -36.62 -83.20 -8.20
N GLU F 217 -37.66 -83.89 -7.73
CA GLU F 217 -37.54 -84.80 -6.60
C GLU F 217 -36.94 -84.08 -5.39
N LEU F 218 -37.62 -83.01 -4.98
CA LEU F 218 -37.23 -82.26 -3.78
C LEU F 218 -38.26 -82.48 -2.69
N GLU F 219 -37.82 -82.44 -1.45
CA GLU F 219 -38.73 -82.51 -0.30
C GLU F 219 -38.86 -81.15 0.35
N ARG F 220 -40.11 -80.70 0.52
CA ARG F 220 -40.37 -79.39 1.11
C ARG F 220 -40.19 -79.40 2.62
N ILE F 221 -39.56 -78.34 3.14
CA ILE F 221 -39.41 -78.16 4.57
C ILE F 221 -40.23 -76.95 5.01
N GLY F 222 -41.16 -77.17 5.95
CA GLY F 222 -42.00 -76.11 6.45
C GLY F 222 -43.35 -76.06 5.74
N PRO F 223 -44.17 -75.08 6.10
CA PRO F 223 -45.56 -74.91 5.63
C PRO F 223 -45.66 -74.43 4.18
N GLN F 224 -46.42 -75.16 3.38
CA GLN F 224 -46.58 -74.83 1.98
C GLN F 224 -47.29 -73.49 1.81
N HIS F 225 -46.90 -72.76 0.76
CA HIS F 225 -47.57 -71.53 0.37
C HIS F 225 -47.29 -70.36 1.33
N GLN F 226 -46.30 -70.54 2.21
CA GLN F 226 -45.81 -69.44 3.03
C GLN F 226 -44.41 -69.05 2.57
N ALA F 227 -44.11 -67.75 2.66
CA ALA F 227 -42.93 -67.19 2.00
C ALA F 227 -41.61 -67.81 2.49
N GLY F 228 -41.56 -68.16 3.78
CA GLY F 228 -40.39 -68.83 4.32
C GLY F 228 -40.12 -70.14 3.60
N SER F 229 -41.02 -71.10 3.78
CA SER F 229 -40.86 -72.42 3.17
C SER F 229 -40.77 -72.33 1.65
N ASP F 230 -41.52 -71.39 1.06
CA ASP F 230 -41.51 -71.23 -0.38
C ASP F 230 -40.16 -70.70 -0.88
N SER F 231 -39.54 -69.83 -0.11
CA SER F 231 -38.25 -69.27 -0.51
C SER F 231 -37.15 -70.32 -0.40
N LEU F 232 -37.30 -71.23 0.55
CA LEU F 232 -36.33 -72.29 0.75
C LEU F 232 -36.47 -73.32 -0.36
N LEU F 233 -37.71 -73.62 -0.72
CA LEU F 233 -37.99 -74.55 -1.80
C LEU F 233 -37.56 -73.93 -3.13
N THR F 234 -37.65 -72.61 -3.23
CA THR F 234 -37.25 -71.90 -4.44
C THR F 234 -35.73 -71.95 -4.60
N GLY F 235 -35.04 -72.03 -3.47
CA GLY F 235 -33.60 -72.20 -3.47
C GLY F 235 -33.23 -73.60 -3.92
N MET F 236 -33.82 -74.60 -3.28
CA MET F 236 -33.61 -75.99 -3.63
C MET F 236 -33.80 -76.21 -5.12
N ALA F 237 -34.83 -75.59 -5.68
CA ALA F 237 -35.18 -75.77 -7.09
C ALA F 237 -34.10 -75.23 -8.01
N PHE F 238 -33.50 -74.09 -7.65
CA PHE F 238 -32.52 -73.45 -8.51
C PHE F 238 -31.24 -74.27 -8.63
N PHE F 239 -30.73 -74.77 -7.51
CA PHE F 239 -29.46 -75.48 -7.52
C PHE F 239 -29.59 -76.89 -8.10
N LYS F 240 -30.73 -77.53 -7.88
CA LYS F 240 -30.99 -78.83 -8.47
C LYS F 240 -31.11 -78.68 -9.98
N MET F 241 -31.80 -77.63 -10.41
CA MET F 241 -31.96 -77.34 -11.83
C MET F 241 -30.62 -76.98 -12.45
N ARG F 242 -29.76 -76.34 -11.67
CA ARG F 242 -28.46 -75.91 -12.16
C ARG F 242 -27.52 -77.10 -12.33
N GLU F 243 -27.72 -78.13 -11.51
CA GLU F 243 -26.89 -79.32 -11.56
C GLU F 243 -27.21 -80.19 -12.77
N MET F 244 -28.50 -80.32 -13.05
CA MET F 244 -28.96 -81.27 -14.07
C MET F 244 -28.99 -80.69 -15.48
N PHE F 245 -29.52 -79.49 -15.64
CA PHE F 245 -29.78 -78.94 -16.98
C PHE F 245 -28.79 -77.85 -17.38
N PHE F 246 -27.93 -77.42 -16.46
CA PHE F 246 -27.05 -76.29 -16.73
C PHE F 246 -25.57 -76.55 -16.40
N GLU F 247 -25.26 -77.76 -15.97
CA GLU F 247 -23.87 -78.13 -15.70
C GLU F 247 -23.24 -77.16 -14.70
N ASP F 248 -23.94 -76.93 -13.60
CA ASP F 248 -23.45 -76.11 -12.49
C ASP F 248 -22.94 -74.72 -12.90
N HIS F 249 -23.47 -74.18 -13.99
CA HIS F 249 -23.13 -72.82 -14.42
C HIS F 249 -24.30 -72.16 -15.12
N ILE F 250 -24.48 -70.85 -14.89
CA ILE F 250 -25.57 -70.11 -15.50
C ILE F 250 -25.04 -68.96 -16.36
N ASP F 251 -25.56 -68.88 -17.57
CA ASP F 251 -25.12 -67.85 -18.52
C ASP F 251 -25.80 -66.53 -18.24
N ASP F 252 -25.13 -65.67 -17.47
CA ASP F 252 -25.69 -64.38 -17.07
C ASP F 252 -26.36 -63.64 -18.23
N ALA F 253 -25.62 -63.39 -19.30
CA ALA F 253 -26.14 -62.60 -20.42
C ALA F 253 -27.50 -63.13 -20.89
N LYS F 254 -27.69 -64.44 -20.76
CA LYS F 254 -28.92 -65.09 -21.20
C LYS F 254 -30.06 -64.91 -20.19
N TYR F 255 -29.77 -65.19 -18.92
CA TYR F 255 -30.83 -65.35 -17.92
C TYR F 255 -30.89 -64.25 -16.85
N CYS F 256 -29.79 -63.53 -16.64
CA CYS F 256 -29.72 -62.55 -15.56
C CYS F 256 -30.68 -61.38 -15.76
N GLY F 257 -31.64 -61.24 -14.85
CA GLY F 257 -32.47 -60.06 -14.78
C GLY F 257 -33.81 -60.15 -15.46
N HIS F 258 -34.11 -61.32 -16.04
CA HIS F 258 -35.40 -61.52 -16.69
C HIS F 258 -36.44 -62.02 -15.68
N LEU F 259 -37.56 -61.31 -15.62
CA LEU F 259 -38.67 -61.71 -14.77
C LEU F 259 -39.76 -62.30 -15.64
N TYR F 260 -40.30 -63.44 -15.22
CA TYR F 260 -41.30 -64.14 -16.02
C TYR F 260 -42.56 -63.31 -16.17
N GLY F 261 -42.92 -63.00 -17.41
CA GLY F 261 -44.15 -62.30 -17.72
C GLY F 261 -43.96 -60.83 -18.04
N LEU F 262 -42.72 -60.35 -17.93
CA LEU F 262 -42.43 -58.93 -18.13
C LEU F 262 -41.31 -58.70 -19.15
N GLY F 263 -41.57 -57.80 -20.09
CA GLY F 263 -40.61 -57.51 -21.14
C GLY F 263 -41.30 -57.24 -22.47
N GLY F 274 -48.70 -67.02 -20.24
CA GLY F 274 -47.56 -66.12 -20.13
C GLY F 274 -47.87 -64.92 -19.26
N ASN F 275 -48.41 -65.17 -18.08
CA ASN F 275 -48.83 -64.09 -17.18
C ASN F 275 -47.78 -63.79 -16.12
N ALA F 276 -47.64 -62.52 -15.76
CA ALA F 276 -46.67 -62.10 -14.76
C ALA F 276 -47.12 -62.45 -13.34
N TYR F 277 -48.42 -62.56 -13.14
CA TYR F 277 -48.97 -62.96 -11.85
C TYR F 277 -48.83 -64.47 -11.67
N GLU F 278 -48.76 -64.91 -10.42
CA GLU F 278 -48.54 -66.30 -10.09
C GLU F 278 -49.81 -66.96 -9.55
N GLU F 279 -50.58 -67.58 -10.44
CA GLU F 279 -51.83 -68.23 -10.07
C GLU F 279 -51.59 -69.63 -9.51
N GLU F 280 -52.65 -70.21 -8.96
CA GLU F 280 -52.58 -71.54 -8.34
C GLU F 280 -52.80 -72.63 -9.40
#